data_1OGZ
# 
_entry.id   1OGZ 
# 
_audit_conform.dict_name       mmcif_pdbx.dic 
_audit_conform.dict_version    5.391 
_audit_conform.dict_location   http://mmcif.pdb.org/dictionaries/ascii/mmcif_pdbx.dic 
# 
loop_
_database_2.database_id 
_database_2.database_code 
_database_2.pdbx_database_accession 
_database_2.pdbx_DOI 
PDB   1OGZ         pdb_00001ogz 10.2210/pdb1ogz/pdb 
PDBE  EBI-12756    ?            ?                   
WWPDB D_1290012756 ?            ?                   
# 
loop_
_pdbx_audit_revision_history.ordinal 
_pdbx_audit_revision_history.data_content_type 
_pdbx_audit_revision_history.major_revision 
_pdbx_audit_revision_history.minor_revision 
_pdbx_audit_revision_history.revision_date 
1 'Structure model' 1 0 2003-09-04 
2 'Structure model' 1 1 2011-05-08 
3 'Structure model' 1 2 2011-07-13 
4 'Structure model' 1 3 2024-05-08 
# 
_pdbx_audit_revision_details.ordinal             1 
_pdbx_audit_revision_details.revision_ordinal    1 
_pdbx_audit_revision_details.data_content_type   'Structure model' 
_pdbx_audit_revision_details.provider            repository 
_pdbx_audit_revision_details.type                'Initial release' 
_pdbx_audit_revision_details.description         ? 
_pdbx_audit_revision_details.details             ? 
# 
loop_
_pdbx_audit_revision_group.ordinal 
_pdbx_audit_revision_group.revision_ordinal 
_pdbx_audit_revision_group.data_content_type 
_pdbx_audit_revision_group.group 
1 2 'Structure model' 'Version format compliance' 
2 3 'Structure model' 'Version format compliance' 
3 4 'Structure model' 'Data collection'           
4 4 'Structure model' 'Database references'       
# 
loop_
_pdbx_audit_revision_category.ordinal 
_pdbx_audit_revision_category.revision_ordinal 
_pdbx_audit_revision_category.data_content_type 
_pdbx_audit_revision_category.category 
1 4 'Structure model' chem_comp_atom 
2 4 'Structure model' chem_comp_bond 
3 4 'Structure model' database_2     
# 
loop_
_pdbx_audit_revision_item.ordinal 
_pdbx_audit_revision_item.revision_ordinal 
_pdbx_audit_revision_item.data_content_type 
_pdbx_audit_revision_item.item 
1 4 'Structure model' '_database_2.pdbx_DOI'                
2 4 'Structure model' '_database_2.pdbx_database_accession' 
# 
_pdbx_database_status.status_code                     REL 
_pdbx_database_status.entry_id                        1OGZ 
_pdbx_database_status.deposit_site                    PDBE 
_pdbx_database_status.process_site                    PDBE 
_pdbx_database_status.SG_entry                        . 
_pdbx_database_status.recvd_initial_deposition_date   2003-05-20 
_pdbx_database_status.pdb_format_compatible           Y 
_pdbx_database_status.status_code_sf                  ? 
_pdbx_database_status.status_code_mr                  ? 
_pdbx_database_status.status_code_cs                  ? 
_pdbx_database_status.methods_development_category    ? 
_pdbx_database_status.status_code_nmr_data            ? 
# 
loop_
_pdbx_database_related.db_name 
_pdbx_database_related.db_id 
_pdbx_database_related.content_type 
_pdbx_database_related.details 
PDB 1BUQ unspecified 
'SOLUTION STRUCTURE OF DELTA-5-3-KETOSTEROID ISOMERASE COMPLEXED WITH THE STEROID 19- NORTESTOSTERONE-HEMISUCCINATE' 
PDB 1ISK unspecified '3-OXO-DELTA5-STEROID ISOMERASE, NMR, 20 STRUCTURES' 
PDB 1OCV unspecified 'THE F116W MUTANT STRUCTURE OF KETOSTEROID ISOMERASE FROM COMAMONAS TESTOSTERONI' 
PDB 1OHP unspecified 
'CRYSTAL STRUCTURE OF 5-3-KETOSTEROID ISOMERASE MUTANT D38N FROM PSEUDOMONAS TESTOSTERONI COMPLEXED WITH 5ALPHA-ESTRAN-3, 17-DIONE' 
PDB 1OHS unspecified 
'CRYSTAL STRUCTURE OF 5-3-KETOSTEROID ISOMERASE MUTANT Y14F/D38N FROM PSEUDOMONAS TESTOSTERONI COMPLEXED WITH ANDROSTANEDIONE' 
PDB 1QJG unspecified 'CRYSTAL STRUCTURE OF DELTA5-3-KETOSTEROID ISOMERASE FROM PSEUDOMONAS TESTOSTERONI IN COMPLEX WITH EQUILENIN' 
PDB 8CHO unspecified 'CRYSTAL STRUCTURE OF DELTA5-3-KETOSTEROID ISOMERASE FROM PSEUDOMONAS TESTOSTERONI' 
# 
loop_
_audit_author.name 
_audit_author.pdbx_ordinal 
'Nam, G.H.'  1 
'Cha, S.-S.' 2 
'Yun, Y.S.'  3 
'Oh, Y.H.'   4 
'Hong, B.H.' 5 
'Lee, H.-S.' 6 
'Choi, K.Y.' 7 
# 
_citation.id                        primary 
_citation.title                     
;The Conserved Cis-Pro39 Residue Plays a Crucial Role in the Proper Positioning of the Catalytic Base Asp38 in Ketosteroid Isomerase from Comamonas Testosteroni.
;
_citation.journal_abbrev            Biochem.J. 
_citation.journal_volume            375 
_citation.page_first                297 
_citation.page_last                 ? 
_citation.year                      2003 
_citation.journal_id_ASTM           BIJOAK 
_citation.country                   UK 
_citation.journal_id_ISSN           0264-6021 
_citation.journal_id_CSD            0043 
_citation.book_publisher            ? 
_citation.pdbx_database_id_PubMed   12852789 
_citation.pdbx_database_id_DOI      10.1042/BJ20030263 
# 
loop_
_citation_author.citation_id 
_citation_author.name 
_citation_author.ordinal 
_citation_author.identifier_ORCID 
primary 'Nam, G.H.'  1 ? 
primary 'Cha, S.'    2 ? 
primary 'Yun, Y.S.'  3 ? 
primary 'Oh, Y.H.'   4 ? 
primary 'Hong, B.H.' 5 ? 
primary 'Lee, H.'    6 ? 
primary 'Choi, K.Y.' 7 ? 
# 
loop_
_entity.id 
_entity.type 
_entity.src_method 
_entity.pdbx_description 
_entity.formula_weight 
_entity.pdbx_number_of_molecules 
_entity.pdbx_ec 
_entity.pdbx_mutation 
_entity.pdbx_fragment 
_entity.details 
1 polymer     man 'STEROID DELTA-ISOMERASE' 13398.118 1  5.3.3.1 YES ? 'D-EQUILENIN BINDING AT HYDROPHOBIC POCKET.' 
2 non-polymer syn EQUILENIN                 266.334   1  ?       ?   ? ?                                            
3 water       nat water                     18.015    93 ?       ?   ? ?                                            
# 
_entity_name_com.entity_id   1 
_entity_name_com.name        'DELTA-5-3-KETOSTEROID ISOMERASE, KETOSTEROID ISOMERASE' 
# 
_entity_poly.entity_id                      1 
_entity_poly.type                           'polypeptide(L)' 
_entity_poly.nstd_linkage                   no 
_entity_poly.nstd_monomer                   no 
_entity_poly.pdbx_seq_one_letter_code       
;MNTPEHMTAVVQRYVAALNAGDLDGIVALFADDATVEDAVGSEPRSGTAAIREFYANSLKLPLAVELTQEVRAVANEAAF
AFIVSFEYQGRKTVVAPIDHFRFNGAGKVVSMRALFGEKNIHAGA
;
_entity_poly.pdbx_seq_one_letter_code_can   
;MNTPEHMTAVVQRYVAALNAGDLDGIVALFADDATVEDAVGSEPRSGTAAIREFYANSLKLPLAVELTQEVRAVANEAAF
AFIVSFEYQGRKTVVAPIDHFRFNGAGKVVSMRALFGEKNIHAGA
;
_entity_poly.pdbx_strand_id                 A 
_entity_poly.pdbx_target_identifier         ? 
# 
loop_
_pdbx_entity_nonpoly.entity_id 
_pdbx_entity_nonpoly.name 
_pdbx_entity_nonpoly.comp_id 
2 EQUILENIN EQU 
3 water     HOH 
# 
loop_
_entity_poly_seq.entity_id 
_entity_poly_seq.num 
_entity_poly_seq.mon_id 
_entity_poly_seq.hetero 
1 1   MET n 
1 2   ASN n 
1 3   THR n 
1 4   PRO n 
1 5   GLU n 
1 6   HIS n 
1 7   MET n 
1 8   THR n 
1 9   ALA n 
1 10  VAL n 
1 11  VAL n 
1 12  GLN n 
1 13  ARG n 
1 14  TYR n 
1 15  VAL n 
1 16  ALA n 
1 17  ALA n 
1 18  LEU n 
1 19  ASN n 
1 20  ALA n 
1 21  GLY n 
1 22  ASP n 
1 23  LEU n 
1 24  ASP n 
1 25  GLY n 
1 26  ILE n 
1 27  VAL n 
1 28  ALA n 
1 29  LEU n 
1 30  PHE n 
1 31  ALA n 
1 32  ASP n 
1 33  ASP n 
1 34  ALA n 
1 35  THR n 
1 36  VAL n 
1 37  GLU n 
1 38  ASP n 
1 39  ALA n 
1 40  VAL n 
1 41  GLY n 
1 42  SER n 
1 43  GLU n 
1 44  PRO n 
1 45  ARG n 
1 46  SER n 
1 47  GLY n 
1 48  THR n 
1 49  ALA n 
1 50  ALA n 
1 51  ILE n 
1 52  ARG n 
1 53  GLU n 
1 54  PHE n 
1 55  TYR n 
1 56  ALA n 
1 57  ASN n 
1 58  SER n 
1 59  LEU n 
1 60  LYS n 
1 61  LEU n 
1 62  PRO n 
1 63  LEU n 
1 64  ALA n 
1 65  VAL n 
1 66  GLU n 
1 67  LEU n 
1 68  THR n 
1 69  GLN n 
1 70  GLU n 
1 71  VAL n 
1 72  ARG n 
1 73  ALA n 
1 74  VAL n 
1 75  ALA n 
1 76  ASN n 
1 77  GLU n 
1 78  ALA n 
1 79  ALA n 
1 80  PHE n 
1 81  ALA n 
1 82  PHE n 
1 83  ILE n 
1 84  VAL n 
1 85  SER n 
1 86  PHE n 
1 87  GLU n 
1 88  TYR n 
1 89  GLN n 
1 90  GLY n 
1 91  ARG n 
1 92  LYS n 
1 93  THR n 
1 94  VAL n 
1 95  VAL n 
1 96  ALA n 
1 97  PRO n 
1 98  ILE n 
1 99  ASP n 
1 100 HIS n 
1 101 PHE n 
1 102 ARG n 
1 103 PHE n 
1 104 ASN n 
1 105 GLY n 
1 106 ALA n 
1 107 GLY n 
1 108 LYS n 
1 109 VAL n 
1 110 VAL n 
1 111 SER n 
1 112 MET n 
1 113 ARG n 
1 114 ALA n 
1 115 LEU n 
1 116 PHE n 
1 117 GLY n 
1 118 GLU n 
1 119 LYS n 
1 120 ASN n 
1 121 ILE n 
1 122 HIS n 
1 123 ALA n 
1 124 GLY n 
1 125 ALA n 
# 
_entity_src_gen.entity_id                          1 
_entity_src_gen.pdbx_src_id                        1 
_entity_src_gen.pdbx_alt_source_flag               sample 
_entity_src_gen.pdbx_seq_type                      ? 
_entity_src_gen.pdbx_beg_seq_num                   ? 
_entity_src_gen.pdbx_end_seq_num                   ? 
_entity_src_gen.gene_src_common_name               ? 
_entity_src_gen.gene_src_genus                     ? 
_entity_src_gen.pdbx_gene_src_gene                 ? 
_entity_src_gen.gene_src_species                   ? 
_entity_src_gen.gene_src_strain                    ? 
_entity_src_gen.gene_src_tissue                    ? 
_entity_src_gen.gene_src_tissue_fraction           ? 
_entity_src_gen.gene_src_details                   ? 
_entity_src_gen.pdbx_gene_src_fragment             ? 
_entity_src_gen.pdbx_gene_src_scientific_name      'COMAMONAS TESTOSTERONI' 
_entity_src_gen.pdbx_gene_src_ncbi_taxonomy_id     285 
_entity_src_gen.pdbx_gene_src_variant              ? 
_entity_src_gen.pdbx_gene_src_cell_line            ? 
_entity_src_gen.pdbx_gene_src_atcc                 ? 
_entity_src_gen.pdbx_gene_src_organ                ? 
_entity_src_gen.pdbx_gene_src_organelle            ? 
_entity_src_gen.pdbx_gene_src_cell                 ? 
_entity_src_gen.pdbx_gene_src_cellular_location    ? 
_entity_src_gen.host_org_common_name               ? 
_entity_src_gen.pdbx_host_org_scientific_name      'ESCHERICHIA COLI' 
_entity_src_gen.pdbx_host_org_ncbi_taxonomy_id     511693 
_entity_src_gen.host_org_genus                     ? 
_entity_src_gen.pdbx_host_org_gene                 ? 
_entity_src_gen.pdbx_host_org_organ                ? 
_entity_src_gen.host_org_species                   ? 
_entity_src_gen.pdbx_host_org_tissue               ? 
_entity_src_gen.pdbx_host_org_tissue_fraction      ? 
_entity_src_gen.pdbx_host_org_strain               BL21 
_entity_src_gen.pdbx_host_org_variant              ? 
_entity_src_gen.pdbx_host_org_cell_line            ? 
_entity_src_gen.pdbx_host_org_atcc                 ? 
_entity_src_gen.pdbx_host_org_culture_collection   ? 
_entity_src_gen.pdbx_host_org_cell                 ? 
_entity_src_gen.pdbx_host_org_organelle            ? 
_entity_src_gen.pdbx_host_org_cellular_location    ? 
_entity_src_gen.pdbx_host_org_vector_type          ? 
_entity_src_gen.pdbx_host_org_vector               PKK223-3 
_entity_src_gen.host_org_details                   ? 
_entity_src_gen.expression_system_id               ? 
_entity_src_gen.plasmid_name                       PKK223-3 
_entity_src_gen.plasmid_details                    ? 
_entity_src_gen.pdbx_description                   ? 
# 
loop_
_chem_comp.id 
_chem_comp.type 
_chem_comp.mon_nstd_flag 
_chem_comp.name 
_chem_comp.pdbx_synonyms 
_chem_comp.formula 
_chem_comp.formula_weight 
ALA 'L-peptide linking' y ALANINE         ? 'C3 H7 N O2'     89.093  
ARG 'L-peptide linking' y ARGININE        ? 'C6 H15 N4 O2 1' 175.209 
ASN 'L-peptide linking' y ASPARAGINE      ? 'C4 H8 N2 O3'    132.118 
ASP 'L-peptide linking' y 'ASPARTIC ACID' ? 'C4 H7 N O4'     133.103 
EQU non-polymer         . EQUILENIN       ? 'C18 H18 O2'     266.334 
GLN 'L-peptide linking' y GLUTAMINE       ? 'C5 H10 N2 O3'   146.144 
GLU 'L-peptide linking' y 'GLUTAMIC ACID' ? 'C5 H9 N O4'     147.129 
GLY 'peptide linking'   y GLYCINE         ? 'C2 H5 N O2'     75.067  
HIS 'L-peptide linking' y HISTIDINE       ? 'C6 H10 N3 O2 1' 156.162 
HOH non-polymer         . WATER           ? 'H2 O'           18.015  
ILE 'L-peptide linking' y ISOLEUCINE      ? 'C6 H13 N O2'    131.173 
LEU 'L-peptide linking' y LEUCINE         ? 'C6 H13 N O2'    131.173 
LYS 'L-peptide linking' y LYSINE          ? 'C6 H15 N2 O2 1' 147.195 
MET 'L-peptide linking' y METHIONINE      ? 'C5 H11 N O2 S'  149.211 
PHE 'L-peptide linking' y PHENYLALANINE   ? 'C9 H11 N O2'    165.189 
PRO 'L-peptide linking' y PROLINE         ? 'C5 H9 N O2'     115.130 
SER 'L-peptide linking' y SERINE          ? 'C3 H7 N O3'     105.093 
THR 'L-peptide linking' y THREONINE       ? 'C4 H9 N O3'     119.119 
TYR 'L-peptide linking' y TYROSINE        ? 'C9 H11 N O3'    181.189 
VAL 'L-peptide linking' y VALINE          ? 'C5 H11 N O2'    117.146 
# 
loop_
_pdbx_poly_seq_scheme.asym_id 
_pdbx_poly_seq_scheme.entity_id 
_pdbx_poly_seq_scheme.seq_id 
_pdbx_poly_seq_scheme.mon_id 
_pdbx_poly_seq_scheme.ndb_seq_num 
_pdbx_poly_seq_scheme.pdb_seq_num 
_pdbx_poly_seq_scheme.auth_seq_num 
_pdbx_poly_seq_scheme.pdb_mon_id 
_pdbx_poly_seq_scheme.auth_mon_id 
_pdbx_poly_seq_scheme.pdb_strand_id 
_pdbx_poly_seq_scheme.pdb_ins_code 
_pdbx_poly_seq_scheme.hetero 
A 1 1   MET 1   1   1   MET MET A . n 
A 1 2   ASN 2   2   2   ASN ASN A . n 
A 1 3   THR 3   3   3   THR THR A . n 
A 1 4   PRO 4   4   4   PRO PRO A . n 
A 1 5   GLU 5   5   5   GLU GLU A . n 
A 1 6   HIS 6   6   6   HIS HIS A . n 
A 1 7   MET 7   7   7   MET MET A . n 
A 1 8   THR 8   8   8   THR THR A . n 
A 1 9   ALA 9   9   9   ALA ALA A . n 
A 1 10  VAL 10  10  10  VAL VAL A . n 
A 1 11  VAL 11  11  11  VAL VAL A . n 
A 1 12  GLN 12  12  12  GLN GLN A . n 
A 1 13  ARG 13  13  13  ARG ARG A . n 
A 1 14  TYR 14  14  14  TYR TYR A . n 
A 1 15  VAL 15  15  15  VAL VAL A . n 
A 1 16  ALA 16  16  16  ALA ALA A . n 
A 1 17  ALA 17  17  17  ALA ALA A . n 
A 1 18  LEU 18  18  18  LEU LEU A . n 
A 1 19  ASN 19  19  19  ASN ASN A . n 
A 1 20  ALA 20  20  20  ALA ALA A . n 
A 1 21  GLY 21  21  21  GLY GLY A . n 
A 1 22  ASP 22  22  22  ASP ASP A . n 
A 1 23  LEU 23  23  23  LEU LEU A . n 
A 1 24  ASP 24  24  24  ASP ASP A . n 
A 1 25  GLY 25  25  25  GLY GLY A . n 
A 1 26  ILE 26  26  26  ILE ILE A . n 
A 1 27  VAL 27  27  27  VAL VAL A . n 
A 1 28  ALA 28  28  28  ALA ALA A . n 
A 1 29  LEU 29  29  29  LEU LEU A . n 
A 1 30  PHE 30  30  30  PHE PHE A . n 
A 1 31  ALA 31  31  31  ALA ALA A . n 
A 1 32  ASP 32  32  32  ASP ASP A . n 
A 1 33  ASP 33  33  33  ASP ASP A . n 
A 1 34  ALA 34  34  34  ALA ALA A . n 
A 1 35  THR 35  35  35  THR THR A . n 
A 1 36  VAL 36  36  36  VAL VAL A . n 
A 1 37  GLU 37  37  37  GLU GLU A . n 
A 1 38  ASP 38  38  38  ASP ASP A . n 
A 1 39  ALA 39  39  39  ALA ALA A . n 
A 1 40  VAL 40  40  40  VAL VAL A . n 
A 1 41  GLY 41  41  41  GLY GLY A . n 
A 1 42  SER 42  42  42  SER SER A . n 
A 1 43  GLU 43  43  43  GLU GLU A . n 
A 1 44  PRO 44  44  44  PRO PRO A . n 
A 1 45  ARG 45  45  45  ARG ARG A . n 
A 1 46  SER 46  46  46  SER SER A . n 
A 1 47  GLY 47  47  47  GLY GLY A . n 
A 1 48  THR 48  48  48  THR THR A . n 
A 1 49  ALA 49  49  49  ALA ALA A . n 
A 1 50  ALA 50  50  50  ALA ALA A . n 
A 1 51  ILE 51  51  51  ILE ILE A . n 
A 1 52  ARG 52  52  52  ARG ARG A . n 
A 1 53  GLU 53  53  53  GLU GLU A . n 
A 1 54  PHE 54  54  54  PHE PHE A . n 
A 1 55  TYR 55  55  55  TYR TYR A . n 
A 1 56  ALA 56  56  56  ALA ALA A . n 
A 1 57  ASN 57  57  57  ASN ASN A . n 
A 1 58  SER 58  58  58  SER SER A . n 
A 1 59  LEU 59  59  59  LEU LEU A . n 
A 1 60  LYS 60  60  60  LYS LYS A . n 
A 1 61  LEU 61  61  61  LEU LEU A . n 
A 1 62  PRO 62  62  62  PRO PRO A . n 
A 1 63  LEU 63  63  63  LEU LEU A . n 
A 1 64  ALA 64  64  64  ALA ALA A . n 
A 1 65  VAL 65  65  65  VAL VAL A . n 
A 1 66  GLU 66  66  66  GLU GLU A . n 
A 1 67  LEU 67  67  67  LEU LEU A . n 
A 1 68  THR 68  68  68  THR THR A . n 
A 1 69  GLN 69  69  69  GLN GLN A . n 
A 1 70  GLU 70  70  70  GLU GLU A . n 
A 1 71  VAL 71  71  71  VAL VAL A . n 
A 1 72  ARG 72  72  72  ARG ARG A . n 
A 1 73  ALA 73  73  73  ALA ALA A . n 
A 1 74  VAL 74  74  74  VAL VAL A . n 
A 1 75  ALA 75  75  75  ALA ALA A . n 
A 1 76  ASN 76  76  76  ASN ASN A . n 
A 1 77  GLU 77  77  77  GLU GLU A . n 
A 1 78  ALA 78  78  78  ALA ALA A . n 
A 1 79  ALA 79  79  79  ALA ALA A . n 
A 1 80  PHE 80  80  80  PHE PHE A . n 
A 1 81  ALA 81  81  81  ALA ALA A . n 
A 1 82  PHE 82  82  82  PHE PHE A . n 
A 1 83  ILE 83  83  83  ILE ILE A . n 
A 1 84  VAL 84  84  84  VAL VAL A . n 
A 1 85  SER 85  85  85  SER SER A . n 
A 1 86  PHE 86  86  86  PHE PHE A . n 
A 1 87  GLU 87  87  87  GLU GLU A . n 
A 1 88  TYR 88  88  88  TYR TYR A . n 
A 1 89  GLN 89  89  89  GLN GLN A . n 
A 1 90  GLY 90  90  90  GLY GLY A . n 
A 1 91  ARG 91  91  91  ARG ARG A . n 
A 1 92  LYS 92  92  92  LYS LYS A . n 
A 1 93  THR 93  93  93  THR THR A . n 
A 1 94  VAL 94  94  94  VAL VAL A . n 
A 1 95  VAL 95  95  95  VAL VAL A . n 
A 1 96  ALA 96  96  96  ALA ALA A . n 
A 1 97  PRO 97  97  97  PRO PRO A . n 
A 1 98  ILE 98  98  98  ILE ILE A . n 
A 1 99  ASP 99  99  99  ASP ASP A . n 
A 1 100 HIS 100 100 100 HIS HIS A . n 
A 1 101 PHE 101 101 101 PHE PHE A . n 
A 1 102 ARG 102 102 102 ARG ARG A . n 
A 1 103 PHE 103 103 103 PHE PHE A . n 
A 1 104 ASN 104 104 104 ASN ASN A . n 
A 1 105 GLY 105 105 105 GLY GLY A . n 
A 1 106 ALA 106 106 106 ALA ALA A . n 
A 1 107 GLY 107 107 107 GLY GLY A . n 
A 1 108 LYS 108 108 108 LYS LYS A . n 
A 1 109 VAL 109 109 109 VAL VAL A . n 
A 1 110 VAL 110 110 110 VAL VAL A . n 
A 1 111 SER 111 111 111 SER SER A . n 
A 1 112 MET 112 112 112 MET MET A . n 
A 1 113 ARG 113 113 113 ARG ARG A . n 
A 1 114 ALA 114 114 114 ALA ALA A . n 
A 1 115 LEU 115 115 115 LEU LEU A . n 
A 1 116 PHE 116 116 116 PHE PHE A . n 
A 1 117 GLY 117 117 117 GLY GLY A . n 
A 1 118 GLU 118 118 118 GLU GLU A . n 
A 1 119 LYS 119 119 119 LYS LYS A . n 
A 1 120 ASN 120 120 120 ASN ASN A . n 
A 1 121 ILE 121 121 121 ILE ILE A . n 
A 1 122 HIS 122 122 122 HIS HIS A . n 
A 1 123 ALA 123 123 123 ALA ALA A . n 
A 1 124 GLY 124 124 124 GLY GLY A . n 
A 1 125 ALA 125 125 125 ALA ALA A . n 
# 
loop_
_pdbx_nonpoly_scheme.asym_id 
_pdbx_nonpoly_scheme.entity_id 
_pdbx_nonpoly_scheme.mon_id 
_pdbx_nonpoly_scheme.ndb_seq_num 
_pdbx_nonpoly_scheme.pdb_seq_num 
_pdbx_nonpoly_scheme.auth_seq_num 
_pdbx_nonpoly_scheme.pdb_mon_id 
_pdbx_nonpoly_scheme.auth_mon_id 
_pdbx_nonpoly_scheme.pdb_strand_id 
_pdbx_nonpoly_scheme.pdb_ins_code 
B 2 EQU 1  1126 1126 EQU EQU A . 
C 3 HOH 1  2001 2001 HOH HOH A . 
C 3 HOH 2  2002 2002 HOH HOH A . 
C 3 HOH 3  2003 2003 HOH HOH A . 
C 3 HOH 4  2004 2004 HOH HOH A . 
C 3 HOH 5  2005 2005 HOH HOH A . 
C 3 HOH 6  2006 2006 HOH HOH A . 
C 3 HOH 7  2007 2007 HOH HOH A . 
C 3 HOH 8  2008 2008 HOH HOH A . 
C 3 HOH 9  2009 2009 HOH HOH A . 
C 3 HOH 10 2010 2010 HOH HOH A . 
C 3 HOH 11 2011 2011 HOH HOH A . 
C 3 HOH 12 2012 2012 HOH HOH A . 
C 3 HOH 13 2013 2013 HOH HOH A . 
C 3 HOH 14 2014 2014 HOH HOH A . 
C 3 HOH 15 2015 2015 HOH HOH A . 
C 3 HOH 16 2016 2016 HOH HOH A . 
C 3 HOH 17 2017 2017 HOH HOH A . 
C 3 HOH 18 2018 2018 HOH HOH A . 
C 3 HOH 19 2019 2019 HOH HOH A . 
C 3 HOH 20 2020 2020 HOH HOH A . 
C 3 HOH 21 2021 2021 HOH HOH A . 
C 3 HOH 22 2022 2022 HOH HOH A . 
C 3 HOH 23 2023 2023 HOH HOH A . 
C 3 HOH 24 2024 2024 HOH HOH A . 
C 3 HOH 25 2025 2025 HOH HOH A . 
C 3 HOH 26 2026 2026 HOH HOH A . 
C 3 HOH 27 2027 2027 HOH HOH A . 
C 3 HOH 28 2028 2028 HOH HOH A . 
C 3 HOH 29 2029 2029 HOH HOH A . 
C 3 HOH 30 2030 2030 HOH HOH A . 
C 3 HOH 31 2031 2031 HOH HOH A . 
C 3 HOH 32 2032 2032 HOH HOH A . 
C 3 HOH 33 2033 2033 HOH HOH A . 
C 3 HOH 34 2034 2034 HOH HOH A . 
C 3 HOH 35 2035 2035 HOH HOH A . 
C 3 HOH 36 2036 2036 HOH HOH A . 
C 3 HOH 37 2037 2037 HOH HOH A . 
C 3 HOH 38 2038 2038 HOH HOH A . 
C 3 HOH 39 2039 2039 HOH HOH A . 
C 3 HOH 40 2040 2040 HOH HOH A . 
C 3 HOH 41 2041 2041 HOH HOH A . 
C 3 HOH 42 2042 2042 HOH HOH A . 
C 3 HOH 43 2043 2043 HOH HOH A . 
C 3 HOH 44 2044 2044 HOH HOH A . 
C 3 HOH 45 2045 2045 HOH HOH A . 
C 3 HOH 46 2046 2046 HOH HOH A . 
C 3 HOH 47 2047 2047 HOH HOH A . 
C 3 HOH 48 2048 2048 HOH HOH A . 
C 3 HOH 49 2049 2049 HOH HOH A . 
C 3 HOH 50 2050 2050 HOH HOH A . 
C 3 HOH 51 2051 2051 HOH HOH A . 
C 3 HOH 52 2052 2052 HOH HOH A . 
C 3 HOH 53 2053 2053 HOH HOH A . 
C 3 HOH 54 2054 2054 HOH HOH A . 
C 3 HOH 55 2055 2055 HOH HOH A . 
C 3 HOH 56 2056 2056 HOH HOH A . 
C 3 HOH 57 2057 2057 HOH HOH A . 
C 3 HOH 58 2058 2058 HOH HOH A . 
C 3 HOH 59 2059 2059 HOH HOH A . 
C 3 HOH 60 2060 2060 HOH HOH A . 
C 3 HOH 61 2061 2061 HOH HOH A . 
C 3 HOH 62 2062 2062 HOH HOH A . 
C 3 HOH 63 2063 2063 HOH HOH A . 
C 3 HOH 64 2064 2064 HOH HOH A . 
C 3 HOH 65 2065 2065 HOH HOH A . 
C 3 HOH 66 2066 2066 HOH HOH A . 
C 3 HOH 67 2067 2067 HOH HOH A . 
C 3 HOH 68 2068 2068 HOH HOH A . 
C 3 HOH 69 2069 2069 HOH HOH A . 
C 3 HOH 70 2070 2070 HOH HOH A . 
C 3 HOH 71 2071 2071 HOH HOH A . 
C 3 HOH 72 2072 2072 HOH HOH A . 
C 3 HOH 73 2073 2073 HOH HOH A . 
C 3 HOH 74 2074 2074 HOH HOH A . 
C 3 HOH 75 2075 2075 HOH HOH A . 
C 3 HOH 76 2076 2076 HOH HOH A . 
C 3 HOH 77 2077 2077 HOH HOH A . 
C 3 HOH 78 2078 2078 HOH HOH A . 
C 3 HOH 79 2079 2079 HOH HOH A . 
C 3 HOH 80 2080 2080 HOH HOH A . 
C 3 HOH 81 2081 2081 HOH HOH A . 
C 3 HOH 82 2082 2082 HOH HOH A . 
C 3 HOH 83 2083 2083 HOH HOH A . 
C 3 HOH 84 2084 2084 HOH HOH A . 
C 3 HOH 85 2085 2085 HOH HOH A . 
C 3 HOH 86 2086 2086 HOH HOH A . 
C 3 HOH 87 2087 2087 HOH HOH A . 
C 3 HOH 88 2088 2088 HOH HOH A . 
C 3 HOH 89 2089 2089 HOH HOH A . 
C 3 HOH 90 2090 2090 HOH HOH A . 
C 3 HOH 91 2091 2091 HOH HOH A . 
C 3 HOH 92 2092 2092 HOH HOH A . 
C 3 HOH 93 2093 2093 HOH HOH A . 
# 
_software.name             CNS 
_software.classification   refinement 
_software.version          1.0 
_software.citation_id      ? 
_software.pdbx_ordinal     1 
# 
_cell.entry_id           1OGZ 
_cell.length_a           60.733 
_cell.length_b           60.733 
_cell.length_c           142.803 
_cell.angle_alpha        90.00 
_cell.angle_beta         90.00 
_cell.angle_gamma        120.00 
_cell.Z_PDB              12 
_cell.pdbx_unique_axis   ? 
# 
_symmetry.entry_id                         1OGZ 
_symmetry.space_group_name_H-M             'P 65 2 2' 
_symmetry.pdbx_full_space_group_name_H-M   ? 
_symmetry.cell_setting                     ? 
_symmetry.Int_Tables_number                179 
# 
_exptl.entry_id          1OGZ 
_exptl.method            'X-RAY DIFFRACTION' 
_exptl.crystals_number   1 
# 
_exptl_crystal.id                    1 
_exptl_crystal.density_meas          ? 
_exptl_crystal.density_Matthews      2.84 
_exptl_crystal.density_percent_sol   56.65 
_exptl_crystal.description           ? 
# 
_exptl_crystal_grow.crystal_id      1 
_exptl_crystal_grow.method          ? 
_exptl_crystal_grow.temp            ? 
_exptl_crystal_grow.temp_details    ? 
_exptl_crystal_grow.pH              7.00 
_exptl_crystal_grow.pdbx_pH_range   ? 
_exptl_crystal_grow.pdbx_details    'pH 7.00' 
# 
_diffrn.id                     1 
_diffrn.ambient_temp           287.0 
_diffrn.ambient_temp_details   ? 
_diffrn.crystal_id             1 
# 
_diffrn_detector.diffrn_id              1 
_diffrn_detector.detector               'IMAGE PLATE' 
_diffrn_detector.type                   'MACSCIENCE DIP2030' 
_diffrn_detector.pdbx_collection_date   ? 
_diffrn_detector.details                ? 
# 
_diffrn_radiation.diffrn_id                        1 
_diffrn_radiation.wavelength_id                    1 
_diffrn_radiation.pdbx_monochromatic_or_laue_m_l   M 
_diffrn_radiation.monochromator                    ? 
_diffrn_radiation.pdbx_diffrn_protocol             'SINGLE WAVELENGTH' 
_diffrn_radiation.pdbx_scattering_type             x-ray 
# 
_diffrn_radiation_wavelength.id           1 
_diffrn_radiation_wavelength.wavelength   2.0 
_diffrn_radiation_wavelength.wt           1.0 
# 
_diffrn_source.diffrn_id                   1 
_diffrn_source.source                      SYNCHROTRON 
_diffrn_source.type                        'PAL/PLS BEAMLINE 6B' 
_diffrn_source.pdbx_synchrotron_site       PAL/PLS 
_diffrn_source.pdbx_synchrotron_beamline   6B 
_diffrn_source.pdbx_wavelength             2.0 
_diffrn_source.pdbx_wavelength_list        ? 
# 
_reflns.pdbx_diffrn_id               1 
_reflns.pdbx_ordinal                 1 
_reflns.entry_id                     1OGZ 
_reflns.observed_criterion_sigma_I   ? 
_reflns.observed_criterion_sigma_F   ? 
_reflns.d_resolution_low             20.000 
_reflns.d_resolution_high            2.000 
_reflns.number_obs                   10000 
_reflns.number_all                   ? 
_reflns.percent_possible_obs         98.0 
_reflns.pdbx_Rmerge_I_obs            ? 
_reflns.pdbx_Rsym_value              ? 
_reflns.pdbx_netI_over_sigmaI        ? 
_reflns.B_iso_Wilson_estimate        ? 
_reflns.pdbx_redundancy              2.000 
# 
_refine.pdbx_refine_id                           'X-RAY DIFFRACTION' 
_refine.entry_id                                 1OGZ 
_refine.pdbx_diffrn_id                           1 
_refine.pdbx_TLS_residual_ADP_flag               ? 
_refine.ls_number_reflns_obs                     10000 
_refine.ls_number_reflns_all                     ? 
_refine.pdbx_ls_sigma_I                          ? 
_refine.pdbx_ls_sigma_F                          0.0 
_refine.pdbx_data_cutoff_high_absF               ? 
_refine.pdbx_data_cutoff_low_absF                ? 
_refine.pdbx_data_cutoff_high_rms_absF           ? 
_refine.ls_d_res_low                             20.0 
_refine.ls_d_res_high                            2.3 
_refine.ls_percent_reflns_obs                    70 
_refine.ls_R_factor_obs                          0.235 
_refine.ls_R_factor_all                          ? 
_refine.ls_R_factor_R_work                       0.235 
_refine.ls_R_factor_R_free                       0.309 
_refine.ls_R_factor_R_free_error                 ? 
_refine.ls_R_factor_R_free_error_details         ? 
_refine.ls_percent_reflns_R_free                 ? 
_refine.ls_number_reflns_R_free                  ? 
_refine.ls_number_parameters                     ? 
_refine.ls_number_restraints                     ? 
_refine.occupancy_min                            ? 
_refine.occupancy_max                            ? 
_refine.correlation_coeff_Fo_to_Fc               ? 
_refine.correlation_coeff_Fo_to_Fc_free          ? 
_refine.B_iso_mean                               ? 
_refine.aniso_B[1][1]                            ? 
_refine.aniso_B[2][2]                            ? 
_refine.aniso_B[3][3]                            ? 
_refine.aniso_B[1][2]                            ? 
_refine.aniso_B[1][3]                            ? 
_refine.aniso_B[2][3]                            ? 
_refine.solvent_model_details                    ? 
_refine.solvent_model_param_ksol                 ? 
_refine.solvent_model_param_bsol                 ? 
_refine.pdbx_solvent_vdw_probe_radii             ? 
_refine.pdbx_solvent_ion_probe_radii             ? 
_refine.pdbx_solvent_shrinkage_radii             ? 
_refine.pdbx_ls_cross_valid_method               ? 
_refine.details                                  ? 
_refine.pdbx_starting_model                      ? 
_refine.pdbx_method_to_determine_struct          'MOLECULAR REPLACEMENT' 
_refine.pdbx_isotropic_thermal_model             ? 
_refine.pdbx_stereochemistry_target_values       ? 
_refine.pdbx_stereochem_target_val_spec_case     ? 
_refine.pdbx_R_Free_selection_details            ? 
_refine.pdbx_overall_ESU_R                       ? 
_refine.pdbx_overall_ESU_R_Free                  ? 
_refine.overall_SU_ML                            ? 
_refine.pdbx_overall_phase_error                 ? 
_refine.overall_SU_B                             ? 
_refine.overall_SU_R_Cruickshank_DPI             ? 
_refine.pdbx_overall_SU_R_free_Cruickshank_DPI   ? 
_refine.pdbx_overall_SU_R_Blow_DPI               ? 
_refine.pdbx_overall_SU_R_free_Blow_DPI          ? 
# 
_refine_hist.pdbx_refine_id                   'X-RAY DIFFRACTION' 
_refine_hist.cycle_id                         LAST 
_refine_hist.pdbx_number_atoms_protein        944 
_refine_hist.pdbx_number_atoms_nucleic_acid   0 
_refine_hist.pdbx_number_atoms_ligand         20 
_refine_hist.number_atoms_solvent             93 
_refine_hist.number_atoms_total               1057 
_refine_hist.d_res_high                       2.3 
_refine_hist.d_res_low                        20.0 
# 
loop_
_refine_ls_restr.type 
_refine_ls_restr.dev_ideal 
_refine_ls_restr.dev_ideal_target 
_refine_ls_restr.weight 
_refine_ls_restr.number 
_refine_ls_restr.pdbx_refine_id 
_refine_ls_restr.pdbx_restraint_function 
c_bond_d                0.1 ? ? ? 'X-RAY DIFFRACTION' ? 
c_bond_d_na             ?   ? ? ? 'X-RAY DIFFRACTION' ? 
c_bond_d_prot           ?   ? ? ? 'X-RAY DIFFRACTION' ? 
c_angle_d               ?   ? ? ? 'X-RAY DIFFRACTION' ? 
c_angle_d_na            ?   ? ? ? 'X-RAY DIFFRACTION' ? 
c_angle_d_prot          ?   ? ? ? 'X-RAY DIFFRACTION' ? 
c_angle_deg             1.7 ? ? ? 'X-RAY DIFFRACTION' ? 
c_angle_deg_na          ?   ? ? ? 'X-RAY DIFFRACTION' ? 
c_angle_deg_prot        ?   ? ? ? 'X-RAY DIFFRACTION' ? 
c_dihedral_angle_d      ?   ? ? ? 'X-RAY DIFFRACTION' ? 
c_dihedral_angle_d_na   ?   ? ? ? 'X-RAY DIFFRACTION' ? 
c_dihedral_angle_d_prot ?   ? ? ? 'X-RAY DIFFRACTION' ? 
c_improper_angle_d      ?   ? ? ? 'X-RAY DIFFRACTION' ? 
c_improper_angle_d_na   ?   ? ? ? 'X-RAY DIFFRACTION' ? 
c_improper_angle_d_prot ?   ? ? ? 'X-RAY DIFFRACTION' ? 
c_mcbond_it             ?   ? ? ? 'X-RAY DIFFRACTION' ? 
c_mcangle_it            ?   ? ? ? 'X-RAY DIFFRACTION' ? 
c_scbond_it             ?   ? ? ? 'X-RAY DIFFRACTION' ? 
c_scangle_it            ?   ? ? ? 'X-RAY DIFFRACTION' ? 
# 
_struct.entry_id                  1OGZ 
_struct.title                     
'Crystal Structure Of 5-3-Ketosteroid Isomerase Mutants P39A Complexed With Equilenin From Pseudomonas Testosteroni' 
_struct.pdbx_model_details        ? 
_struct.pdbx_CASP_flag            ? 
_struct.pdbx_model_type_details   ? 
# 
_struct_keywords.entry_id        1OGZ 
_struct_keywords.pdbx_keywords   ISOMERASE 
_struct_keywords.text            'KETOSTEROID, ISOMERASE' 
# 
loop_
_struct_asym.id 
_struct_asym.pdbx_blank_PDB_chainid_flag 
_struct_asym.pdbx_modified 
_struct_asym.entity_id 
_struct_asym.details 
A N N 1 ? 
B N N 2 ? 
C N N 3 ? 
# 
_struct_ref.id                         1 
_struct_ref.db_name                    UNP 
_struct_ref.db_code                    SDIS_COMTE 
_struct_ref.entity_id                  1 
_struct_ref.pdbx_seq_one_letter_code   ? 
_struct_ref.pdbx_align_begin           ? 
_struct_ref.pdbx_db_accession          P00947 
_struct_ref.pdbx_db_isoform            ? 
# 
_struct_ref_seq.align_id                      1 
_struct_ref_seq.ref_id                        1 
_struct_ref_seq.pdbx_PDB_id_code              1OGZ 
_struct_ref_seq.pdbx_strand_id                A 
_struct_ref_seq.seq_align_beg                 1 
_struct_ref_seq.pdbx_seq_align_beg_ins_code   ? 
_struct_ref_seq.seq_align_end                 125 
_struct_ref_seq.pdbx_seq_align_end_ins_code   ? 
_struct_ref_seq.pdbx_db_accession             P00947 
_struct_ref_seq.db_align_beg                  1 
_struct_ref_seq.pdbx_db_align_beg_ins_code    ? 
_struct_ref_seq.db_align_end                  125 
_struct_ref_seq.pdbx_db_align_end_ins_code    ? 
_struct_ref_seq.pdbx_auth_seq_align_beg       1 
_struct_ref_seq.pdbx_auth_seq_align_end       125 
# 
loop_
_struct_ref_seq_dif.align_id 
_struct_ref_seq_dif.pdbx_pdb_id_code 
_struct_ref_seq_dif.mon_id 
_struct_ref_seq_dif.pdbx_pdb_strand_id 
_struct_ref_seq_dif.seq_num 
_struct_ref_seq_dif.pdbx_pdb_ins_code 
_struct_ref_seq_dif.pdbx_seq_db_name 
_struct_ref_seq_dif.pdbx_seq_db_accession_code 
_struct_ref_seq_dif.db_mon_id 
_struct_ref_seq_dif.pdbx_seq_db_seq_num 
_struct_ref_seq_dif.details 
_struct_ref_seq_dif.pdbx_auth_seq_num 
_struct_ref_seq_dif.pdbx_ordinal 
1 1OGZ ALA A 39 ? UNP P00947 PRO 39 'engineered mutation' 39 1 
1 1OGZ ILE A 83 ? UNP P00947 THR 83 conflict              83 2 
# 
_pdbx_struct_assembly.id                   1 
_pdbx_struct_assembly.details              author_and_software_defined_assembly 
_pdbx_struct_assembly.method_details       PQS 
_pdbx_struct_assembly.oligomeric_details   dimeric 
_pdbx_struct_assembly.oligomeric_count     2 
# 
_pdbx_struct_assembly_gen.assembly_id       1 
_pdbx_struct_assembly_gen.oper_expression   1,2 
_pdbx_struct_assembly_gen.asym_id_list      A,B,C 
# 
loop_
_pdbx_struct_oper_list.id 
_pdbx_struct_oper_list.type 
_pdbx_struct_oper_list.name 
_pdbx_struct_oper_list.symmetry_operation 
_pdbx_struct_oper_list.matrix[1][1] 
_pdbx_struct_oper_list.matrix[1][2] 
_pdbx_struct_oper_list.matrix[1][3] 
_pdbx_struct_oper_list.vector[1] 
_pdbx_struct_oper_list.matrix[2][1] 
_pdbx_struct_oper_list.matrix[2][2] 
_pdbx_struct_oper_list.matrix[2][3] 
_pdbx_struct_oper_list.vector[2] 
_pdbx_struct_oper_list.matrix[3][1] 
_pdbx_struct_oper_list.matrix[3][2] 
_pdbx_struct_oper_list.matrix[3][3] 
_pdbx_struct_oper_list.vector[3] 
1 'identity operation'         1_555 x,y,z              1.0000000000 0.0000000000  0.0000000000  0.0000000000  0.0000000000  1.0000000000  0.0000000000 0.0000000000   0.0000000000  0.0000000000 1.0000000000  0.0000000000  
2 'crystal symmetry operation' 9_765 -x+2,-x+y+1,-z+1/3 0.8994038251 -0.3654137991 -0.2398864622 -2.5994397404 -0.3654137991 -0.9297004445 0.0461501774 -21.0499649858 -0.2398864622 0.0461501774 -0.9697033806 11.4827734138 
# 
_struct_biol.id   1 
# 
loop_
_struct_conf.conf_type_id 
_struct_conf.id 
_struct_conf.pdbx_PDB_helix_id 
_struct_conf.beg_label_comp_id 
_struct_conf.beg_label_asym_id 
_struct_conf.beg_label_seq_id 
_struct_conf.pdbx_beg_PDB_ins_code 
_struct_conf.end_label_comp_id 
_struct_conf.end_label_asym_id 
_struct_conf.end_label_seq_id 
_struct_conf.pdbx_end_PDB_ins_code 
_struct_conf.beg_auth_comp_id 
_struct_conf.beg_auth_asym_id 
_struct_conf.beg_auth_seq_id 
_struct_conf.end_auth_comp_id 
_struct_conf.end_auth_asym_id 
_struct_conf.end_auth_seq_id 
_struct_conf.pdbx_PDB_helix_class 
_struct_conf.details 
_struct_conf.pdbx_PDB_helix_length 
HELX_P HELX_P1 1 THR A 3   ? GLY A 21  ? THR A 3   GLY A 21  1 ? 19 
HELX_P HELX_P2 2 ASP A 22  ? ALA A 28  ? ASP A 22  ALA A 28  1 ? 7  
HELX_P HELX_P3 3 GLY A 47  ? LEU A 59  ? GLY A 47  LEU A 59  1 ? 13 
HELX_P HELX_P4 4 GLY A 117 ? LYS A 119 ? GLY A 117 LYS A 119 5 ? 3  
# 
_struct_conf_type.id          HELX_P 
_struct_conf_type.criteria    ? 
_struct_conf_type.reference   ? 
# 
loop_
_struct_sheet.id 
_struct_sheet.type 
_struct_sheet.number_strands 
_struct_sheet.details 
AA ? 6 ? 
AB ? 6 ? 
# 
loop_
_struct_sheet_order.sheet_id 
_struct_sheet_order.range_id_1 
_struct_sheet_order.range_id_2 
_struct_sheet_order.offset 
_struct_sheet_order.sense 
AA 1 2 ? anti-parallel 
AA 2 3 ? parallel      
AA 3 4 ? anti-parallel 
AA 4 5 ? anti-parallel 
AA 5 6 ? anti-parallel 
AB 1 2 ? anti-parallel 
AB 2 3 ? parallel      
AB 3 4 ? anti-parallel 
AB 4 5 ? anti-parallel 
AB 5 6 ? anti-parallel 
# 
loop_
_struct_sheet_range.sheet_id 
_struct_sheet_range.id 
_struct_sheet_range.beg_label_comp_id 
_struct_sheet_range.beg_label_asym_id 
_struct_sheet_range.beg_label_seq_id 
_struct_sheet_range.pdbx_beg_PDB_ins_code 
_struct_sheet_range.end_label_comp_id 
_struct_sheet_range.end_label_asym_id 
_struct_sheet_range.end_label_seq_id 
_struct_sheet_range.pdbx_end_PDB_ins_code 
_struct_sheet_range.beg_auth_comp_id 
_struct_sheet_range.beg_auth_asym_id 
_struct_sheet_range.beg_auth_seq_id 
_struct_sheet_range.end_auth_comp_id 
_struct_sheet_range.end_auth_asym_id 
_struct_sheet_range.end_auth_seq_id 
AA 1 ARG A 45  ? SER A 46  ? ARG A 45  SER A 46  
AA 2 PHE A 30  ? GLU A 37  ? PHE A 30  GLU A 37  
AA 3 VAL A 109 ? LEU A 115 ? VAL A 109 LEU A 115 
AA 4 ILE A 98  ? PHE A 103 ? ILE A 98  PHE A 103 
AA 5 GLU A 77  ? TYR A 88  ? GLU A 77  TYR A 88  
AA 6 ALA A 64  ? LEU A 67  ? ALA A 64  LEU A 67  
AB 1 ARG A 45  ? SER A 46  ? ARG A 45  SER A 46  
AB 2 PHE A 30  ? GLU A 37  ? PHE A 30  GLU A 37  
AB 3 VAL A 109 ? LEU A 115 ? VAL A 109 LEU A 115 
AB 4 ILE A 98  ? PHE A 103 ? ILE A 98  PHE A 103 
AB 5 GLU A 77  ? TYR A 88  ? GLU A 77  TYR A 88  
AB 6 ARG A 72  ? VAL A 74  ? ARG A 72  VAL A 74  
# 
loop_
_pdbx_struct_sheet_hbond.sheet_id 
_pdbx_struct_sheet_hbond.range_id_1 
_pdbx_struct_sheet_hbond.range_id_2 
_pdbx_struct_sheet_hbond.range_1_label_atom_id 
_pdbx_struct_sheet_hbond.range_1_label_comp_id 
_pdbx_struct_sheet_hbond.range_1_label_asym_id 
_pdbx_struct_sheet_hbond.range_1_label_seq_id 
_pdbx_struct_sheet_hbond.range_1_PDB_ins_code 
_pdbx_struct_sheet_hbond.range_1_auth_atom_id 
_pdbx_struct_sheet_hbond.range_1_auth_comp_id 
_pdbx_struct_sheet_hbond.range_1_auth_asym_id 
_pdbx_struct_sheet_hbond.range_1_auth_seq_id 
_pdbx_struct_sheet_hbond.range_2_label_atom_id 
_pdbx_struct_sheet_hbond.range_2_label_comp_id 
_pdbx_struct_sheet_hbond.range_2_label_asym_id 
_pdbx_struct_sheet_hbond.range_2_label_seq_id 
_pdbx_struct_sheet_hbond.range_2_PDB_ins_code 
_pdbx_struct_sheet_hbond.range_2_auth_atom_id 
_pdbx_struct_sheet_hbond.range_2_auth_comp_id 
_pdbx_struct_sheet_hbond.range_2_auth_asym_id 
_pdbx_struct_sheet_hbond.range_2_auth_seq_id 
AA 1 2 N ARG A 45  ? N ARG A 45  O VAL A 36  ? O VAL A 36  
AA 2 3 N ALA A 31  ? N ALA A 31  O VAL A 109 ? O VAL A 109 
AA 3 4 N LEU A 115 ? N LEU A 115 O ILE A 98  ? O ILE A 98  
AA 4 5 N PHE A 101 ? N PHE A 101 O ALA A 78  ? O ALA A 78  
AA 5 6 N SER A 85  ? N SER A 85  O ALA A 64  ? O ALA A 64  
AB 1 2 N ARG A 45  ? N ARG A 45  O VAL A 36  ? O VAL A 36  
AB 2 3 N ALA A 31  ? N ALA A 31  O VAL A 109 ? O VAL A 109 
AB 3 4 N LEU A 115 ? N LEU A 115 O ILE A 98  ? O ILE A 98  
AB 4 5 N PHE A 101 ? N PHE A 101 O ALA A 78  ? O ALA A 78  
AB 5 6 N ALA A 79  ? N ALA A 79  O ARG A 72  ? O ARG A 72  
# 
_struct_site.id                   AC1 
_struct_site.pdbx_evidence_code   Software 
_struct_site.pdbx_auth_asym_id    ? 
_struct_site.pdbx_auth_comp_id    ? 
_struct_site.pdbx_auth_seq_id     ? 
_struct_site.pdbx_auth_ins_code   ? 
_struct_site.pdbx_num_residues    7 
_struct_site.details              'BINDING SITE FOR RESIDUE EQU A1126' 
# 
loop_
_struct_site_gen.id 
_struct_site_gen.site_id 
_struct_site_gen.pdbx_num_res 
_struct_site_gen.label_comp_id 
_struct_site_gen.label_asym_id 
_struct_site_gen.label_seq_id 
_struct_site_gen.pdbx_auth_ins_code 
_struct_site_gen.auth_comp_id 
_struct_site_gen.auth_asym_id 
_struct_site_gen.auth_seq_id 
_struct_site_gen.label_atom_id 
_struct_site_gen.label_alt_id 
_struct_site_gen.symmetry 
_struct_site_gen.details 
1 AC1 7 MET A 1  ? MET A 1  . ? 1_555 ? 
2 AC1 7 TYR A 14 ? TYR A 14 . ? 1_555 ? 
3 AC1 7 SER A 58 ? SER A 58 . ? 1_555 ? 
4 AC1 7 LEU A 63 ? LEU A 63 . ? 1_555 ? 
5 AC1 7 PHE A 82 ? PHE A 82 . ? 1_555 ? 
6 AC1 7 PHE A 86 ? PHE A 86 . ? 1_555 ? 
7 AC1 7 ASP A 99 ? ASP A 99 . ? 1_555 ? 
# 
_pdbx_validate_symm_contact.id                1 
_pdbx_validate_symm_contact.PDB_model_num     1 
_pdbx_validate_symm_contact.auth_atom_id_1    O 
_pdbx_validate_symm_contact.auth_asym_id_1    A 
_pdbx_validate_symm_contact.auth_comp_id_1    GLY 
_pdbx_validate_symm_contact.auth_seq_id_1     41 
_pdbx_validate_symm_contact.PDB_ins_code_1    ? 
_pdbx_validate_symm_contact.label_alt_id_1    ? 
_pdbx_validate_symm_contact.site_symmetry_1   1_555 
_pdbx_validate_symm_contact.auth_atom_id_2    O 
_pdbx_validate_symm_contact.auth_asym_id_2    A 
_pdbx_validate_symm_contact.auth_comp_id_2    GLY 
_pdbx_validate_symm_contact.auth_seq_id_2     41 
_pdbx_validate_symm_contact.PDB_ins_code_2    ? 
_pdbx_validate_symm_contact.label_alt_id_2    ? 
_pdbx_validate_symm_contact.site_symmetry_2   10_775 
_pdbx_validate_symm_contact.dist              2.12 
# 
loop_
_pdbx_validate_torsion.id 
_pdbx_validate_torsion.PDB_model_num 
_pdbx_validate_torsion.auth_comp_id 
_pdbx_validate_torsion.auth_asym_id 
_pdbx_validate_torsion.auth_seq_id 
_pdbx_validate_torsion.PDB_ins_code 
_pdbx_validate_torsion.label_alt_id 
_pdbx_validate_torsion.phi 
_pdbx_validate_torsion.psi 
1 1 VAL A 40 ? ? -46.32 155.38 
2 1 ALA A 75 ? ? 30.85  85.59  
3 1 ASN A 76 ? ? 56.49  16.79  
# 
_pdbx_database_remark.id     700 
_pdbx_database_remark.text   
;
SHEET
THE SHEET STRUCTURE OF THIS MOLECULE IS BIFURCATED. IN
ORDER TO REPRESENT THIS FEATURE IN THE SHEET RECORDS BELOW,
TWO SHEETS ARE DEFINED.
;
# 
_pdbx_entry_details.entry_id                 1OGZ 
_pdbx_entry_details.compound_details         
;CHAIN A ENGINEERED MUTATION PRO39ALA
 CATALYTIC ACTIVITY: A 3-OXO-DELTA(5)-STEROID = A 3-OXO-DELTA(4)-
 STEROID.
;
_pdbx_entry_details.source_details           ? 
_pdbx_entry_details.nonpolymer_details       ? 
_pdbx_entry_details.sequence_details         ? 
_pdbx_entry_details.has_ligand_of_interest   ? 
# 
loop_
_pdbx_distant_solvent_atoms.id 
_pdbx_distant_solvent_atoms.PDB_model_num 
_pdbx_distant_solvent_atoms.auth_atom_id 
_pdbx_distant_solvent_atoms.label_alt_id 
_pdbx_distant_solvent_atoms.auth_asym_id 
_pdbx_distant_solvent_atoms.auth_comp_id 
_pdbx_distant_solvent_atoms.auth_seq_id 
_pdbx_distant_solvent_atoms.PDB_ins_code 
_pdbx_distant_solvent_atoms.neighbor_macromolecule_distance 
_pdbx_distant_solvent_atoms.neighbor_ligand_distance 
1 1 O ? A HOH 2009 ? 8.34 . 
2 1 O ? A HOH 2010 ? 6.03 . 
3 1 O ? A HOH 2013 ? 5.86 . 
4 1 O ? A HOH 2015 ? 5.92 . 
5 1 O ? A HOH 2019 ? 6.73 . 
6 1 O ? A HOH 2020 ? 7.16 . 
7 1 O ? A HOH 2021 ? 8.22 . 
# 
loop_
_chem_comp_atom.comp_id 
_chem_comp_atom.atom_id 
_chem_comp_atom.type_symbol 
_chem_comp_atom.pdbx_aromatic_flag 
_chem_comp_atom.pdbx_stereo_config 
_chem_comp_atom.pdbx_ordinal 
ALA N    N N N 1   
ALA CA   C N S 2   
ALA C    C N N 3   
ALA O    O N N 4   
ALA CB   C N N 5   
ALA OXT  O N N 6   
ALA H    H N N 7   
ALA H2   H N N 8   
ALA HA   H N N 9   
ALA HB1  H N N 10  
ALA HB2  H N N 11  
ALA HB3  H N N 12  
ALA HXT  H N N 13  
ARG N    N N N 14  
ARG CA   C N S 15  
ARG C    C N N 16  
ARG O    O N N 17  
ARG CB   C N N 18  
ARG CG   C N N 19  
ARG CD   C N N 20  
ARG NE   N N N 21  
ARG CZ   C N N 22  
ARG NH1  N N N 23  
ARG NH2  N N N 24  
ARG OXT  O N N 25  
ARG H    H N N 26  
ARG H2   H N N 27  
ARG HA   H N N 28  
ARG HB2  H N N 29  
ARG HB3  H N N 30  
ARG HG2  H N N 31  
ARG HG3  H N N 32  
ARG HD2  H N N 33  
ARG HD3  H N N 34  
ARG HE   H N N 35  
ARG HH11 H N N 36  
ARG HH12 H N N 37  
ARG HH21 H N N 38  
ARG HH22 H N N 39  
ARG HXT  H N N 40  
ASN N    N N N 41  
ASN CA   C N S 42  
ASN C    C N N 43  
ASN O    O N N 44  
ASN CB   C N N 45  
ASN CG   C N N 46  
ASN OD1  O N N 47  
ASN ND2  N N N 48  
ASN OXT  O N N 49  
ASN H    H N N 50  
ASN H2   H N N 51  
ASN HA   H N N 52  
ASN HB2  H N N 53  
ASN HB3  H N N 54  
ASN HD21 H N N 55  
ASN HD22 H N N 56  
ASN HXT  H N N 57  
ASP N    N N N 58  
ASP CA   C N S 59  
ASP C    C N N 60  
ASP O    O N N 61  
ASP CB   C N N 62  
ASP CG   C N N 63  
ASP OD1  O N N 64  
ASP OD2  O N N 65  
ASP OXT  O N N 66  
ASP H    H N N 67  
ASP H2   H N N 68  
ASP HA   H N N 69  
ASP HB2  H N N 70  
ASP HB3  H N N 71  
ASP HD2  H N N 72  
ASP HXT  H N N 73  
EQU C1   C Y N 74  
EQU C2   C Y N 75  
EQU C3   C Y N 76  
EQU C4   C Y N 77  
EQU C5   C Y N 78  
EQU C6   C Y N 79  
EQU C10  C Y N 80  
EQU C11  C Y N 81  
EQU C12  C Y N 82  
EQU C13  C Y N 83  
EQU C16  C N R 84  
EQU C17  C N S 85  
EQU C18  C N N 86  
EQU C19  C N N 87  
EQU C24  C N N 88  
EQU C25  C N N 89  
EQU C26  C N N 90  
EQU C27  C N N 91  
EQU O1   O N N 92  
EQU O26  O N N 93  
EQU H2   H N N 94  
EQU H5   H N N 95  
EQU H6   H N N 96  
EQU H10  H N N 97  
EQU H11  H N N 98  
EQU H16  H N N 99  
EQU H181 H N N 100 
EQU H182 H N N 101 
EQU H191 H N N 102 
EQU H192 H N N 103 
EQU H241 H N N 104 
EQU H242 H N N 105 
EQU H251 H N N 106 
EQU H252 H N N 107 
EQU H271 H N N 108 
EQU H272 H N N 109 
EQU H273 H N N 110 
EQU HO1  H N N 111 
GLN N    N N N 112 
GLN CA   C N S 113 
GLN C    C N N 114 
GLN O    O N N 115 
GLN CB   C N N 116 
GLN CG   C N N 117 
GLN CD   C N N 118 
GLN OE1  O N N 119 
GLN NE2  N N N 120 
GLN OXT  O N N 121 
GLN H    H N N 122 
GLN H2   H N N 123 
GLN HA   H N N 124 
GLN HB2  H N N 125 
GLN HB3  H N N 126 
GLN HG2  H N N 127 
GLN HG3  H N N 128 
GLN HE21 H N N 129 
GLN HE22 H N N 130 
GLN HXT  H N N 131 
GLU N    N N N 132 
GLU CA   C N S 133 
GLU C    C N N 134 
GLU O    O N N 135 
GLU CB   C N N 136 
GLU CG   C N N 137 
GLU CD   C N N 138 
GLU OE1  O N N 139 
GLU OE2  O N N 140 
GLU OXT  O N N 141 
GLU H    H N N 142 
GLU H2   H N N 143 
GLU HA   H N N 144 
GLU HB2  H N N 145 
GLU HB3  H N N 146 
GLU HG2  H N N 147 
GLU HG3  H N N 148 
GLU HE2  H N N 149 
GLU HXT  H N N 150 
GLY N    N N N 151 
GLY CA   C N N 152 
GLY C    C N N 153 
GLY O    O N N 154 
GLY OXT  O N N 155 
GLY H    H N N 156 
GLY H2   H N N 157 
GLY HA2  H N N 158 
GLY HA3  H N N 159 
GLY HXT  H N N 160 
HIS N    N N N 161 
HIS CA   C N S 162 
HIS C    C N N 163 
HIS O    O N N 164 
HIS CB   C N N 165 
HIS CG   C Y N 166 
HIS ND1  N Y N 167 
HIS CD2  C Y N 168 
HIS CE1  C Y N 169 
HIS NE2  N Y N 170 
HIS OXT  O N N 171 
HIS H    H N N 172 
HIS H2   H N N 173 
HIS HA   H N N 174 
HIS HB2  H N N 175 
HIS HB3  H N N 176 
HIS HD1  H N N 177 
HIS HD2  H N N 178 
HIS HE1  H N N 179 
HIS HE2  H N N 180 
HIS HXT  H N N 181 
HOH O    O N N 182 
HOH H1   H N N 183 
HOH H2   H N N 184 
ILE N    N N N 185 
ILE CA   C N S 186 
ILE C    C N N 187 
ILE O    O N N 188 
ILE CB   C N S 189 
ILE CG1  C N N 190 
ILE CG2  C N N 191 
ILE CD1  C N N 192 
ILE OXT  O N N 193 
ILE H    H N N 194 
ILE H2   H N N 195 
ILE HA   H N N 196 
ILE HB   H N N 197 
ILE HG12 H N N 198 
ILE HG13 H N N 199 
ILE HG21 H N N 200 
ILE HG22 H N N 201 
ILE HG23 H N N 202 
ILE HD11 H N N 203 
ILE HD12 H N N 204 
ILE HD13 H N N 205 
ILE HXT  H N N 206 
LEU N    N N N 207 
LEU CA   C N S 208 
LEU C    C N N 209 
LEU O    O N N 210 
LEU CB   C N N 211 
LEU CG   C N N 212 
LEU CD1  C N N 213 
LEU CD2  C N N 214 
LEU OXT  O N N 215 
LEU H    H N N 216 
LEU H2   H N N 217 
LEU HA   H N N 218 
LEU HB2  H N N 219 
LEU HB3  H N N 220 
LEU HG   H N N 221 
LEU HD11 H N N 222 
LEU HD12 H N N 223 
LEU HD13 H N N 224 
LEU HD21 H N N 225 
LEU HD22 H N N 226 
LEU HD23 H N N 227 
LEU HXT  H N N 228 
LYS N    N N N 229 
LYS CA   C N S 230 
LYS C    C N N 231 
LYS O    O N N 232 
LYS CB   C N N 233 
LYS CG   C N N 234 
LYS CD   C N N 235 
LYS CE   C N N 236 
LYS NZ   N N N 237 
LYS OXT  O N N 238 
LYS H    H N N 239 
LYS H2   H N N 240 
LYS HA   H N N 241 
LYS HB2  H N N 242 
LYS HB3  H N N 243 
LYS HG2  H N N 244 
LYS HG3  H N N 245 
LYS HD2  H N N 246 
LYS HD3  H N N 247 
LYS HE2  H N N 248 
LYS HE3  H N N 249 
LYS HZ1  H N N 250 
LYS HZ2  H N N 251 
LYS HZ3  H N N 252 
LYS HXT  H N N 253 
MET N    N N N 254 
MET CA   C N S 255 
MET C    C N N 256 
MET O    O N N 257 
MET CB   C N N 258 
MET CG   C N N 259 
MET SD   S N N 260 
MET CE   C N N 261 
MET OXT  O N N 262 
MET H    H N N 263 
MET H2   H N N 264 
MET HA   H N N 265 
MET HB2  H N N 266 
MET HB3  H N N 267 
MET HG2  H N N 268 
MET HG3  H N N 269 
MET HE1  H N N 270 
MET HE2  H N N 271 
MET HE3  H N N 272 
MET HXT  H N N 273 
PHE N    N N N 274 
PHE CA   C N S 275 
PHE C    C N N 276 
PHE O    O N N 277 
PHE CB   C N N 278 
PHE CG   C Y N 279 
PHE CD1  C Y N 280 
PHE CD2  C Y N 281 
PHE CE1  C Y N 282 
PHE CE2  C Y N 283 
PHE CZ   C Y N 284 
PHE OXT  O N N 285 
PHE H    H N N 286 
PHE H2   H N N 287 
PHE HA   H N N 288 
PHE HB2  H N N 289 
PHE HB3  H N N 290 
PHE HD1  H N N 291 
PHE HD2  H N N 292 
PHE HE1  H N N 293 
PHE HE2  H N N 294 
PHE HZ   H N N 295 
PHE HXT  H N N 296 
PRO N    N N N 297 
PRO CA   C N S 298 
PRO C    C N N 299 
PRO O    O N N 300 
PRO CB   C N N 301 
PRO CG   C N N 302 
PRO CD   C N N 303 
PRO OXT  O N N 304 
PRO H    H N N 305 
PRO HA   H N N 306 
PRO HB2  H N N 307 
PRO HB3  H N N 308 
PRO HG2  H N N 309 
PRO HG3  H N N 310 
PRO HD2  H N N 311 
PRO HD3  H N N 312 
PRO HXT  H N N 313 
SER N    N N N 314 
SER CA   C N S 315 
SER C    C N N 316 
SER O    O N N 317 
SER CB   C N N 318 
SER OG   O N N 319 
SER OXT  O N N 320 
SER H    H N N 321 
SER H2   H N N 322 
SER HA   H N N 323 
SER HB2  H N N 324 
SER HB3  H N N 325 
SER HG   H N N 326 
SER HXT  H N N 327 
THR N    N N N 328 
THR CA   C N S 329 
THR C    C N N 330 
THR O    O N N 331 
THR CB   C N R 332 
THR OG1  O N N 333 
THR CG2  C N N 334 
THR OXT  O N N 335 
THR H    H N N 336 
THR H2   H N N 337 
THR HA   H N N 338 
THR HB   H N N 339 
THR HG1  H N N 340 
THR HG21 H N N 341 
THR HG22 H N N 342 
THR HG23 H N N 343 
THR HXT  H N N 344 
TYR N    N N N 345 
TYR CA   C N S 346 
TYR C    C N N 347 
TYR O    O N N 348 
TYR CB   C N N 349 
TYR CG   C Y N 350 
TYR CD1  C Y N 351 
TYR CD2  C Y N 352 
TYR CE1  C Y N 353 
TYR CE2  C Y N 354 
TYR CZ   C Y N 355 
TYR OH   O N N 356 
TYR OXT  O N N 357 
TYR H    H N N 358 
TYR H2   H N N 359 
TYR HA   H N N 360 
TYR HB2  H N N 361 
TYR HB3  H N N 362 
TYR HD1  H N N 363 
TYR HD2  H N N 364 
TYR HE1  H N N 365 
TYR HE2  H N N 366 
TYR HH   H N N 367 
TYR HXT  H N N 368 
VAL N    N N N 369 
VAL CA   C N S 370 
VAL C    C N N 371 
VAL O    O N N 372 
VAL CB   C N N 373 
VAL CG1  C N N 374 
VAL CG2  C N N 375 
VAL OXT  O N N 376 
VAL H    H N N 377 
VAL H2   H N N 378 
VAL HA   H N N 379 
VAL HB   H N N 380 
VAL HG11 H N N 381 
VAL HG12 H N N 382 
VAL HG13 H N N 383 
VAL HG21 H N N 384 
VAL HG22 H N N 385 
VAL HG23 H N N 386 
VAL HXT  H N N 387 
# 
loop_
_chem_comp_bond.comp_id 
_chem_comp_bond.atom_id_1 
_chem_comp_bond.atom_id_2 
_chem_comp_bond.value_order 
_chem_comp_bond.pdbx_aromatic_flag 
_chem_comp_bond.pdbx_stereo_config 
_chem_comp_bond.pdbx_ordinal 
ALA N   CA   sing N N 1   
ALA N   H    sing N N 2   
ALA N   H2   sing N N 3   
ALA CA  C    sing N N 4   
ALA CA  CB   sing N N 5   
ALA CA  HA   sing N N 6   
ALA C   O    doub N N 7   
ALA C   OXT  sing N N 8   
ALA CB  HB1  sing N N 9   
ALA CB  HB2  sing N N 10  
ALA CB  HB3  sing N N 11  
ALA OXT HXT  sing N N 12  
ARG N   CA   sing N N 13  
ARG N   H    sing N N 14  
ARG N   H2   sing N N 15  
ARG CA  C    sing N N 16  
ARG CA  CB   sing N N 17  
ARG CA  HA   sing N N 18  
ARG C   O    doub N N 19  
ARG C   OXT  sing N N 20  
ARG CB  CG   sing N N 21  
ARG CB  HB2  sing N N 22  
ARG CB  HB3  sing N N 23  
ARG CG  CD   sing N N 24  
ARG CG  HG2  sing N N 25  
ARG CG  HG3  sing N N 26  
ARG CD  NE   sing N N 27  
ARG CD  HD2  sing N N 28  
ARG CD  HD3  sing N N 29  
ARG NE  CZ   sing N N 30  
ARG NE  HE   sing N N 31  
ARG CZ  NH1  sing N N 32  
ARG CZ  NH2  doub N N 33  
ARG NH1 HH11 sing N N 34  
ARG NH1 HH12 sing N N 35  
ARG NH2 HH21 sing N N 36  
ARG NH2 HH22 sing N N 37  
ARG OXT HXT  sing N N 38  
ASN N   CA   sing N N 39  
ASN N   H    sing N N 40  
ASN N   H2   sing N N 41  
ASN CA  C    sing N N 42  
ASN CA  CB   sing N N 43  
ASN CA  HA   sing N N 44  
ASN C   O    doub N N 45  
ASN C   OXT  sing N N 46  
ASN CB  CG   sing N N 47  
ASN CB  HB2  sing N N 48  
ASN CB  HB3  sing N N 49  
ASN CG  OD1  doub N N 50  
ASN CG  ND2  sing N N 51  
ASN ND2 HD21 sing N N 52  
ASN ND2 HD22 sing N N 53  
ASN OXT HXT  sing N N 54  
ASP N   CA   sing N N 55  
ASP N   H    sing N N 56  
ASP N   H2   sing N N 57  
ASP CA  C    sing N N 58  
ASP CA  CB   sing N N 59  
ASP CA  HA   sing N N 60  
ASP C   O    doub N N 61  
ASP C   OXT  sing N N 62  
ASP CB  CG   sing N N 63  
ASP CB  HB2  sing N N 64  
ASP CB  HB3  sing N N 65  
ASP CG  OD1  doub N N 66  
ASP CG  OD2  sing N N 67  
ASP OD2 HD2  sing N N 68  
ASP OXT HXT  sing N N 69  
EQU C1  C2   doub Y N 70  
EQU C1  C6   sing Y N 71  
EQU C1  O1   sing N N 72  
EQU C2  C3   sing Y N 73  
EQU C2  H2   sing N N 74  
EQU C3  C4   doub Y N 75  
EQU C3  C10  sing Y N 76  
EQU C4  C5   sing Y N 77  
EQU C4  C13  sing Y N 78  
EQU C5  C6   doub Y N 79  
EQU C5  H5   sing N N 80  
EQU C6  H6   sing N N 81  
EQU C10 C11  doub Y N 82  
EQU C10 H10  sing N N 83  
EQU C11 C12  sing Y N 84  
EQU C11 H11  sing N N 85  
EQU C12 C13  doub Y N 86  
EQU C12 C16  sing N N 87  
EQU C13 C19  sing N N 88  
EQU C16 C17  sing N N 89  
EQU C16 C24  sing N N 90  
EQU C16 H16  sing N N 91  
EQU C17 C18  sing N N 92  
EQU C17 C26  sing N N 93  
EQU C17 C27  sing N N 94  
EQU C18 C19  sing N N 95  
EQU C18 H181 sing N N 96  
EQU C18 H182 sing N N 97  
EQU C19 H191 sing N N 98  
EQU C19 H192 sing N N 99  
EQU C24 C25  sing N N 100 
EQU C24 H241 sing N N 101 
EQU C24 H242 sing N N 102 
EQU C25 C26  sing N N 103 
EQU C25 H251 sing N N 104 
EQU C25 H252 sing N N 105 
EQU C26 O26  doub N N 106 
EQU C27 H271 sing N N 107 
EQU C27 H272 sing N N 108 
EQU C27 H273 sing N N 109 
EQU O1  HO1  sing N N 110 
GLN N   CA   sing N N 111 
GLN N   H    sing N N 112 
GLN N   H2   sing N N 113 
GLN CA  C    sing N N 114 
GLN CA  CB   sing N N 115 
GLN CA  HA   sing N N 116 
GLN C   O    doub N N 117 
GLN C   OXT  sing N N 118 
GLN CB  CG   sing N N 119 
GLN CB  HB2  sing N N 120 
GLN CB  HB3  sing N N 121 
GLN CG  CD   sing N N 122 
GLN CG  HG2  sing N N 123 
GLN CG  HG3  sing N N 124 
GLN CD  OE1  doub N N 125 
GLN CD  NE2  sing N N 126 
GLN NE2 HE21 sing N N 127 
GLN NE2 HE22 sing N N 128 
GLN OXT HXT  sing N N 129 
GLU N   CA   sing N N 130 
GLU N   H    sing N N 131 
GLU N   H2   sing N N 132 
GLU CA  C    sing N N 133 
GLU CA  CB   sing N N 134 
GLU CA  HA   sing N N 135 
GLU C   O    doub N N 136 
GLU C   OXT  sing N N 137 
GLU CB  CG   sing N N 138 
GLU CB  HB2  sing N N 139 
GLU CB  HB3  sing N N 140 
GLU CG  CD   sing N N 141 
GLU CG  HG2  sing N N 142 
GLU CG  HG3  sing N N 143 
GLU CD  OE1  doub N N 144 
GLU CD  OE2  sing N N 145 
GLU OE2 HE2  sing N N 146 
GLU OXT HXT  sing N N 147 
GLY N   CA   sing N N 148 
GLY N   H    sing N N 149 
GLY N   H2   sing N N 150 
GLY CA  C    sing N N 151 
GLY CA  HA2  sing N N 152 
GLY CA  HA3  sing N N 153 
GLY C   O    doub N N 154 
GLY C   OXT  sing N N 155 
GLY OXT HXT  sing N N 156 
HIS N   CA   sing N N 157 
HIS N   H    sing N N 158 
HIS N   H2   sing N N 159 
HIS CA  C    sing N N 160 
HIS CA  CB   sing N N 161 
HIS CA  HA   sing N N 162 
HIS C   O    doub N N 163 
HIS C   OXT  sing N N 164 
HIS CB  CG   sing N N 165 
HIS CB  HB2  sing N N 166 
HIS CB  HB3  sing N N 167 
HIS CG  ND1  sing Y N 168 
HIS CG  CD2  doub Y N 169 
HIS ND1 CE1  doub Y N 170 
HIS ND1 HD1  sing N N 171 
HIS CD2 NE2  sing Y N 172 
HIS CD2 HD2  sing N N 173 
HIS CE1 NE2  sing Y N 174 
HIS CE1 HE1  sing N N 175 
HIS NE2 HE2  sing N N 176 
HIS OXT HXT  sing N N 177 
HOH O   H1   sing N N 178 
HOH O   H2   sing N N 179 
ILE N   CA   sing N N 180 
ILE N   H    sing N N 181 
ILE N   H2   sing N N 182 
ILE CA  C    sing N N 183 
ILE CA  CB   sing N N 184 
ILE CA  HA   sing N N 185 
ILE C   O    doub N N 186 
ILE C   OXT  sing N N 187 
ILE CB  CG1  sing N N 188 
ILE CB  CG2  sing N N 189 
ILE CB  HB   sing N N 190 
ILE CG1 CD1  sing N N 191 
ILE CG1 HG12 sing N N 192 
ILE CG1 HG13 sing N N 193 
ILE CG2 HG21 sing N N 194 
ILE CG2 HG22 sing N N 195 
ILE CG2 HG23 sing N N 196 
ILE CD1 HD11 sing N N 197 
ILE CD1 HD12 sing N N 198 
ILE CD1 HD13 sing N N 199 
ILE OXT HXT  sing N N 200 
LEU N   CA   sing N N 201 
LEU N   H    sing N N 202 
LEU N   H2   sing N N 203 
LEU CA  C    sing N N 204 
LEU CA  CB   sing N N 205 
LEU CA  HA   sing N N 206 
LEU C   O    doub N N 207 
LEU C   OXT  sing N N 208 
LEU CB  CG   sing N N 209 
LEU CB  HB2  sing N N 210 
LEU CB  HB3  sing N N 211 
LEU CG  CD1  sing N N 212 
LEU CG  CD2  sing N N 213 
LEU CG  HG   sing N N 214 
LEU CD1 HD11 sing N N 215 
LEU CD1 HD12 sing N N 216 
LEU CD1 HD13 sing N N 217 
LEU CD2 HD21 sing N N 218 
LEU CD2 HD22 sing N N 219 
LEU CD2 HD23 sing N N 220 
LEU OXT HXT  sing N N 221 
LYS N   CA   sing N N 222 
LYS N   H    sing N N 223 
LYS N   H2   sing N N 224 
LYS CA  C    sing N N 225 
LYS CA  CB   sing N N 226 
LYS CA  HA   sing N N 227 
LYS C   O    doub N N 228 
LYS C   OXT  sing N N 229 
LYS CB  CG   sing N N 230 
LYS CB  HB2  sing N N 231 
LYS CB  HB3  sing N N 232 
LYS CG  CD   sing N N 233 
LYS CG  HG2  sing N N 234 
LYS CG  HG3  sing N N 235 
LYS CD  CE   sing N N 236 
LYS CD  HD2  sing N N 237 
LYS CD  HD3  sing N N 238 
LYS CE  NZ   sing N N 239 
LYS CE  HE2  sing N N 240 
LYS CE  HE3  sing N N 241 
LYS NZ  HZ1  sing N N 242 
LYS NZ  HZ2  sing N N 243 
LYS NZ  HZ3  sing N N 244 
LYS OXT HXT  sing N N 245 
MET N   CA   sing N N 246 
MET N   H    sing N N 247 
MET N   H2   sing N N 248 
MET CA  C    sing N N 249 
MET CA  CB   sing N N 250 
MET CA  HA   sing N N 251 
MET C   O    doub N N 252 
MET C   OXT  sing N N 253 
MET CB  CG   sing N N 254 
MET CB  HB2  sing N N 255 
MET CB  HB3  sing N N 256 
MET CG  SD   sing N N 257 
MET CG  HG2  sing N N 258 
MET CG  HG3  sing N N 259 
MET SD  CE   sing N N 260 
MET CE  HE1  sing N N 261 
MET CE  HE2  sing N N 262 
MET CE  HE3  sing N N 263 
MET OXT HXT  sing N N 264 
PHE N   CA   sing N N 265 
PHE N   H    sing N N 266 
PHE N   H2   sing N N 267 
PHE CA  C    sing N N 268 
PHE CA  CB   sing N N 269 
PHE CA  HA   sing N N 270 
PHE C   O    doub N N 271 
PHE C   OXT  sing N N 272 
PHE CB  CG   sing N N 273 
PHE CB  HB2  sing N N 274 
PHE CB  HB3  sing N N 275 
PHE CG  CD1  doub Y N 276 
PHE CG  CD2  sing Y N 277 
PHE CD1 CE1  sing Y N 278 
PHE CD1 HD1  sing N N 279 
PHE CD2 CE2  doub Y N 280 
PHE CD2 HD2  sing N N 281 
PHE CE1 CZ   doub Y N 282 
PHE CE1 HE1  sing N N 283 
PHE CE2 CZ   sing Y N 284 
PHE CE2 HE2  sing N N 285 
PHE CZ  HZ   sing N N 286 
PHE OXT HXT  sing N N 287 
PRO N   CA   sing N N 288 
PRO N   CD   sing N N 289 
PRO N   H    sing N N 290 
PRO CA  C    sing N N 291 
PRO CA  CB   sing N N 292 
PRO CA  HA   sing N N 293 
PRO C   O    doub N N 294 
PRO C   OXT  sing N N 295 
PRO CB  CG   sing N N 296 
PRO CB  HB2  sing N N 297 
PRO CB  HB3  sing N N 298 
PRO CG  CD   sing N N 299 
PRO CG  HG2  sing N N 300 
PRO CG  HG3  sing N N 301 
PRO CD  HD2  sing N N 302 
PRO CD  HD3  sing N N 303 
PRO OXT HXT  sing N N 304 
SER N   CA   sing N N 305 
SER N   H    sing N N 306 
SER N   H2   sing N N 307 
SER CA  C    sing N N 308 
SER CA  CB   sing N N 309 
SER CA  HA   sing N N 310 
SER C   O    doub N N 311 
SER C   OXT  sing N N 312 
SER CB  OG   sing N N 313 
SER CB  HB2  sing N N 314 
SER CB  HB3  sing N N 315 
SER OG  HG   sing N N 316 
SER OXT HXT  sing N N 317 
THR N   CA   sing N N 318 
THR N   H    sing N N 319 
THR N   H2   sing N N 320 
THR CA  C    sing N N 321 
THR CA  CB   sing N N 322 
THR CA  HA   sing N N 323 
THR C   O    doub N N 324 
THR C   OXT  sing N N 325 
THR CB  OG1  sing N N 326 
THR CB  CG2  sing N N 327 
THR CB  HB   sing N N 328 
THR OG1 HG1  sing N N 329 
THR CG2 HG21 sing N N 330 
THR CG2 HG22 sing N N 331 
THR CG2 HG23 sing N N 332 
THR OXT HXT  sing N N 333 
TYR N   CA   sing N N 334 
TYR N   H    sing N N 335 
TYR N   H2   sing N N 336 
TYR CA  C    sing N N 337 
TYR CA  CB   sing N N 338 
TYR CA  HA   sing N N 339 
TYR C   O    doub N N 340 
TYR C   OXT  sing N N 341 
TYR CB  CG   sing N N 342 
TYR CB  HB2  sing N N 343 
TYR CB  HB3  sing N N 344 
TYR CG  CD1  doub Y N 345 
TYR CG  CD2  sing Y N 346 
TYR CD1 CE1  sing Y N 347 
TYR CD1 HD1  sing N N 348 
TYR CD2 CE2  doub Y N 349 
TYR CD2 HD2  sing N N 350 
TYR CE1 CZ   doub Y N 351 
TYR CE1 HE1  sing N N 352 
TYR CE2 CZ   sing Y N 353 
TYR CE2 HE2  sing N N 354 
TYR CZ  OH   sing N N 355 
TYR OH  HH   sing N N 356 
TYR OXT HXT  sing N N 357 
VAL N   CA   sing N N 358 
VAL N   H    sing N N 359 
VAL N   H2   sing N N 360 
VAL CA  C    sing N N 361 
VAL CA  CB   sing N N 362 
VAL CA  HA   sing N N 363 
VAL C   O    doub N N 364 
VAL C   OXT  sing N N 365 
VAL CB  CG1  sing N N 366 
VAL CB  CG2  sing N N 367 
VAL CB  HB   sing N N 368 
VAL CG1 HG11 sing N N 369 
VAL CG1 HG12 sing N N 370 
VAL CG1 HG13 sing N N 371 
VAL CG2 HG21 sing N N 372 
VAL CG2 HG22 sing N N 373 
VAL CG2 HG23 sing N N 374 
VAL OXT HXT  sing N N 375 
# 
_atom_sites.entry_id                    1OGZ 
_atom_sites.fract_transf_matrix[1][1]   -0.00233892 
_atom_sites.fract_transf_matrix[1][2]   0.00022806 
_atom_sites.fract_transf_matrix[1][3]   -0.01886631 
_atom_sites.fract_transf_matrix[2][1]   0.01487682 
_atom_sites.fract_transf_matrix[2][2]   -0.00297301 
_atom_sites.fract_transf_matrix[2][3]   -0.01146018 
_atom_sites.fract_transf_matrix[3][1]   -0.00131321 
_atom_sites.fract_transf_matrix[3][2]   -0.00687831 
_atom_sites.fract_transf_matrix[3][3]   0.00007966 
_atom_sites.fract_transf_vector[1]      1.107643 
_atom_sites.fract_transf_vector[2]      1.469570 
_atom_sites.fract_transf_vector[3]      0.092117 
# 
loop_
_atom_type.symbol 
C 
N 
O 
S 
# 
loop_
_atom_site.group_PDB 
_atom_site.id 
_atom_site.type_symbol 
_atom_site.label_atom_id 
_atom_site.label_alt_id 
_atom_site.label_comp_id 
_atom_site.label_asym_id 
_atom_site.label_entity_id 
_atom_site.label_seq_id 
_atom_site.pdbx_PDB_ins_code 
_atom_site.Cartn_x 
_atom_site.Cartn_y 
_atom_site.Cartn_z 
_atom_site.occupancy 
_atom_site.B_iso_or_equiv 
_atom_site.pdbx_formal_charge 
_atom_site.auth_seq_id 
_atom_site.auth_comp_id 
_atom_site.auth_asym_id 
_atom_site.auth_atom_id 
_atom_site.pdbx_PDB_model_num 
ATOM   1    N N   . MET A 1 1   ? -11.669 -10.797 -15.931 1.00 61.95 ? 1    MET A N   1 
ATOM   2    C CA  . MET A 1 1   ? -11.971 -11.101 -14.501 1.00 61.83 ? 1    MET A CA  1 
ATOM   3    C C   . MET A 1 1   ? -10.845 -10.641 -13.589 1.00 59.68 ? 1    MET A C   1 
ATOM   4    O O   . MET A 1 1   ? -10.042 -9.777  -13.945 1.00 60.24 ? 1    MET A O   1 
ATOM   5    C CB  . MET A 1 1   ? -12.159 -12.605 -14.301 1.00 65.59 ? 1    MET A CB  1 
ATOM   6    C CG  . MET A 1 1   ? -10.871 -13.422 -14.470 1.00 69.70 ? 1    MET A CG  1 
ATOM   7    S SD  . MET A 1 1   ? -11.065 -15.205 -14.141 1.00 74.05 ? 1    MET A SD  1 
ATOM   8    C CE  . MET A 1 1   ? -10.284 -15.923 -15.603 1.00 71.88 ? 1    MET A CE  1 
ATOM   9    N N   . ASN A 1 2   ? -10.799 -11.240 -12.405 1.00 55.90 ? 2    ASN A N   1 
ATOM   10   C CA  . ASN A 1 2   ? -9.779  -10.932 -11.420 1.00 52.09 ? 2    ASN A CA  1 
ATOM   11   C C   . ASN A 1 2   ? -9.039  -12.222 -11.093 1.00 48.79 ? 2    ASN A C   1 
ATOM   12   O O   . ASN A 1 2   ? -9.609  -13.151 -10.529 1.00 48.81 ? 2    ASN A O   1 
ATOM   13   C CB  . ASN A 1 2   ? -10.420 -10.369 -10.160 1.00 52.55 ? 2    ASN A CB  1 
ATOM   14   C CG  . ASN A 1 2   ? -9.401  -9.863  -9.186  1.00 52.64 ? 2    ASN A CG  1 
ATOM   15   O OD1 . ASN A 1 2   ? -8.619  -8.972  -9.506  1.00 54.02 ? 2    ASN A OD1 1 
ATOM   16   N ND2 . ASN A 1 2   ? -9.391  -10.431 -7.987  1.00 53.23 ? 2    ASN A ND2 1 
ATOM   17   N N   . THR A 1 3   ? -7.761  -12.268 -11.438 1.00 45.06 ? 3    THR A N   1 
ATOM   18   C CA  . THR A 1 3   ? -6.963  -13.464 -11.217 1.00 41.08 ? 3    THR A CA  1 
ATOM   19   C C   . THR A 1 3   ? -5.749  -13.229 -10.326 1.00 37.97 ? 3    THR A C   1 
ATOM   20   O O   . THR A 1 3   ? -5.309  -12.099 -10.148 1.00 37.57 ? 3    THR A O   1 
ATOM   21   C CB  . THR A 1 3   ? -6.466  -14.005 -12.556 1.00 41.26 ? 3    THR A CB  1 
ATOM   22   O OG1 . THR A 1 3   ? -5.614  -13.030 -13.171 1.00 40.36 ? 3    THR A OG1 1 
ATOM   23   C CG2 . THR A 1 3   ? -7.635  -14.274 -13.481 1.00 43.35 ? 3    THR A CG2 1 
ATOM   24   N N   . PRO A 1 4   ? -5.194  -14.307 -9.754  1.00 35.65 ? 4    PRO A N   1 
ATOM   25   C CA  . PRO A 1 4   ? -4.017  -14.184 -8.888  1.00 33.95 ? 4    PRO A CA  1 
ATOM   26   C C   . PRO A 1 4   ? -2.909  -13.429 -9.617  1.00 33.10 ? 4    PRO A C   1 
ATOM   27   O O   . PRO A 1 4   ? -2.181  -12.634 -9.020  1.00 30.99 ? 4    PRO A O   1 
ATOM   28   C CB  . PRO A 1 4   ? -3.648  -15.636 -8.612  1.00 34.22 ? 4    PRO A CB  1 
ATOM   29   C CG  . PRO A 1 4   ? -4.990  -16.300 -8.564  1.00 34.96 ? 4    PRO A CG  1 
ATOM   30   C CD  . PRO A 1 4   ? -5.711  -15.687 -9.747  1.00 34.79 ? 4    PRO A CD  1 
ATOM   31   N N   . GLU A 1 5   ? -2.785  -13.692 -10.914 1.00 31.26 ? 5    GLU A N   1 
ATOM   32   C CA  . GLU A 1 5   ? -1.781  -13.027 -11.727 1.00 30.92 ? 5    GLU A CA  1 
ATOM   33   C C   . GLU A 1 5   ? -2.036  -11.520 -11.761 1.00 28.46 ? 5    GLU A C   1 
ATOM   34   O O   . GLU A 1 5   ? -1.102  -10.730 -11.666 1.00 28.48 ? 5    GLU A O   1 
ATOM   35   C CB  . GLU A 1 5   ? -1.802  -13.580 -13.153 1.00 34.66 ? 5    GLU A CB  1 
ATOM   36   C CG  . GLU A 1 5   ? -1.110  -12.680 -14.178 1.00 39.74 ? 5    GLU A CG  1 
ATOM   37   C CD  . GLU A 1 5   ? -1.152  -13.241 -15.597 1.00 43.34 ? 5    GLU A CD  1 
ATOM   38   O OE1 . GLU A 1 5   ? -0.421  -14.219 -15.882 1.00 46.00 ? 5    GLU A OE1 1 
ATOM   39   O OE2 . GLU A 1 5   ? -1.921  -12.703 -16.423 1.00 41.54 ? 5    GLU A OE2 1 
ATOM   40   N N   . HIS A 1 6   ? -3.303  -11.136 -11.902 1.00 25.74 ? 6    HIS A N   1 
ATOM   41   C CA  . HIS A 1 6   ? -3.702  -9.729  -11.959 1.00 22.91 ? 6    HIS A CA  1 
ATOM   42   C C   . HIS A 1 6   ? -3.525  -9.030  -10.614 1.00 21.60 ? 6    HIS A C   1 
ATOM   43   O O   . HIS A 1 6   ? -3.121  -7.870  -10.556 1.00 20.14 ? 6    HIS A O   1 
ATOM   44   C CB  . HIS A 1 6   ? -5.167  -9.612  -12.405 1.00 21.77 ? 6    HIS A CB  1 
ATOM   45   C CG  . HIS A 1 6   ? -5.741  -8.232  -12.274 1.00 23.05 ? 6    HIS A CG  1 
ATOM   46   N ND1 . HIS A 1 6   ? -5.254  -7.149  -12.977 1.00 24.16 ? 6    HIS A ND1 1 
ATOM   47   C CD2 . HIS A 1 6   ? -6.756  -7.757  -11.513 1.00 22.62 ? 6    HIS A CD2 1 
ATOM   48   C CE1 . HIS A 1 6   ? -5.944  -6.068  -12.654 1.00 25.35 ? 6    HIS A CE1 1 
ATOM   49   N NE2 . HIS A 1 6   ? -6.862  -6.409  -11.766 1.00 24.70 ? 6    HIS A NE2 1 
ATOM   50   N N   . MET A 1 7   ? -3.836  -9.740  -9.536  1.00 19.59 ? 7    MET A N   1 
ATOM   51   C CA  . MET A 1 7   ? -3.719  -9.172  -8.200  1.00 19.47 ? 7    MET A CA  1 
ATOM   52   C C   . MET A 1 7   ? -2.260  -9.002  -7.833  1.00 17.53 ? 7    MET A C   1 
ATOM   53   O O   . MET A 1 7   ? -1.891  -8.026  -7.191  1.00 17.93 ? 7    MET A O   1 
ATOM   54   C CB  . MET A 1 7   ? -4.415  -10.070 -7.172  1.00 21.03 ? 7    MET A CB  1 
ATOM   55   C CG  . MET A 1 7   ? -5.881  -10.298 -7.475  1.00 21.25 ? 7    MET A CG  1 
ATOM   56   S SD  . MET A 1 7   ? -6.728  -11.270 -6.218  1.00 24.47 ? 7    MET A SD  1 
ATOM   57   C CE  . MET A 1 7   ? -7.659  -10.062 -5.547  1.00 19.46 ? 7    MET A CE  1 
ATOM   58   N N   . THR A 1 8   ? -1.436  -9.959  -8.241  1.00 16.85 ? 8    THR A N   1 
ATOM   59   C CA  . THR A 1 8   ? -0.011  -9.900  -7.966  1.00 18.40 ? 8    THR A CA  1 
ATOM   60   C C   . THR A 1 8   ? 0.554   -8.727  -8.757  1.00 18.76 ? 8    THR A C   1 
ATOM   61   O O   . THR A 1 8   ? 1.395   -7.971  -8.254  1.00 18.01 ? 8    THR A O   1 
ATOM   62   C CB  . THR A 1 8   ? 0.704   -11.195 -8.413  1.00 18.72 ? 8    THR A CB  1 
ATOM   63   O OG1 . THR A 1 8   ? 0.160   -12.308 -7.700  1.00 21.83 ? 8    THR A OG1 1 
ATOM   64   C CG2 . THR A 1 8   ? 2.200   -11.117 -8.120  1.00 19.43 ? 8    THR A CG2 1 
ATOM   65   N N   . ALA A 1 9   ? 0.084   -8.576  -9.993  1.00 15.61 ? 9    ALA A N   1 
ATOM   66   C CA  . ALA A 1 9   ? 0.548   -7.487  -10.846 1.00 17.45 ? 9    ALA A CA  1 
ATOM   67   C C   . ALA A 1 9   ? 0.163   -6.141  -10.245 1.00 16.20 ? 9    ALA A C   1 
ATOM   68   O O   . ALA A 1 9   ? 0.940   -5.201  -10.291 1.00 17.74 ? 9    ALA A O   1 
ATOM   69   C CB  . ALA A 1 9   ? -0.035  -7.620  -12.257 1.00 17.28 ? 9    ALA A CB  1 
ATOM   70   N N   . VAL A 1 10  ? -1.037  -6.049  -9.682  1.00 17.01 ? 10   VAL A N   1 
ATOM   71   C CA  . VAL A 1 10  ? -1.479  -4.799  -9.074  1.00 17.29 ? 10   VAL A CA  1 
ATOM   72   C C   . VAL A 1 10  ? -0.608  -4.469  -7.872  1.00 16.34 ? 10   VAL A C   1 
ATOM   73   O O   . VAL A 1 10  ? -0.302  -3.307  -7.622  1.00 19.08 ? 10   VAL A O   1 
ATOM   74   C CB  . VAL A 1 10  ? -2.952  -4.872  -8.608  1.00 17.15 ? 10   VAL A CB  1 
ATOM   75   C CG1 . VAL A 1 10  ? -3.325  -3.598  -7.857  1.00 15.18 ? 10   VAL A CG1 1 
ATOM   76   C CG2 . VAL A 1 10  ? -3.869  -5.053  -9.801  1.00 17.93 ? 10   VAL A CG2 1 
ATOM   77   N N   . VAL A 1 11  ? -0.216  -5.489  -7.120  1.00 16.50 ? 11   VAL A N   1 
ATOM   78   C CA  . VAL A 1 11  ? 0.626   -5.265  -5.954  1.00 17.02 ? 11   VAL A CA  1 
ATOM   79   C C   . VAL A 1 11  ? 1.969   -4.711  -6.413  1.00 15.92 ? 11   VAL A C   1 
ATOM   80   O O   . VAL A 1 11  ? 2.529   -3.808  -5.798  1.00 16.07 ? 11   VAL A O   1 
ATOM   81   C CB  . VAL A 1 11  ? 0.850   -6.581  -5.145  1.00 18.62 ? 11   VAL A CB  1 
ATOM   82   C CG1 . VAL A 1 11  ? 1.876   -6.361  -4.027  1.00 17.70 ? 11   VAL A CG1 1 
ATOM   83   C CG2 . VAL A 1 11  ? -0.467  -7.046  -4.548  1.00 17.81 ? 11   VAL A CG2 1 
ATOM   84   N N   . GLN A 1 12  ? 2.477   -5.236  -7.518  1.00 16.47 ? 12   GLN A N   1 
ATOM   85   C CA  . GLN A 1 12  ? 3.761   -4.782  -8.016  1.00 17.38 ? 12   GLN A CA  1 
ATOM   86   C C   . GLN A 1 12  ? 3.699   -3.358  -8.561  1.00 17.17 ? 12   GLN A C   1 
ATOM   87   O O   . GLN A 1 12  ? 4.645   -2.583  -8.384  1.00 16.27 ? 12   GLN A O   1 
ATOM   88   C CB  . GLN A 1 12  ? 4.281   -5.764  -9.062  1.00 18.52 ? 12   GLN A CB  1 
ATOM   89   C CG  . GLN A 1 12  ? 4.329   -7.182  -8.537  1.00 18.91 ? 12   GLN A CG  1 
ATOM   90   C CD  . GLN A 1 12  ? 4.899   -8.163  -9.542  1.00 23.63 ? 12   GLN A CD  1 
ATOM   91   O OE1 . GLN A 1 12  ? 6.051   -8.587  -9.427  1.00 21.92 ? 12   GLN A OE1 1 
ATOM   92   N NE2 . GLN A 1 12  ? 4.094   -8.524  -10.545 1.00 21.14 ? 12   GLN A NE2 1 
ATOM   93   N N   . ARG A 1 13  ? 2.584   -3.012  -9.203  1.00 16.72 ? 13   ARG A N   1 
ATOM   94   C CA  . ARG A 1 13  ? 2.388   -1.664  -9.746  1.00 16.04 ? 13   ARG A CA  1 
ATOM   95   C C   . ARG A 1 13  ? 2.317   -0.691  -8.569  1.00 15.26 ? 13   ARG A C   1 
ATOM   96   O O   . ARG A 1 13  ? 2.888   0.399   -8.605  1.00 12.20 ? 13   ARG A O   1 
ATOM   97   C CB  . ARG A 1 13  ? 1.074   -1.591  -10.548 1.00 17.11 ? 13   ARG A CB  1 
ATOM   98   C CG  . ARG A 1 13  ? 1.076   -2.381  -11.854 1.00 16.55 ? 13   ARG A CG  1 
ATOM   99   C CD  . ARG A 1 13  ? -0.297  -2.334  -12.546 1.00 17.98 ? 13   ARG A CD  1 
ATOM   100  N NE  . ARG A 1 13  ? -0.415  -3.421  -13.515 1.00 17.67 ? 13   ARG A NE  1 
ATOM   101  C CZ  . ARG A 1 13  ? -1.555  -3.851  -14.048 1.00 15.21 ? 13   ARG A CZ  1 
ATOM   102  N NH1 . ARG A 1 13  ? -2.711  -3.288  -13.717 1.00 14.84 ? 13   ARG A NH1 1 
ATOM   103  N NH2 . ARG A 1 13  ? -1.531  -4.864  -14.903 1.00 16.24 ? 13   ARG A NH2 1 
ATOM   104  N N   . TYR A 1 14  ? 1.593   -1.108  -7.532  1.00 15.10 ? 14   TYR A N   1 
ATOM   105  C CA  . TYR A 1 14  ? 1.421   -0.332  -6.309  1.00 14.15 ? 14   TYR A CA  1 
ATOM   106  C C   . TYR A 1 14  ? 2.797   0.016   -5.740  1.00 13.59 ? 14   TYR A C   1 
ATOM   107  O O   . TYR A 1 14  ? 3.103   1.185   -5.484  1.00 14.65 ? 14   TYR A O   1 
ATOM   108  C CB  . TYR A 1 14  ? 0.640   -1.173  -5.301  1.00 14.97 ? 14   TYR A CB  1 
ATOM   109  C CG  . TYR A 1 14  ? 0.354   -0.509  -3.979  1.00 17.28 ? 14   TYR A CG  1 
ATOM   110  C CD1 . TYR A 1 14  ? -0.510  0.582   -3.896  1.00 17.03 ? 14   TYR A CD1 1 
ATOM   111  C CD2 . TYR A 1 14  ? 0.902   -1.010  -2.791  1.00 17.85 ? 14   TYR A CD2 1 
ATOM   112  C CE1 . TYR A 1 14  ? -0.833  1.153   -2.668  1.00 15.84 ? 14   TYR A CE1 1 
ATOM   113  C CE2 . TYR A 1 14  ? 0.588   -0.449  -1.556  1.00 14.88 ? 14   TYR A CE2 1 
ATOM   114  C CZ  . TYR A 1 14  ? -0.283  0.628   -1.499  1.00 18.62 ? 14   TYR A CZ  1 
ATOM   115  O OH  . TYR A 1 14  ? -0.640  1.169   -0.280  1.00 18.49 ? 14   TYR A OH  1 
ATOM   116  N N   . VAL A 1 15  ? 3.625   -1.010  -5.566  1.00 12.76 ? 15   VAL A N   1 
ATOM   117  C CA  . VAL A 1 15  ? 4.973   -0.858  -5.019  1.00 14.03 ? 15   VAL A CA  1 
ATOM   118  C C   . VAL A 1 15  ? 5.855   0.041   -5.873  1.00 15.55 ? 15   VAL A C   1 
ATOM   119  O O   . VAL A 1 15  ? 6.604   0.849   -5.343  1.00 18.50 ? 15   VAL A O   1 
ATOM   120  C CB  . VAL A 1 15  ? 5.681   -2.238  -4.859  1.00 13.42 ? 15   VAL A CB  1 
ATOM   121  C CG1 . VAL A 1 15  ? 7.150   -2.034  -4.487  1.00 12.02 ? 15   VAL A CG1 1 
ATOM   122  C CG2 . VAL A 1 15  ? 4.982   -3.070  -3.781  1.00 10.25 ? 15   VAL A CG2 1 
ATOM   123  N N   . ALA A 1 16  ? 5.767   -0.101  -7.191  1.00 14.72 ? 16   ALA A N   1 
ATOM   124  C CA  . ALA A 1 16  ? 6.571   0.713   -8.091  1.00 15.52 ? 16   ALA A CA  1 
ATOM   125  C C   . ALA A 1 16  ? 6.067   2.152   -8.109  1.00 14.83 ? 16   ALA A C   1 
ATOM   126  O O   . ALA A 1 16  ? 6.849   3.087   -8.282  1.00 16.46 ? 16   ALA A O   1 
ATOM   127  C CB  . ALA A 1 16  ? 6.549   0.114   -9.524  1.00 12.76 ? 16   ALA A CB  1 
ATOM   128  N N   . ALA A 1 17  ? 4.765   2.337   -7.928  1.00 13.69 ? 17   ALA A N   1 
ATOM   129  C CA  . ALA A 1 17  ? 4.210   3.683   -7.930  1.00 15.70 ? 17   ALA A CA  1 
ATOM   130  C C   . ALA A 1 17  ? 4.646   4.486   -6.700  1.00 17.64 ? 17   ALA A C   1 
ATOM   131  O O   . ALA A 1 17  ? 4.942   5.678   -6.817  1.00 17.72 ? 17   ALA A O   1 
ATOM   132  C CB  . ALA A 1 17  ? 2.687   3.632   -8.030  1.00 14.77 ? 17   ALA A CB  1 
ATOM   133  N N   . LEU A 1 18  ? 4.683   3.847   -5.529  1.00 18.68 ? 18   LEU A N   1 
ATOM   134  C CA  . LEU A 1 18  ? 5.117   4.532   -4.309  1.00 18.65 ? 18   LEU A CA  1 
ATOM   135  C C   . LEU A 1 18  ? 6.563   4.955   -4.492  1.00 19.22 ? 18   LEU A C   1 
ATOM   136  O O   . LEU A 1 18  ? 6.963   6.038   -4.076  1.00 18.64 ? 18   LEU A O   1 
ATOM   137  C CB  . LEU A 1 18  ? 5.054   3.619   -3.079  1.00 17.09 ? 18   LEU A CB  1 
ATOM   138  C CG  . LEU A 1 18  ? 3.793   3.382   -2.244  1.00 17.85 ? 18   LEU A CG  1 
ATOM   139  C CD1 . LEU A 1 18  ? 2.944   4.645   -2.182  1.00 16.58 ? 18   LEU A CD1 1 
ATOM   140  C CD2 . LEU A 1 18  ? 3.022   2.244   -2.830  1.00 19.82 ? 18   LEU A CD2 1 
ATOM   141  N N   . ASN A 1 19  ? 7.351   4.073   -5.097  1.00 21.22 ? 19   ASN A N   1 
ATOM   142  C CA  . ASN A 1 19  ? 8.757   4.353   -5.347  1.00 22.42 ? 19   ASN A CA  1 
ATOM   143  C C   . ASN A 1 19  ? 8.927   5.541   -6.271  1.00 23.65 ? 19   ASN A C   1 
ATOM   144  O O   . ASN A 1 19  ? 9.824   6.356   -6.076  1.00 27.20 ? 19   ASN A O   1 
ATOM   145  C CB  . ASN A 1 19  ? 9.445   3.149   -5.982  1.00 21.85 ? 19   ASN A CB  1 
ATOM   146  C CG  . ASN A 1 19  ? 9.988   2.191   -4.960  1.00 22.29 ? 19   ASN A CG  1 
ATOM   147  O OD1 . ASN A 1 19  ? 10.731  2.584   -4.067  1.00 22.65 ? 19   ASN A OD1 1 
ATOM   148  N ND2 . ASN A 1 19  ? 9.629   0.921   -5.085  1.00 22.74 ? 19   ASN A ND2 1 
ATOM   149  N N   . ALA A 1 20  ? 8.066   5.639   -7.277  1.00 23.18 ? 20   ALA A N   1 
ATOM   150  C CA  . ALA A 1 20  ? 8.157   6.727   -8.244  1.00 25.72 ? 20   ALA A CA  1 
ATOM   151  C C   . ALA A 1 20  ? 7.394   7.964   -7.811  1.00 25.94 ? 20   ALA A C   1 
ATOM   152  O O   . ALA A 1 20  ? 7.450   8.990   -8.484  1.00 27.95 ? 20   ALA A O   1 
ATOM   153  C CB  . ALA A 1 20  ? 7.643   6.259   -9.611  1.00 24.59 ? 20   ALA A CB  1 
ATOM   154  N N   . GLY A 1 21  ? 6.684   7.869   -6.692  1.00 26.08 ? 21   GLY A N   1 
ATOM   155  C CA  . GLY A 1 21  ? 5.902   9.003   -6.223  1.00 25.41 ? 21   GLY A CA  1 
ATOM   156  C C   . GLY A 1 21  ? 4.813   9.277   -7.242  1.00 24.42 ? 21   GLY A C   1 
ATOM   157  O O   . GLY A 1 21  ? 4.389   10.413  -7.430  1.00 24.23 ? 21   GLY A O   1 
ATOM   158  N N   . ASP A 1 22  ? 4.376   8.214   -7.911  1.00 24.30 ? 22   ASP A N   1 
ATOM   159  C CA  . ASP A 1 22  ? 3.343   8.279   -8.945  1.00 22.93 ? 22   ASP A CA  1 
ATOM   160  C C   . ASP A 1 22  ? 1.988   8.156   -8.257  1.00 23.26 ? 22   ASP A C   1 
ATOM   161  O O   . ASP A 1 22  ? 1.458   7.062   -8.080  1.00 22.61 ? 22   ASP A O   1 
ATOM   162  C CB  . ASP A 1 22  ? 3.585   7.137   -9.946  1.00 22.25 ? 22   ASP A CB  1 
ATOM   163  C CG  . ASP A 1 22  ? 2.577   7.101   -11.083 1.00 22.78 ? 22   ASP A CG  1 
ATOM   164  O OD1 . ASP A 1 22  ? 1.885   8.106   -11.332 1.00 20.09 ? 22   ASP A OD1 1 
ATOM   165  O OD2 . ASP A 1 22  ? 2.491   6.046   -11.750 1.00 24.12 ? 22   ASP A OD2 1 
ATOM   166  N N   . LEU A 1 23  ? 1.438   9.301   -7.867  1.00 23.76 ? 23   LEU A N   1 
ATOM   167  C CA  . LEU A 1 23  ? 0.163   9.360   -7.162  1.00 24.62 ? 23   LEU A CA  1 
ATOM   168  C C   . LEU A 1 23  ? -1.027  8.955   -8.031  1.00 25.28 ? 23   LEU A C   1 
ATOM   169  O O   . LEU A 1 23  ? -1.944  8.279   -7.555  1.00 24.78 ? 23   LEU A O   1 
ATOM   170  C CB  . LEU A 1 23  ? -0.032  10.771  -6.595  1.00 24.80 ? 23   LEU A CB  1 
ATOM   171  C CG  . LEU A 1 23  ? -1.095  10.999  -5.522  1.00 26.25 ? 23   LEU A CG  1 
ATOM   172  C CD1 . LEU A 1 23  ? -0.895  10.033  -4.358  1.00 23.53 ? 23   LEU A CD1 1 
ATOM   173  C CD2 . LEU A 1 23  ? -1.004  12.440  -5.039  1.00 24.88 ? 23   LEU A CD2 1 
ATOM   174  N N   . ASP A 1 24  ? -1.020  9.356   -9.301  1.00 25.60 ? 24   ASP A N   1 
ATOM   175  C CA  . ASP A 1 24  ? -2.110  8.981   -10.202 1.00 25.77 ? 24   ASP A CA  1 
ATOM   176  C C   . ASP A 1 24  ? -2.078  7.467   -10.414 1.00 23.55 ? 24   ASP A C   1 
ATOM   177  O O   . ASP A 1 24  ? -3.119  6.823   -10.504 1.00 22.32 ? 24   ASP A O   1 
ATOM   178  C CB  . ASP A 1 24  ? -1.978  9.678   -11.570 1.00 28.99 ? 24   ASP A CB  1 
ATOM   179  C CG  . ASP A 1 24  ? -2.354  11.160  -11.529 1.00 33.76 ? 24   ASP A CG  1 
ATOM   180  O OD1 . ASP A 1 24  ? -3.322  11.530  -10.826 1.00 35.86 ? 24   ASP A OD1 1 
ATOM   181  O OD2 . ASP A 1 24  ? -1.688  11.960  -12.221 1.00 36.07 ? 24   ASP A OD2 1 
ATOM   182  N N   . GLY A 1 25  ? -0.871  6.912   -10.500 1.00 22.41 ? 25   GLY A N   1 
ATOM   183  C CA  . GLY A 1 25  ? -0.715  5.485   -10.707 1.00 20.05 ? 25   GLY A CA  1 
ATOM   184  C C   . GLY A 1 25  ? -1.286  4.672   -9.562  1.00 21.00 ? 25   GLY A C   1 
ATOM   185  O O   . GLY A 1 25  ? -1.872  3.608   -9.775  1.00 21.72 ? 25   GLY A O   1 
ATOM   186  N N   . ILE A 1 26  ? -1.118  5.174   -8.343  1.00 20.18 ? 26   ILE A N   1 
ATOM   187  C CA  . ILE A 1 26  ? -1.629  4.493   -7.156  1.00 17.99 ? 26   ILE A CA  1 
ATOM   188  C C   . ILE A 1 26  ? -3.151  4.561   -7.058  1.00 18.34 ? 26   ILE A C   1 
ATOM   189  O O   . ILE A 1 26  ? -3.820  3.534   -6.935  1.00 17.08 ? 26   ILE A O   1 
ATOM   190  C CB  . ILE A 1 26  ? -1.053  5.113   -5.874  1.00 17.72 ? 26   ILE A CB  1 
ATOM   191  C CG1 . ILE A 1 26  ? 0.471   5.005   -5.879  1.00 14.79 ? 26   ILE A CG1 1 
ATOM   192  C CG2 . ILE A 1 26  ? -1.638  4.408   -4.646  1.00 16.47 ? 26   ILE A CG2 1 
ATOM   193  C CD1 . ILE A 1 26  ? 1.102   5.698   -4.699  1.00 15.99 ? 26   ILE A CD1 1 
ATOM   194  N N   . VAL A 1 27  ? -3.696  5.774   -7.125  1.00 18.32 ? 27   VAL A N   1 
ATOM   195  C CA  . VAL A 1 27  ? -5.139  5.954   -7.008  1.00 19.17 ? 27   VAL A CA  1 
ATOM   196  C C   . VAL A 1 27  ? -5.905  5.214   -8.106  1.00 21.26 ? 27   VAL A C   1 
ATOM   197  O O   . VAL A 1 27  ? -6.990  4.665   -7.859  1.00 21.36 ? 27   VAL A O   1 
ATOM   198  C CB  . VAL A 1 27  ? -5.507  7.457   -7.017  1.00 19.34 ? 27   VAL A CB  1 
ATOM   199  C CG1 . VAL A 1 27  ? -6.993  7.642   -6.749  1.00 16.54 ? 27   VAL A CG1 1 
ATOM   200  C CG2 . VAL A 1 27  ? -4.682  8.187   -5.968  1.00 16.48 ? 27   VAL A CG2 1 
ATOM   201  N N   . ALA A 1 28  ? -5.332  5.178   -9.306  1.00 20.66 ? 28   ALA A N   1 
ATOM   202  C CA  . ALA A 1 28  ? -5.951  4.496   -10.437 1.00 22.42 ? 28   ALA A CA  1 
ATOM   203  C C   . ALA A 1 28  ? -6.168  3.004   -10.160 1.00 22.64 ? 28   ALA A C   1 
ATOM   204  O O   . ALA A 1 28  ? -6.949  2.338   -10.842 1.00 23.29 ? 28   ALA A O   1 
ATOM   205  C CB  . ALA A 1 28  ? -5.087  4.675   -11.689 1.00 21.84 ? 28   ALA A CB  1 
ATOM   206  N N   . LEU A 1 29  ? -5.464  2.479   -9.165  1.00 23.81 ? 29   LEU A N   1 
ATOM   207  C CA  . LEU A 1 29  ? -5.592  1.071   -8.796  1.00 23.06 ? 29   LEU A CA  1 
ATOM   208  C C   . LEU A 1 29  ? -6.882  0.810   -8.014  1.00 21.85 ? 29   LEU A C   1 
ATOM   209  O O   . LEU A 1 29  ? -7.394  -0.311  -8.005  1.00 21.72 ? 29   LEU A O   1 
ATOM   210  C CB  . LEU A 1 29  ? -4.392  0.653   -7.934  1.00 20.88 ? 29   LEU A CB  1 
ATOM   211  C CG  . LEU A 1 29  ? -3.206  -0.062  -8.588  1.00 22.94 ? 29   LEU A CG  1 
ATOM   212  C CD1 . LEU A 1 29  ? -2.942  0.485   -9.967  1.00 20.13 ? 29   LEU A CD1 1 
ATOM   213  C CD2 . LEU A 1 29  ? -1.976  0.084   -7.693  1.00 19.89 ? 29   LEU A CD2 1 
ATOM   214  N N   . PHE A 1 30  ? -7.394  1.856   -7.366  1.00 21.27 ? 30   PHE A N   1 
ATOM   215  C CA  . PHE A 1 30  ? -8.593  1.767   -6.523  1.00 23.35 ? 30   PHE A CA  1 
ATOM   216  C C   . PHE A 1 30  ? -9.956  2.024   -7.173  1.00 25.09 ? 30   PHE A C   1 
ATOM   217  O O   . PHE A 1 30  ? -10.064 2.745   -8.166  1.00 26.95 ? 30   PHE A O   1 
ATOM   218  C CB  . PHE A 1 30  ? -8.466  2.734   -5.340  1.00 21.02 ? 30   PHE A CB  1 
ATOM   219  C CG  . PHE A 1 30  ? -7.354  2.397   -4.385  1.00 20.09 ? 30   PHE A CG  1 
ATOM   220  C CD1 . PHE A 1 30  ? -6.034  2.715   -4.689  1.00 15.64 ? 30   PHE A CD1 1 
ATOM   221  C CD2 . PHE A 1 30  ? -7.627  1.727   -3.193  1.00 17.83 ? 30   PHE A CD2 1 
ATOM   222  C CE1 . PHE A 1 30  ? -5.000  2.370   -3.824  1.00 20.04 ? 30   PHE A CE1 1 
ATOM   223  C CE2 . PHE A 1 30  ? -6.593  1.373   -2.317  1.00 18.71 ? 30   PHE A CE2 1 
ATOM   224  C CZ  . PHE A 1 30  ? -5.283  1.692   -2.629  1.00 17.76 ? 30   PHE A CZ  1 
ATOM   225  N N   . ALA A 1 31  ? -10.996 1.433   -6.585  1.00 26.58 ? 31   ALA A N   1 
ATOM   226  C CA  . ALA A 1 31  ? -12.367 1.638   -7.048  1.00 27.03 ? 31   ALA A CA  1 
ATOM   227  C C   . ALA A 1 31  ? -12.712 3.029   -6.538  1.00 28.37 ? 31   ALA A C   1 
ATOM   228  O O   . ALA A 1 31  ? -12.145 3.476   -5.543  1.00 27.06 ? 31   ALA A O   1 
ATOM   229  C CB  . ALA A 1 31  ? -13.296 0.614   -6.423  1.00 26.55 ? 31   ALA A CB  1 
ATOM   230  N N   . ASP A 1 32  ? -13.646 3.705   -7.196  1.00 32.71 ? 32   ASP A N   1 
ATOM   231  C CA  . ASP A 1 32  ? -14.022 5.061   -6.801  1.00 36.77 ? 32   ASP A CA  1 
ATOM   232  C C   . ASP A 1 32  ? -14.514 5.198   -5.359  1.00 37.20 ? 32   ASP A C   1 
ATOM   233  O O   . ASP A 1 32  ? -14.356 6.256   -4.744  1.00 37.95 ? 32   ASP A O   1 
ATOM   234  C CB  . ASP A 1 32  ? -15.097 5.597   -7.746  1.00 41.59 ? 32   ASP A CB  1 
ATOM   235  C CG  . ASP A 1 32  ? -16.412 4.856   -7.605  1.00 47.19 ? 32   ASP A CG  1 
ATOM   236  O OD1 . ASP A 1 32  ? -16.403 3.606   -7.718  1.00 50.41 ? 32   ASP A OD1 1 
ATOM   237  O OD2 . ASP A 1 32  ? -17.450 5.524   -7.381  1.00 48.79 ? 32   ASP A OD2 1 
ATOM   238  N N   . ASP A 1 33  ? -15.103 4.137   -4.818  1.00 36.66 ? 33   ASP A N   1 
ATOM   239  C CA  . ASP A 1 33  ? -15.626 4.178   -3.455  1.00 37.71 ? 33   ASP A CA  1 
ATOM   240  C C   . ASP A 1 33  ? -14.839 3.272   -2.516  1.00 36.74 ? 33   ASP A C   1 
ATOM   241  O O   . ASP A 1 33  ? -15.388 2.749   -1.546  1.00 37.47 ? 33   ASP A O   1 
ATOM   242  C CB  . ASP A 1 33  ? -17.084 3.732   -3.448  1.00 40.37 ? 33   ASP A CB  1 
ATOM   243  C CG  . ASP A 1 33  ? -17.230 2.238   -3.674  1.00 44.63 ? 33   ASP A CG  1 
ATOM   244  O OD1 . ASP A 1 33  ? -16.758 1.743   -4.726  1.00 46.26 ? 33   ASP A OD1 1 
ATOM   245  O OD2 . ASP A 1 33  ? -17.808 1.559   -2.795  1.00 47.63 ? 33   ASP A OD2 1 
ATOM   246  N N   . ALA A 1 34  ? -13.557 3.090   -2.807  1.00 35.16 ? 34   ALA A N   1 
ATOM   247  C CA  . ALA A 1 34  ? -12.698 2.233   -2.002  1.00 32.56 ? 34   ALA A CA  1 
ATOM   248  C C   . ALA A 1 34  ? -12.390 2.825   -0.639  1.00 31.19 ? 34   ALA A C   1 
ATOM   249  O O   . ALA A 1 34  ? -12.695 3.985   -0.369  1.00 31.10 ? 34   ALA A O   1 
ATOM   250  C CB  . ALA A 1 34  ? -11.400 1.958   -2.753  1.00 32.43 ? 34   ALA A CB  1 
ATOM   251  N N   . THR A 1 35  ? -11.789 2.012   0.222   1.00 29.91 ? 35   THR A N   1 
ATOM   252  C CA  . THR A 1 35  ? -11.411 2.449   1.556   1.00 28.43 ? 35   THR A CA  1 
ATOM   253  C C   . THR A 1 35  ? -9.950  2.097   1.803   1.00 27.75 ? 35   THR A C   1 
ATOM   254  O O   . THR A 1 35  ? -9.472  1.047   1.384   1.00 25.33 ? 35   THR A O   1 
ATOM   255  C CB  . THR A 1 35  ? -12.268 1.769   2.643   1.00 29.74 ? 35   THR A CB  1 
ATOM   256  O OG1 . THR A 1 35  ? -12.011 0.358   2.646   1.00 27.46 ? 35   THR A OG1 1 
ATOM   257  C CG2 . THR A 1 35  ? -13.753 2.011   2.381   1.00 28.59 ? 35   THR A CG2 1 
ATOM   258  N N   . VAL A 1 36  ? -9.238  2.986   2.472   1.00 29.41 ? 36   VAL A N   1 
ATOM   259  C CA  . VAL A 1 36  ? -7.839  2.743   2.781   1.00 34.50 ? 36   VAL A CA  1 
ATOM   260  C C   . VAL A 1 36  ? -7.665  2.897   4.281   1.00 36.92 ? 36   VAL A C   1 
ATOM   261  O O   . VAL A 1 36  ? -7.981  3.943   4.845   1.00 37.15 ? 36   VAL A O   1 
ATOM   262  C CB  . VAL A 1 36  ? -6.910  3.742   2.054   1.00 33.44 ? 36   VAL A CB  1 
ATOM   263  C CG1 . VAL A 1 36  ? -5.500  3.631   2.597   1.00 33.28 ? 36   VAL A CG1 1 
ATOM   264  C CG2 . VAL A 1 36  ? -6.912  3.456   0.564   1.00 32.68 ? 36   VAL A CG2 1 
ATOM   265  N N   . GLU A 1 37  ? -7.179  1.842   4.924   1.00 41.69 ? 37   GLU A N   1 
ATOM   266  C CA  . GLU A 1 37  ? -6.970  1.858   6.365   1.00 46.94 ? 37   GLU A CA  1 
ATOM   267  C C   . GLU A 1 37  ? -5.469  1.875   6.611   1.00 50.54 ? 37   GLU A C   1 
ATOM   268  O O   . GLU A 1 37  ? -4.856  0.830   6.838   1.00 50.13 ? 37   GLU A O   1 
ATOM   269  C CB  . GLU A 1 37  ? -7.607  0.616   6.994   1.00 47.79 ? 37   GLU A CB  1 
ATOM   270  C CG  . GLU A 1 37  ? -7.970  0.763   8.462   1.00 49.55 ? 37   GLU A CG  1 
ATOM   271  C CD  . GLU A 1 37  ? -8.725  -0.443  8.992   1.00 50.72 ? 37   GLU A CD  1 
ATOM   272  O OE1 . GLU A 1 37  ? -9.753  -0.818  8.388   1.00 52.02 ? 37   GLU A OE1 1 
ATOM   273  O OE2 . GLU A 1 37  ? -8.293  -1.014  10.015  1.00 51.88 ? 37   GLU A OE2 1 
ATOM   274  N N   . ASP A 1 38  ? -4.895  3.077   6.539   1.00 55.71 ? 38   ASP A N   1 
ATOM   275  C CA  . ASP A 1 38  ? -3.462  3.328   6.724   1.00 60.10 ? 38   ASP A CA  1 
ATOM   276  C C   . ASP A 1 38  ? -2.799  2.507   7.815   1.00 61.33 ? 38   ASP A C   1 
ATOM   277  O O   . ASP A 1 38  ? -1.708  1.963   7.630   1.00 63.17 ? 38   ASP A O   1 
ATOM   278  C CB  . ASP A 1 38  ? -3.225  4.811   7.019   1.00 62.88 ? 38   ASP A CB  1 
ATOM   279  C CG  . ASP A 1 38  ? -1.908  5.064   7.742   1.00 65.75 ? 38   ASP A CG  1 
ATOM   280  O OD1 . ASP A 1 38  ? -0.890  4.417   7.395   1.00 66.72 ? 38   ASP A OD1 1 
ATOM   281  O OD2 . ASP A 1 38  ? -1.892  5.919   8.654   1.00 66.80 ? 38   ASP A OD2 1 
ATOM   282  N N   . ALA A 1 39  ? -3.445  2.463   8.967   1.00 61.54 ? 39   ALA A N   1 
ATOM   283  C CA  . ALA A 1 39  ? -2.944  1.701   10.092  1.00 62.32 ? 39   ALA A CA  1 
ATOM   284  C C   . ALA A 1 39  ? -4.189  1.137   10.748  1.00 62.85 ? 39   ALA A C   1 
ATOM   285  O O   . ALA A 1 39  ? -5.123  1.886   11.053  1.00 62.40 ? 39   ALA A O   1 
ATOM   286  C CB  . ALA A 1 39  ? -2.199  2.610   11.055  1.00 63.15 ? 39   ALA A CB  1 
ATOM   287  N N   . VAL A 1 40  ? -4.222  -0.177  10.945  1.00 70.31 ? 40   VAL A N   1 
ATOM   288  C CA  . VAL A 1 40  ? -5.400  -0.778  11.561  1.00 71.07 ? 40   VAL A CA  1 
ATOM   289  C C   . VAL A 1 40  ? -5.837  0.016   12.790  1.00 71.47 ? 40   VAL A C   1 
ATOM   290  O O   . VAL A 1 40  ? -5.033  0.712   13.416  1.00 71.59 ? 40   VAL A O   1 
ATOM   291  C CB  . VAL A 1 40  ? -5.126  -2.241  11.984  1.00 71.65 ? 40   VAL A CB  1 
ATOM   292  C CG1 . VAL A 1 40  ? -6.403  -2.882  12.517  1.00 70.75 ? 40   VAL A CG1 1 
ATOM   293  C CG2 . VAL A 1 40  ? -4.590  -3.031  10.803  1.00 70.73 ? 40   VAL A CG2 1 
ATOM   294  N N   . GLY A 1 41  ? -7.118  -0.095  13.129  1.00 71.82 ? 41   GLY A N   1 
ATOM   295  C CA  . GLY A 1 41  ? -7.647  0.619   14.275  1.00 71.54 ? 41   GLY A CA  1 
ATOM   296  C C   . GLY A 1 41  ? -8.209  1.980   13.903  1.00 71.40 ? 41   GLY A C   1 
ATOM   297  O O   . GLY A 1 41  ? -9.315  2.332   14.314  1.00 71.38 ? 41   GLY A O   1 
ATOM   298  N N   . SER A 1 42  ? -7.450  2.743   13.119  1.00 71.35 ? 42   SER A N   1 
ATOM   299  C CA  . SER A 1 42  ? -7.869  4.077   12.699  1.00 70.37 ? 42   SER A CA  1 
ATOM   300  C C   . SER A 1 42  ? -9.095  4.020   11.786  1.00 69.75 ? 42   SER A C   1 
ATOM   301  O O   . SER A 1 42  ? -9.475  2.949   11.310  1.00 70.30 ? 42   SER A O   1 
ATOM   302  C CB  . SER A 1 42  ? -6.713  4.775   11.980  1.00 69.99 ? 42   SER A CB  1 
ATOM   303  O OG  . SER A 1 42  ? -6.975  6.156   11.817  1.00 70.12 ? 42   SER A OG  1 
ATOM   304  N N   . GLU A 1 43  ? -9.693  5.183   11.557  1.00 64.05 ? 43   GLU A N   1 
ATOM   305  C CA  . GLU A 1 43  ? -10.878 5.304   10.717  1.00 63.76 ? 43   GLU A CA  1 
ATOM   306  C C   . GLU A 1 43  ? -10.480 5.220   9.245   1.00 62.09 ? 43   GLU A C   1 
ATOM   307  O O   . GLU A 1 43  ? -9.706  6.044   8.757   1.00 61.94 ? 43   GLU A O   1 
ATOM   308  C CB  . GLU A 1 43  ? -11.567 6.643   10.991  1.00 65.67 ? 43   GLU A CB  1 
ATOM   309  C CG  . GLU A 1 43  ? -11.541 7.063   12.458  1.00 68.06 ? 43   GLU A CG  1 
ATOM   310  C CD  . GLU A 1 43  ? -12.296 6.104   13.363  1.00 69.41 ? 43   GLU A CD  1 
ATOM   311  O OE1 . GLU A 1 43  ? -13.546 6.094   13.316  1.00 70.11 ? 43   GLU A OE1 1 
ATOM   312  O OE2 . GLU A 1 43  ? -11.636 5.359   14.120  1.00 70.24 ? 43   GLU A OE2 1 
ATOM   313  N N   . PRO A 1 44  ? -11.010 4.223   8.519   1.00 60.37 ? 44   PRO A N   1 
ATOM   314  C CA  . PRO A 1 44  ? -10.698 4.044   7.099   1.00 58.80 ? 44   PRO A CA  1 
ATOM   315  C C   . PRO A 1 44  ? -11.152 5.202   6.214   1.00 57.15 ? 44   PRO A C   1 
ATOM   316  O O   . PRO A 1 44  ? -12.334 5.540   6.184   1.00 58.37 ? 44   PRO A O   1 
ATOM   317  C CB  . PRO A 1 44  ? -11.413 2.740   6.755   1.00 58.70 ? 44   PRO A CB  1 
ATOM   318  C CG  . PRO A 1 44  ? -12.604 2.767   7.665   1.00 59.26 ? 44   PRO A CG  1 
ATOM   319  C CD  . PRO A 1 44  ? -11.986 3.214   8.969   1.00 59.38 ? 44   PRO A CD  1 
ATOM   320  N N   . ARG A 1 45  ? -10.206 5.811   5.501   1.00 55.02 ? 45   ARG A N   1 
ATOM   321  C CA  . ARG A 1 45  ? -10.508 6.920   4.599   1.00 52.21 ? 45   ARG A CA  1 
ATOM   322  C C   . ARG A 1 45  ? -11.327 6.332   3.454   1.00 48.42 ? 45   ARG A C   1 
ATOM   323  O O   . ARG A 1 45  ? -11.075 5.206   3.037   1.00 46.95 ? 45   ARG A O   1 
ATOM   324  C CB  . ARG A 1 45  ? -9.217  7.515   4.028   1.00 54.38 ? 45   ARG A CB  1 
ATOM   325  C CG  . ARG A 1 45  ? -8.062  7.626   5.014   1.00 58.26 ? 45   ARG A CG  1 
ATOM   326  C CD  . ARG A 1 45  ? -8.288  8.687   6.083   1.00 61.35 ? 45   ARG A CD  1 
ATOM   327  N NE  . ARG A 1 45  ? -7.191  8.704   7.054   1.00 64.09 ? 45   ARG A NE  1 
ATOM   328  C CZ  . ARG A 1 45  ? -5.914  8.922   6.744   1.00 64.56 ? 45   ARG A CZ  1 
ATOM   329  N NH1 . ARG A 1 45  ? -5.557  9.149   5.487   1.00 64.85 ? 45   ARG A NH1 1 
ATOM   330  N NH2 . ARG A 1 45  ? -4.987  8.898   7.693   1.00 64.91 ? 45   ARG A NH2 1 
ATOM   331  N N   . SER A 1 46  ? -12.301 7.084   2.945   1.00 45.05 ? 46   SER A N   1 
ATOM   332  C CA  . SER A 1 46  ? -13.135 6.589   1.850   1.00 42.36 ? 46   SER A CA  1 
ATOM   333  C C   . SER A 1 46  ? -13.246 7.566   0.679   1.00 40.50 ? 46   SER A C   1 
ATOM   334  O O   . SER A 1 46  ? -13.250 8.786   0.868   1.00 40.46 ? 46   SER A O   1 
ATOM   335  C CB  . SER A 1 46  ? -14.538 6.256   2.366   1.00 42.47 ? 46   SER A CB  1 
ATOM   336  O OG  . SER A 1 46  ? -15.337 5.691   1.338   1.00 42.82 ? 46   SER A OG  1 
ATOM   337  N N   . GLY A 1 47  ? -13.335 7.019   -0.530  1.00 37.74 ? 47   GLY A N   1 
ATOM   338  C CA  . GLY A 1 47  ? -13.457 7.857   -1.712  1.00 35.35 ? 47   GLY A CA  1 
ATOM   339  C C   . GLY A 1 47  ? -12.128 8.245   -2.335  1.00 32.13 ? 47   GLY A C   1 
ATOM   340  O O   . GLY A 1 47  ? -11.116 8.368   -1.643  1.00 31.58 ? 47   GLY A O   1 
ATOM   341  N N   . THR A 1 48  ? -12.144 8.452   -3.648  1.00 30.82 ? 48   THR A N   1 
ATOM   342  C CA  . THR A 1 48  ? -10.950 8.820   -4.403  1.00 28.67 ? 48   THR A CA  1 
ATOM   343  C C   . THR A 1 48  ? -10.180 9.987   -3.793  1.00 27.81 ? 48   THR A C   1 
ATOM   344  O O   . THR A 1 48  ? -8.973  9.893   -3.593  1.00 29.00 ? 48   THR A O   1 
ATOM   345  C CB  . THR A 1 48  ? -11.305 9.168   -5.857  1.00 27.51 ? 48   THR A CB  1 
ATOM   346  O OG1 . THR A 1 48  ? -12.049 8.089   -6.432  1.00 24.31 ? 48   THR A OG1 1 
ATOM   347  C CG2 . THR A 1 48  ? -10.034 9.391   -6.681  1.00 26.32 ? 48   THR A CG2 1 
ATOM   348  N N   . ALA A 1 49  ? -10.873 11.078  -3.491  1.00 27.90 ? 49   ALA A N   1 
ATOM   349  C CA  . ALA A 1 49  ? -10.231 12.254  -2.904  1.00 27.27 ? 49   ALA A CA  1 
ATOM   350  C C   . ALA A 1 49  ? -9.507  11.938  -1.599  1.00 27.20 ? 49   ALA A C   1 
ATOM   351  O O   . ALA A 1 49  ? -8.360  12.343  -1.404  1.00 27.57 ? 49   ALA A O   1 
ATOM   352  C CB  . ALA A 1 49  ? -11.263 13.347  -2.671  1.00 29.61 ? 49   ALA A CB  1 
ATOM   353  N N   . ALA A 1 50  ? -10.176 11.217  -0.703  1.00 26.99 ? 50   ALA A N   1 
ATOM   354  C CA  . ALA A 1 50  ? -9.582  10.854  0.586   1.00 25.58 ? 50   ALA A CA  1 
ATOM   355  C C   . ALA A 1 50  ? -8.379  9.938   0.385   1.00 24.91 ? 50   ALA A C   1 
ATOM   356  O O   . ALA A 1 50  ? -7.333  10.133  1.000   1.00 24.29 ? 50   ALA A O   1 
ATOM   357  C CB  . ALA A 1 50  ? -10.616 10.168  1.470   1.00 24.66 ? 50   ALA A CB  1 
ATOM   358  N N   . ILE A 1 51  ? -8.535  8.945   -0.486  1.00 25.66 ? 51   ILE A N   1 
ATOM   359  C CA  . ILE A 1 51  ? -7.462  8.000   -0.780  1.00 25.73 ? 51   ILE A CA  1 
ATOM   360  C C   . ILE A 1 51  ? -6.248  8.725   -1.357  1.00 27.22 ? 51   ILE A C   1 
ATOM   361  O O   . ILE A 1 51  ? -5.119  8.505   -0.916  1.00 27.33 ? 51   ILE A O   1 
ATOM   362  C CB  . ILE A 1 51  ? -7.937  6.917   -1.785  1.00 24.79 ? 51   ILE A CB  1 
ATOM   363  C CG1 . ILE A 1 51  ? -9.022  6.052   -1.139  1.00 22.00 ? 51   ILE A CG1 1 
ATOM   364  C CG2 . ILE A 1 51  ? -6.762  6.041   -2.224  1.00 23.17 ? 51   ILE A CG2 1 
ATOM   365  C CD1 . ILE A 1 51  ? -9.682  5.089   -2.100  1.00 20.92 ? 51   ILE A CD1 1 
ATOM   366  N N   . ARG A 1 52  ? -6.477  9.598   -2.335  1.00 28.16 ? 52   ARG A N   1 
ATOM   367  C CA  . ARG A 1 52  ? -5.379  10.337  -2.947  1.00 29.45 ? 52   ARG A CA  1 
ATOM   368  C C   . ARG A 1 52  ? -4.681  11.259  -1.944  1.00 30.39 ? 52   ARG A C   1 
ATOM   369  O O   . ARG A 1 52  ? -3.455  11.402  -1.968  1.00 29.91 ? 52   ARG A O   1 
ATOM   370  C CB  . ARG A 1 52  ? -5.876  11.169  -4.133  1.00 28.87 ? 52   ARG A CB  1 
ATOM   371  C CG  . ARG A 1 52  ? -4.745  11.682  -5.008  1.00 28.04 ? 52   ARG A CG  1 
ATOM   372  C CD  . ARG A 1 52  ? -5.182  12.796  -5.950  1.00 26.60 ? 52   ARG A CD  1 
ATOM   373  N NE  . ARG A 1 52  ? -4.051  13.274  -6.745  1.00 25.77 ? 52   ARG A NE  1 
ATOM   374  C CZ  . ARG A 1 52  ? -3.636  12.706  -7.874  1.00 23.88 ? 52   ARG A CZ  1 
ATOM   375  N NH1 . ARG A 1 52  ? -4.260  11.639  -8.355  1.00 21.18 ? 52   ARG A NH1 1 
ATOM   376  N NH2 . ARG A 1 52  ? -2.587  13.199  -8.518  1.00 23.85 ? 52   ARG A NH2 1 
ATOM   377  N N   . GLU A 1 53  ? -5.455  11.888  -1.066  1.00 31.75 ? 53   GLU A N   1 
ATOM   378  C CA  . GLU A 1 53  ? -4.870  12.785  -0.076  1.00 33.37 ? 53   GLU A CA  1 
ATOM   379  C C   . GLU A 1 53  ? -3.951  12.017  0.872   1.00 32.72 ? 53   GLU A C   1 
ATOM   380  O O   . GLU A 1 53  ? -2.865  12.484  1.222   1.00 32.50 ? 53   GLU A O   1 
ATOM   381  C CB  . GLU A 1 53  ? -5.965  13.491  0.727   1.00 35.91 ? 53   GLU A CB  1 
ATOM   382  C CG  . GLU A 1 53  ? -5.423  14.303  1.902   1.00 39.51 ? 53   GLU A CG  1 
ATOM   383  C CD  . GLU A 1 53  ? -6.490  15.145  2.586   1.00 43.55 ? 53   GLU A CD  1 
ATOM   384  O OE1 . GLU A 1 53  ? -7.592  14.616  2.865   1.00 43.80 ? 53   GLU A OE1 1 
ATOM   385  O OE2 . GLU A 1 53  ? -6.218  16.338  2.852   1.00 45.59 ? 53   GLU A OE2 1 
ATOM   386  N N   . PHE A 1 54  ? -4.397  10.838  1.290   1.00 31.63 ? 54   PHE A N   1 
ATOM   387  C CA  . PHE A 1 54  ? -3.606  10.009  2.187   1.00 31.05 ? 54   PHE A CA  1 
ATOM   388  C C   . PHE A 1 54  ? -2.256  9.673   1.551   1.00 28.50 ? 54   PHE A C   1 
ATOM   389  O O   . PHE A 1 54  ? -1.205  9.890   2.152   1.00 28.33 ? 54   PHE A O   1 
ATOM   390  C CB  . PHE A 1 54  ? -4.357  8.721   2.522   1.00 33.51 ? 54   PHE A CB  1 
ATOM   391  C CG  . PHE A 1 54  ? -3.501  7.700   3.202   1.00 38.07 ? 54   PHE A CG  1 
ATOM   392  C CD1 . PHE A 1 54  ? -2.865  8.004   4.405   1.00 40.30 ? 54   PHE A CD1 1 
ATOM   393  C CD2 . PHE A 1 54  ? -3.267  6.464   2.608   1.00 38.81 ? 54   PHE A CD2 1 
ATOM   394  C CE1 . PHE A 1 54  ? -1.997  7.092   5.002   1.00 41.39 ? 54   PHE A CE1 1 
ATOM   395  C CE2 . PHE A 1 54  ? -2.403  5.543   3.195   1.00 40.92 ? 54   PHE A CE2 1 
ATOM   396  C CZ  . PHE A 1 54  ? -1.765  5.855   4.392   1.00 42.19 ? 54   PHE A CZ  1 
ATOM   397  N N   . TYR A 1 55  ? -2.284  9.147   0.333   1.00 25.64 ? 55   TYR A N   1 
ATOM   398  C CA  . TYR A 1 55  ? -1.051  8.800   -0.354  1.00 23.58 ? 55   TYR A CA  1 
ATOM   399  C C   . TYR A 1 55  ? -0.202  10.031  -0.640  1.00 23.56 ? 55   TYR A C   1 
ATOM   400  O O   . TYR A 1 55  ? 1.025   9.960   -0.636  1.00 21.35 ? 55   TYR A O   1 
ATOM   401  C CB  . TYR A 1 55  ? -1.366  8.038   -1.643  1.00 21.16 ? 55   TYR A CB  1 
ATOM   402  C CG  . TYR A 1 55  ? -1.707  6.597   -1.369  1.00 23.28 ? 55   TYR A CG  1 
ATOM   403  C CD1 . TYR A 1 55  ? -0.729  5.713   -0.918  1.00 22.80 ? 55   TYR A CD1 1 
ATOM   404  C CD2 . TYR A 1 55  ? -3.010  6.128   -1.495  1.00 21.24 ? 55   TYR A CD2 1 
ATOM   405  C CE1 . TYR A 1 55  ? -1.035  4.405   -0.598  1.00 23.00 ? 55   TYR A CE1 1 
ATOM   406  C CE2 . TYR A 1 55  ? -3.331  4.815   -1.175  1.00 23.37 ? 55   TYR A CE2 1 
ATOM   407  C CZ  . TYR A 1 55  ? -2.337  3.956   -0.726  1.00 22.53 ? 55   TYR A CZ  1 
ATOM   408  O OH  . TYR A 1 55  ? -2.640  2.654   -0.405  1.00 18.93 ? 55   TYR A OH  1 
ATOM   409  N N   . ALA A 1 56  ? -0.855  11.166  -0.870  1.00 24.57 ? 56   ALA A N   1 
ATOM   410  C CA  . ALA A 1 56  ? -0.130  12.402  -1.140  1.00 26.43 ? 56   ALA A CA  1 
ATOM   411  C C   . ALA A 1 56  ? 0.736   12.772  0.057   1.00 27.78 ? 56   ALA A C   1 
ATOM   412  O O   . ALA A 1 56  ? 1.897   13.158  -0.100  1.00 29.00 ? 56   ALA A O   1 
ATOM   413  C CB  . ALA A 1 56  ? -1.105  13.530  -1.445  1.00 26.84 ? 56   ALA A CB  1 
ATOM   414  N N   . ASN A 1 57  ? 0.170   12.655  1.256   1.00 29.91 ? 57   ASN A N   1 
ATOM   415  C CA  . ASN A 1 57  ? 0.911   12.972  2.475   1.00 32.34 ? 57   ASN A CA  1 
ATOM   416  C C   . ASN A 1 57  ? 1.965   11.918  2.805   1.00 33.41 ? 57   ASN A C   1 
ATOM   417  O O   . ASN A 1 57  ? 2.990   12.223  3.420   1.00 34.86 ? 57   ASN A O   1 
ATOM   418  C CB  . ASN A 1 57  ? -0.051  13.138  3.654   1.00 34.41 ? 57   ASN A CB  1 
ATOM   419  C CG  . ASN A 1 57  ? -0.833  14.446  3.591   1.00 37.59 ? 57   ASN A CG  1 
ATOM   420  O OD1 . ASN A 1 57  ? -1.614  14.757  4.493   1.00 38.83 ? 57   ASN A OD1 1 
ATOM   421  N ND2 . ASN A 1 57  ? -0.621  15.220  2.521   1.00 36.15 ? 57   ASN A ND2 1 
ATOM   422  N N   . SER A 1 58  ? 1.715   10.679  2.389   1.00 33.27 ? 58   SER A N   1 
ATOM   423  C CA  . SER A 1 58  ? 2.650   9.584   2.621   1.00 32.59 ? 58   SER A CA  1 
ATOM   424  C C   . SER A 1 58  ? 3.870   9.729   1.715   1.00 32.79 ? 58   SER A C   1 
ATOM   425  O O   . SER A 1 58  ? 4.911   9.114   1.955   1.00 32.59 ? 58   SER A O   1 
ATOM   426  C CB  . SER A 1 58  ? 1.976   8.242   2.337   1.00 32.84 ? 58   SER A CB  1 
ATOM   427  O OG  . SER A 1 58  ? 0.813   8.071   3.124   1.00 33.91 ? 58   SER A OG  1 
ATOM   428  N N   . LEU A 1 59  ? 3.730   10.541  0.672   1.00 33.08 ? 59   LEU A N   1 
ATOM   429  C CA  . LEU A 1 59  ? 4.804   10.764  -0.287  1.00 33.82 ? 59   LEU A CA  1 
ATOM   430  C C   . LEU A 1 59  ? 5.562   12.072  -0.079  1.00 35.31 ? 59   LEU A C   1 
ATOM   431  O O   . LEU A 1 59  ? 6.384   12.458  -0.914  1.00 35.14 ? 59   LEU A O   1 
ATOM   432  C CB  . LEU A 1 59  ? 4.250   10.717  -1.708  1.00 33.38 ? 59   LEU A CB  1 
ATOM   433  C CG  . LEU A 1 59  ? 3.901   9.321   -2.221  1.00 33.09 ? 59   LEU A CG  1 
ATOM   434  C CD1 . LEU A 1 59  ? 3.179   9.428   -3.554  1.00 32.43 ? 59   LEU A CD1 1 
ATOM   435  C CD2 . LEU A 1 59  ? 5.182   8.509   -2.366  1.00 32.28 ? 59   LEU A CD2 1 
ATOM   436  N N   . LYS A 1 60  ? 5.283   12.755  1.027   1.00 36.38 ? 60   LYS A N   1 
ATOM   437  C CA  . LYS A 1 60  ? 5.973   14.002  1.326   1.00 36.32 ? 60   LYS A CA  1 
ATOM   438  C C   . LYS A 1 60  ? 7.465   13.703  1.320   1.00 35.69 ? 60   LYS A C   1 
ATOM   439  O O   . LYS A 1 60  ? 8.258   14.478  0.798   1.00 37.07 ? 60   LYS A O   1 
ATOM   440  C CB  . LYS A 1 60  ? 5.544   14.538  2.694   1.00 37.45 ? 60   LYS A CB  1 
ATOM   441  C CG  . LYS A 1 60  ? 4.737   15.830  2.638   1.00 37.95 ? 60   LYS A CG  1 
ATOM   442  C CD  . LYS A 1 60  ? 3.469   15.670  1.818   1.00 40.49 ? 60   LYS A CD  1 
ATOM   443  C CE  . LYS A 1 60  ? 2.630   16.938  1.844   1.00 42.77 ? 60   LYS A CE  1 
ATOM   444  N NZ  . LYS A 1 60  ? 2.138   17.251  3.213   1.00 43.94 ? 60   LYS A NZ  1 
ATOM   445  N N   . LEU A 1 61  ? 7.839   12.564  1.892   1.00 35.25 ? 61   LEU A N   1 
ATOM   446  C CA  . LEU A 1 61  ? 9.237   12.150  1.924   1.00 34.56 ? 61   LEU A CA  1 
ATOM   447  C C   . LEU A 1 61  ? 9.460   11.111  0.835   1.00 33.91 ? 61   LEU A C   1 
ATOM   448  O O   . LEU A 1 61  ? 8.544   10.385  0.466   1.00 33.82 ? 61   LEU A O   1 
ATOM   449  C CB  . LEU A 1 61  ? 9.601   11.510  3.271   1.00 35.02 ? 61   LEU A CB  1 
ATOM   450  C CG  . LEU A 1 61  ? 9.688   12.323  4.564   1.00 35.11 ? 61   LEU A CG  1 
ATOM   451  C CD1 . LEU A 1 61  ? 10.108  11.396  5.694   1.00 34.16 ? 61   LEU A CD1 1 
ATOM   452  C CD2 . LEU A 1 61  ? 10.697  13.451  4.414   1.00 34.50 ? 61   LEU A CD2 1 
ATOM   453  N N   . PRO A 1 62  ? 10.682  11.045  0.290   1.00 34.13 ? 62   PRO A N   1 
ATOM   454  C CA  . PRO A 1 62  ? 10.996  10.068  -0.757  1.00 32.19 ? 62   PRO A CA  1 
ATOM   455  C C   . PRO A 1 62  ? 10.953  8.657   -0.162  1.00 30.50 ? 62   PRO A C   1 
ATOM   456  O O   . PRO A 1 62  ? 11.635  8.371   0.819   1.00 29.09 ? 62   PRO A O   1 
ATOM   457  C CB  . PRO A 1 62  ? 12.404  10.471  -1.185  1.00 33.21 ? 62   PRO A CB  1 
ATOM   458  C CG  . PRO A 1 62  ? 12.391  11.964  -0.983  1.00 33.78 ? 62   PRO A CG  1 
ATOM   459  C CD  . PRO A 1 62  ? 11.717  12.091  0.362   1.00 34.10 ? 62   PRO A CD  1 
ATOM   460  N N   . LEU A 1 63  ? 10.148  7.775   -0.745  1.00 27.98 ? 63   LEU A N   1 
ATOM   461  C CA  . LEU A 1 63  ? 10.055  6.422   -0.212  1.00 26.10 ? 63   LEU A CA  1 
ATOM   462  C C   . LEU A 1 63  ? 10.700  5.371   -1.100  1.00 24.67 ? 63   LEU A C   1 
ATOM   463  O O   . LEU A 1 63  ? 10.613  5.422   -2.333  1.00 26.11 ? 63   LEU A O   1 
ATOM   464  C CB  . LEU A 1 63  ? 8.592   6.034   0.022   1.00 23.39 ? 63   LEU A CB  1 
ATOM   465  C CG  . LEU A 1 63  ? 7.721   6.961   0.869   1.00 24.94 ? 63   LEU A CG  1 
ATOM   466  C CD1 . LEU A 1 63  ? 6.326   6.377   0.950   1.00 23.47 ? 63   LEU A CD1 1 
ATOM   467  C CD2 . LEU A 1 63  ? 8.302   7.131   2.259   1.00 23.53 ? 63   LEU A CD2 1 
ATOM   468  N N   . ALA A 1 64  ? 11.359  4.422   -0.454  1.00 20.98 ? 64   ALA A N   1 
ATOM   469  C CA  . ALA A 1 64  ? 11.978  3.311   -1.151  1.00 21.74 ? 64   ALA A CA  1 
ATOM   470  C C   . ALA A 1 64  ? 11.232  2.099   -0.602  1.00 22.77 ? 64   ALA A C   1 
ATOM   471  O O   . ALA A 1 64  ? 11.376  1.761   0.578   1.00 21.07 ? 64   ALA A O   1 
ATOM   472  C CB  . ALA A 1 64  ? 13.458  3.216   -0.811  1.00 20.23 ? 64   ALA A CB  1 
ATOM   473  N N   . VAL A 1 65  ? 10.410  1.471   -1.437  1.00 21.73 ? 65   VAL A N   1 
ATOM   474  C CA  . VAL A 1 65  ? 9.659   0.309   -0.996  1.00 21.86 ? 65   VAL A CA  1 
ATOM   475  C C   . VAL A 1 65  ? 9.852   -0.903  -1.895  1.00 22.88 ? 65   VAL A C   1 
ATOM   476  O O   . VAL A 1 65  ? 9.960   -0.783  -3.115  1.00 23.91 ? 65   VAL A O   1 
ATOM   477  C CB  . VAL A 1 65  ? 8.144   0.635   -0.863  1.00 21.19 ? 65   VAL A CB  1 
ATOM   478  C CG1 . VAL A 1 65  ? 7.835   1.958   -1.535  1.00 20.23 ? 65   VAL A CG1 1 
ATOM   479  C CG2 . VAL A 1 65  ? 7.303   -0.486  -1.461  1.00 18.60 ? 65   VAL A CG2 1 
ATOM   480  N N   . GLU A 1 66  ? 9.912   -2.075  -1.281  1.00 22.44 ? 66   GLU A N   1 
ATOM   481  C CA  . GLU A 1 66  ? 10.078  -3.299  -2.038  1.00 25.91 ? 66   GLU A CA  1 
ATOM   482  C C   . GLU A 1 66  ? 9.403   -4.469  -1.352  1.00 25.05 ? 66   GLU A C   1 
ATOM   483  O O   . GLU A 1 66  ? 9.213   -4.472  -0.134  1.00 24.24 ? 66   GLU A O   1 
ATOM   484  C CB  . GLU A 1 66  ? 11.567  -3.620  -2.238  1.00 27.98 ? 66   GLU A CB  1 
ATOM   485  C CG  . GLU A 1 66  ? 12.352  -3.780  -0.949  1.00 33.70 ? 66   GLU A CG  1 
ATOM   486  C CD  . GLU A 1 66  ? 13.712  -4.435  -1.163  1.00 38.30 ? 66   GLU A CD  1 
ATOM   487  O OE1 . GLU A 1 66  ? 14.531  -4.431  -0.215  1.00 39.98 ? 66   GLU A OE1 1 
ATOM   488  O OE2 . GLU A 1 66  ? 13.958  -4.962  -2.271  1.00 38.69 ? 66   GLU A OE2 1 
ATOM   489  N N   . LEU A 1 67  ? 9.028   -5.457  -2.158  1.00 25.07 ? 67   LEU A N   1 
ATOM   490  C CA  . LEU A 1 67  ? 8.408   -6.672  -1.656  1.00 23.67 ? 67   LEU A CA  1 
ATOM   491  C C   . LEU A 1 67  ? 9.545   -7.479  -1.067  1.00 22.65 ? 67   LEU A C   1 
ATOM   492  O O   . LEU A 1 67  ? 10.632  -7.506  -1.630  1.00 23.26 ? 67   LEU A O   1 
ATOM   493  C CB  . LEU A 1 67  ? 7.785   -7.467  -2.799  1.00 22.31 ? 67   LEU A CB  1 
ATOM   494  C CG  . LEU A 1 67  ? 6.573   -6.856  -3.480  1.00 21.86 ? 67   LEU A CG  1 
ATOM   495  C CD1 . LEU A 1 67  ? 6.133   -7.763  -4.633  1.00 20.46 ? 67   LEU A CD1 1 
ATOM   496  C CD2 . LEU A 1 67  ? 5.461   -6.692  -2.455  1.00 22.64 ? 67   LEU A CD2 1 
ATOM   497  N N   . THR A 1 68  ? 9.304   -8.136  0.058   1.00 21.99 ? 68   THR A N   1 
ATOM   498  C CA  . THR A 1 68  ? 10.348  -8.930  0.685   1.00 20.10 ? 68   THR A CA  1 
ATOM   499  C C   . THR A 1 68  ? 10.042  -10.414 0.568   1.00 20.39 ? 68   THR A C   1 
ATOM   500  O O   . THR A 1 68  ? 10.835  -11.258 0.969   1.00 22.43 ? 68   THR A O   1 
ATOM   501  C CB  . THR A 1 68  ? 10.512  -8.539  2.155   1.00 19.12 ? 68   THR A CB  1 
ATOM   502  O OG1 . THR A 1 68  ? 9.230   -8.551  2.801   1.00 18.93 ? 68   THR A OG1 1 
ATOM   503  C CG2 . THR A 1 68  ? 11.117  -7.147  2.261   1.00 15.43 ? 68   THR A CG2 1 
ATOM   504  N N   . GLN A 1 69  ? 8.878   -10.724 0.016   1.00 20.49 ? 69   GLN A N   1 
ATOM   505  C CA  . GLN A 1 69  ? 8.462   -12.104 -0.191  1.00 21.28 ? 69   GLN A CA  1 
ATOM   506  C C   . GLN A 1 69  ? 7.467   -12.135 -1.338  1.00 22.61 ? 69   GLN A C   1 
ATOM   507  O O   . GLN A 1 69  ? 7.040   -11.086 -1.837  1.00 23.61 ? 69   GLN A O   1 
ATOM   508  C CB  . GLN A 1 69  ? 7.794   -12.686 1.071   1.00 21.65 ? 69   GLN A CB  1 
ATOM   509  C CG  . GLN A 1 69  ? 8.754   -13.076 2.191   1.00 23.93 ? 69   GLN A CG  1 
ATOM   510  C CD  . GLN A 1 69  ? 8.099   -13.974 3.237   1.00 24.02 ? 69   GLN A CD  1 
ATOM   511  O OE1 . GLN A 1 69  ? 6.925   -14.328 3.122   1.00 26.09 ? 69   GLN A OE1 1 
ATOM   512  N NE2 . GLN A 1 69  ? 8.860   -14.346 4.258   1.00 22.17 ? 69   GLN A NE2 1 
ATOM   513  N N   . GLU A 1 70  ? 7.093   -13.343 -1.742  1.00 21.39 ? 70   GLU A N   1 
ATOM   514  C CA  . GLU A 1 70  ? 6.138   -13.540 -2.814  1.00 20.99 ? 70   GLU A CA  1 
ATOM   515  C C   . GLU A 1 70  ? 4.784   -13.032 -2.354  1.00 19.30 ? 70   GLU A C   1 
ATOM   516  O O   . GLU A 1 70  ? 4.479   -13.046 -1.161  1.00 19.15 ? 70   GLU A O   1 
ATOM   517  C CB  . GLU A 1 70  ? 6.037   -15.031 -3.144  1.00 22.64 ? 70   GLU A CB  1 
ATOM   518  C CG  . GLU A 1 70  ? 5.508   -15.871 -1.983  1.00 24.55 ? 70   GLU A CG  1 
ATOM   519  C CD  . GLU A 1 70  ? 5.824   -17.356 -2.127  1.00 26.58 ? 70   GLU A CD  1 
ATOM   520  O OE1 . GLU A 1 70  ? 6.996   -17.742 -1.924  1.00 28.22 ? 70   GLU A OE1 1 
ATOM   521  O OE2 . GLU A 1 70  ? 4.905   -18.135 -2.442  1.00 25.67 ? 70   GLU A OE2 1 
ATOM   522  N N   . VAL A 1 71  ? 3.980   -12.573 -3.303  1.00 17.71 ? 71   VAL A N   1 
ATOM   523  C CA  . VAL A 1 71  ? 2.648   -12.076 -2.994  1.00 18.10 ? 71   VAL A CA  1 
ATOM   524  C C   . VAL A 1 71  ? 1.720   -13.278 -2.822  1.00 19.45 ? 71   VAL A C   1 
ATOM   525  O O   . VAL A 1 71  ? 1.912   -14.306 -3.472  1.00 19.27 ? 71   VAL A O   1 
ATOM   526  C CB  . VAL A 1 71  ? 2.115   -11.191 -4.149  1.00 18.95 ? 71   VAL A CB  1 
ATOM   527  C CG1 . VAL A 1 71  ? 0.677   -10.768 -3.882  1.00 12.93 ? 71   VAL A CG1 1 
ATOM   528  C CG2 . VAL A 1 71  ? 3.024   -9.970  -4.329  1.00 16.70 ? 71   VAL A CG2 1 
ATOM   529  N N   . ARG A 1 72  ? 0.734   -13.151 -1.937  1.00 18.26 ? 72   ARG A N   1 
ATOM   530  C CA  . ARG A 1 72  ? -0.239  -14.214 -1.705  1.00 18.83 ? 72   ARG A CA  1 
ATOM   531  C C   . ARG A 1 72  ? -1.572  -13.763 -2.307  1.00 20.55 ? 72   ARG A C   1 
ATOM   532  O O   . ARG A 1 72  ? -2.245  -12.894 -1.752  1.00 20.56 ? 72   ARG A O   1 
ATOM   533  C CB  . ARG A 1 72  ? -0.413  -14.466 -0.200  1.00 18.63 ? 72   ARG A CB  1 
ATOM   534  C CG  . ARG A 1 72  ? 0.579   -15.443 0.435   1.00 18.09 ? 72   ARG A CG  1 
ATOM   535  C CD  . ARG A 1 72  ? 2.006   -14.927 0.474   1.00 17.62 ? 72   ARG A CD  1 
ATOM   536  N NE  . ARG A 1 72  ? 2.798   -15.712 1.423   1.00 17.07 ? 72   ARG A NE  1 
ATOM   537  C CZ  . ARG A 1 72  ? 4.010   -15.379 1.857   1.00 14.88 ? 72   ARG A CZ  1 
ATOM   538  N NH1 . ARG A 1 72  ? 4.597   -14.266 1.428   1.00 16.14 ? 72   ARG A NH1 1 
ATOM   539  N NH2 . ARG A 1 72  ? 4.625   -16.145 2.746   1.00 15.11 ? 72   ARG A NH2 1 
ATOM   540  N N   . ALA A 1 73  ? -1.953  -14.341 -3.443  1.00 21.35 ? 73   ALA A N   1 
ATOM   541  C CA  . ALA A 1 73  ? -3.201  -13.958 -4.096  1.00 21.74 ? 73   ALA A CA  1 
ATOM   542  C C   . ALA A 1 73  ? -4.152  -15.133 -4.256  1.00 22.18 ? 73   ALA A C   1 
ATOM   543  O O   . ALA A 1 73  ? -3.792  -16.171 -4.812  1.00 23.04 ? 73   ALA A O   1 
ATOM   544  C CB  . ALA A 1 73  ? -2.905  -13.341 -5.463  1.00 19.73 ? 73   ALA A CB  1 
ATOM   545  N N   . VAL A 1 74  ? -5.375  -14.958 -3.772  1.00 23.06 ? 74   VAL A N   1 
ATOM   546  C CA  . VAL A 1 74  ? -6.380  -16.004 -3.865  1.00 24.28 ? 74   VAL A CA  1 
ATOM   547  C C   . VAL A 1 74  ? -7.778  -15.404 -3.790  1.00 24.31 ? 74   VAL A C   1 
ATOM   548  O O   . VAL A 1 74  ? -8.046  -14.532 -2.970  1.00 24.93 ? 74   VAL A O   1 
ATOM   549  C CB  . VAL A 1 74  ? -6.194  -17.065 -2.733  1.00 24.67 ? 74   VAL A CB  1 
ATOM   550  C CG1 . VAL A 1 74  ? -6.484  -16.449 -1.370  1.00 21.99 ? 74   VAL A CG1 1 
ATOM   551  C CG2 . VAL A 1 74  ? -7.091  -18.269 -2.991  1.00 23.93 ? 74   VAL A CG2 1 
ATOM   552  N N   . ALA A 1 75  ? -8.657  -15.864 -4.673  1.00 27.32 ? 75   ALA A N   1 
ATOM   553  C CA  . ALA A 1 75  ? -10.045 -15.412 -4.720  1.00 29.05 ? 75   ALA A CA  1 
ATOM   554  C C   . ALA A 1 75  ? -10.303 -13.967 -4.280  1.00 31.17 ? 75   ALA A C   1 
ATOM   555  O O   . ALA A 1 75  ? -10.637 -13.710 -3.116  1.00 35.01 ? 75   ALA A O   1 
ATOM   556  C CB  . ALA A 1 75  ? -10.893 -16.344 -3.887  1.00 29.21 ? 75   ALA A CB  1 
ATOM   557  N N   . ASN A 1 76  ? -10.159 -13.026 -5.200  1.00 30.15 ? 76   ASN A N   1 
ATOM   558  C CA  . ASN A 1 76  ? -10.416 -11.621 -4.888  1.00 30.33 ? 76   ASN A CA  1 
ATOM   559  C C   . ASN A 1 76  ? -9.632  -11.001 -3.730  1.00 27.89 ? 76   ASN A C   1 
ATOM   560  O O   . ASN A 1 76  ? -10.001 -9.933  -3.234  1.00 27.83 ? 76   ASN A O   1 
ATOM   561  C CB  . ASN A 1 76  ? -11.914 -11.422 -4.635  1.00 34.14 ? 76   ASN A CB  1 
ATOM   562  C CG  . ASN A 1 76  ? -12.744 -11.656 -5.879  1.00 37.15 ? 76   ASN A CG  1 
ATOM   563  O OD1 . ASN A 1 76  ? -12.708 -12.735 -6.468  1.00 39.89 ? 76   ASN A OD1 1 
ATOM   564  N ND2 . ASN A 1 76  ? -13.492 -10.641 -6.291  1.00 40.17 ? 76   ASN A ND2 1 
ATOM   565  N N   . GLU A 1 77  ? -8.548  -11.644 -3.311  1.00 25.43 ? 77   GLU A N   1 
ATOM   566  C CA  . GLU A 1 77  ? -7.736  -11.104 -2.223  1.00 25.51 ? 77   GLU A CA  1 
ATOM   567  C C   . GLU A 1 77  ? -6.243  -11.296 -2.420  1.00 23.27 ? 77   GLU A C   1 
ATOM   568  O O   . GLU A 1 77  ? -5.793  -12.257 -3.048  1.00 22.60 ? 77   GLU A O   1 
ATOM   569  C CB  . GLU A 1 77  ? -8.140  -11.726 -0.879  1.00 27.84 ? 77   GLU A CB  1 
ATOM   570  C CG  . GLU A 1 77  ? -9.404  -11.136 -0.280  1.00 34.17 ? 77   GLU A CG  1 
ATOM   571  C CD  . GLU A 1 77  ? -9.827  -11.835 1.001   1.00 37.57 ? 77   GLU A CD  1 
ATOM   572  O OE1 . GLU A 1 77  ? -8.976  -11.995 1.903   1.00 38.41 ? 77   GLU A OE1 1 
ATOM   573  O OE2 . GLU A 1 77  ? -11.012 -12.217 1.106   1.00 39.33 ? 77   GLU A OE2 1 
ATOM   574  N N   . ALA A 1 78  ? -5.477  -10.372 -1.858  1.00 20.39 ? 78   ALA A N   1 
ATOM   575  C CA  . ALA A 1 78  ? -4.030  -10.429 -1.939  1.00 16.46 ? 78   ALA A CA  1 
ATOM   576  C C   . ALA A 1 78  ? -3.441  -9.867  -0.657  1.00 16.73 ? 78   ALA A C   1 
ATOM   577  O O   . ALA A 1 78  ? -3.973  -8.915  -0.077  1.00 15.07 ? 78   ALA A O   1 
ATOM   578  C CB  . ALA A 1 78  ? -3.543  -9.623  -3.132  1.00 13.66 ? 78   ALA A CB  1 
ATOM   579  N N   . ALA A 1 79  ? -2.344  -10.466 -0.212  1.00 16.19 ? 79   ALA A N   1 
ATOM   580  C CA  . ALA A 1 79  ? -1.663  -10.001 0.984   1.00 15.89 ? 79   ALA A CA  1 
ATOM   581  C C   . ALA A 1 79  ? -0.181  -10.053 0.656   1.00 15.66 ? 79   ALA A C   1 
ATOM   582  O O   . ALA A 1 79  ? 0.267   -10.954 -0.048  1.00 17.94 ? 79   ALA A O   1 
ATOM   583  C CB  . ALA A 1 79  ? -1.989  -10.909 2.174   1.00 17.66 ? 79   ALA A CB  1 
ATOM   584  N N   . PHE A 1 80  ? 0.583   -9.086  1.143   1.00 14.06 ? 80   PHE A N   1 
ATOM   585  C CA  . PHE A 1 80  ? 2.002   -9.073  0.856   1.00 13.38 ? 80   PHE A CA  1 
ATOM   586  C C   . PHE A 1 80  ? 2.847   -8.470  1.968   1.00 14.07 ? 80   PHE A C   1 
ATOM   587  O O   . PHE A 1 80  ? 2.401   -7.596  2.704   1.00 14.90 ? 80   PHE A O   1 
ATOM   588  C CB  . PHE A 1 80  ? 2.273   -8.329  -0.463  1.00 12.75 ? 80   PHE A CB  1 
ATOM   589  C CG  . PHE A 1 80  ? 1.602   -6.976  -0.567  1.00 11.07 ? 80   PHE A CG  1 
ATOM   590  C CD1 . PHE A 1 80  ? 0.247   -6.873  -0.865  1.00 10.14 ? 80   PHE A CD1 1 
ATOM   591  C CD2 . PHE A 1 80  ? 2.339   -5.807  -0.407  1.00 12.63 ? 80   PHE A CD2 1 
ATOM   592  C CE1 . PHE A 1 80  ? -0.370  -5.626  -1.013  1.00 10.42 ? 80   PHE A CE1 1 
ATOM   593  C CE2 . PHE A 1 80  ? 1.735   -4.549  -0.554  1.00 11.99 ? 80   PHE A CE2 1 
ATOM   594  C CZ  . PHE A 1 80  ? 0.371   -4.463  -0.860  1.00 12.77 ? 80   PHE A CZ  1 
ATOM   595  N N   . ALA A 1 81  ? 4.073   -8.963  2.079   1.00 14.58 ? 81   ALA A N   1 
ATOM   596  C CA  . ALA A 1 81  ? 5.025   -8.484  3.074   1.00 17.74 ? 81   ALA A CA  1 
ATOM   597  C C   . ALA A 1 81  ? 5.985   -7.585  2.310   1.00 19.99 ? 81   ALA A C   1 
ATOM   598  O O   . ALA A 1 81  ? 6.405   -7.925  1.194   1.00 20.81 ? 81   ALA A O   1 
ATOM   599  C CB  . ALA A 1 81  ? 5.775   -9.653  3.687   1.00 18.73 ? 81   ALA A CB  1 
ATOM   600  N N   . PHE A 1 82  ? 6.330   -6.446  2.899   1.00 18.62 ? 82   PHE A N   1 
ATOM   601  C CA  . PHE A 1 82  ? 7.214   -5.502  2.233   1.00 19.20 ? 82   PHE A CA  1 
ATOM   602  C C   . PHE A 1 82  ? 7.805   -4.497  3.210   1.00 20.51 ? 82   PHE A C   1 
ATOM   603  O O   . PHE A 1 82  ? 7.489   -4.510  4.402   1.00 20.55 ? 82   PHE A O   1 
ATOM   604  C CB  . PHE A 1 82  ? 6.428   -4.740  1.159   1.00 17.91 ? 82   PHE A CB  1 
ATOM   605  C CG  . PHE A 1 82  ? 5.327   -3.863  1.717   1.00 15.53 ? 82   PHE A CG  1 
ATOM   606  C CD1 . PHE A 1 82  ? 4.224   -4.426  2.370   1.00 12.86 ? 82   PHE A CD1 1 
ATOM   607  C CD2 . PHE A 1 82  ? 5.397   -2.478  1.601   1.00 13.47 ? 82   PHE A CD2 1 
ATOM   608  C CE1 . PHE A 1 82  ? 3.212   -3.616  2.898   1.00 14.85 ? 82   PHE A CE1 1 
ATOM   609  C CE2 . PHE A 1 82  ? 4.387   -1.657  2.128   1.00 14.45 ? 82   PHE A CE2 1 
ATOM   610  C CZ  . PHE A 1 82  ? 3.295   -2.224  2.775   1.00 11.02 ? 82   PHE A CZ  1 
ATOM   611  N N   . ILE A 1 83  ? 8.652   -3.616  2.687   1.00 22.04 ? 83   ILE A N   1 
ATOM   612  C CA  . ILE A 1 83  ? 9.273   -2.574  3.494   1.00 21.96 ? 83   ILE A CA  1 
ATOM   613  C C   . ILE A 1 83  ? 9.144   -1.214  2.817   1.00 22.43 ? 83   ILE A C   1 
ATOM   614  O O   . ILE A 1 83  ? 9.141   -1.117  1.585   1.00 20.90 ? 83   ILE A O   1 
ATOM   615  C CB  . ILE A 1 83  ? 10.774  -2.859  3.737   1.00 21.74 ? 83   ILE A CB  1 
ATOM   616  C CG1 . ILE A 1 83  ? 11.478  -3.098  2.402   1.00 20.56 ? 83   ILE A CG1 1 
ATOM   617  C CG2 . ILE A 1 83  ? 10.930  -4.047  4.683   1.00 21.02 ? 83   ILE A CG2 1 
ATOM   618  C CD1 . ILE A 1 83  ? 12.903  -3.649  2.536   1.00 25.91 ? 83   ILE A CD1 1 
ATOM   619  N N   . VAL A 1 84  ? 9.032   -0.181  3.652   1.00 22.56 ? 84   VAL A N   1 
ATOM   620  C CA  . VAL A 1 84  ? 8.917   1.211   3.233   1.00 22.63 ? 84   VAL A CA  1 
ATOM   621  C C   . VAL A 1 84  ? 10.036  1.950   3.960   1.00 25.53 ? 84   VAL A C   1 
ATOM   622  O O   . VAL A 1 84  ? 9.973   2.130   5.177   1.00 27.58 ? 84   VAL A O   1 
ATOM   623  C CB  . VAL A 1 84  ? 7.582   1.820   3.680   1.00 21.56 ? 84   VAL A CB  1 
ATOM   624  C CG1 . VAL A 1 84  ? 7.535   3.295   3.311   1.00 23.39 ? 84   VAL A CG1 1 
ATOM   625  C CG2 . VAL A 1 84  ? 6.435   1.078   3.048   1.00 23.14 ? 84   VAL A CG2 1 
ATOM   626  N N   . SER A 1 85  ? 11.060  2.368   3.225   1.00 25.79 ? 85   SER A N   1 
ATOM   627  C CA  . SER A 1 85  ? 12.194  3.058   3.825   1.00 26.09 ? 85   SER A CA  1 
ATOM   628  C C   . SER A 1 85  ? 12.241  4.535   3.486   1.00 27.38 ? 85   SER A C   1 
ATOM   629  O O   . SER A 1 85  ? 11.903  4.944   2.375   1.00 27.52 ? 85   SER A O   1 
ATOM   630  C CB  . SER A 1 85  ? 13.509  2.415   3.379   1.00 26.39 ? 85   SER A CB  1 
ATOM   631  O OG  . SER A 1 85  ? 13.591  1.059   3.777   1.00 28.17 ? 85   SER A OG  1 
ATOM   632  N N   . PHE A 1 86  ? 12.660  5.334   4.458   1.00 27.17 ? 86   PHE A N   1 
ATOM   633  C CA  . PHE A 1 86  ? 12.789  6.763   4.264   1.00 29.62 ? 86   PHE A CA  1 
ATOM   634  C C   . PHE A 1 86  ? 13.837  7.280   5.227   1.00 31.07 ? 86   PHE A C   1 
ATOM   635  O O   . PHE A 1 86  ? 14.238  6.578   6.158   1.00 30.25 ? 86   PHE A O   1 
ATOM   636  C CB  . PHE A 1 86  ? 11.455  7.483   4.496   1.00 30.66 ? 86   PHE A CB  1 
ATOM   637  C CG  . PHE A 1 86  ? 10.842  7.228   5.846   1.00 34.76 ? 86   PHE A CG  1 
ATOM   638  C CD1 . PHE A 1 86  ? 10.120  6.061   6.091   1.00 36.99 ? 86   PHE A CD1 1 
ATOM   639  C CD2 . PHE A 1 86  ? 10.982  8.158   6.877   1.00 34.85 ? 86   PHE A CD2 1 
ATOM   640  C CE1 . PHE A 1 86  ? 9.542   5.826   7.344   1.00 37.63 ? 86   PHE A CE1 1 
ATOM   641  C CE2 . PHE A 1 86  ? 10.412  7.931   8.128   1.00 35.40 ? 86   PHE A CE2 1 
ATOM   642  C CZ  . PHE A 1 86  ? 9.690   6.764   8.362   1.00 37.07 ? 86   PHE A CZ  1 
ATOM   643  N N   . GLU A 1 87  ? 14.298  8.501   4.989   1.00 32.84 ? 87   GLU A N   1 
ATOM   644  C CA  . GLU A 1 87  ? 15.296  9.105   5.851   1.00 33.87 ? 87   GLU A CA  1 
ATOM   645  C C   . GLU A 1 87  ? 14.827  10.494  6.251   1.00 33.80 ? 87   GLU A C   1 
ATOM   646  O O   . GLU A 1 87  ? 14.226  11.214  5.453   1.00 33.65 ? 87   GLU A O   1 
ATOM   647  C CB  . GLU A 1 87  ? 16.643  9.197   5.133   1.00 37.66 ? 87   GLU A CB  1 
ATOM   648  C CG  . GLU A 1 87  ? 17.821  9.452   6.075   1.00 43.87 ? 87   GLU A CG  1 
ATOM   649  C CD  . GLU A 1 87  ? 19.152  9.526   5.349   1.00 46.98 ? 87   GLU A CD  1 
ATOM   650  O OE1 . GLU A 1 87  ? 19.449  8.596   4.565   1.00 49.16 ? 87   GLU A OE1 1 
ATOM   651  O OE2 . GLU A 1 87  ? 19.902  10.508  5.566   1.00 47.24 ? 87   GLU A OE2 1 
ATOM   652  N N   . TYR A 1 88  ? 15.093  10.857  7.497   1.00 33.08 ? 88   TYR A N   1 
ATOM   653  C CA  . TYR A 1 88  ? 14.710  12.160  8.008   1.00 33.55 ? 88   TYR A CA  1 
ATOM   654  C C   . TYR A 1 88  ? 15.716  12.619  9.059   1.00 32.57 ? 88   TYR A C   1 
ATOM   655  O O   . TYR A 1 88  ? 16.086  11.854  9.957   1.00 31.95 ? 88   TYR A O   1 
ATOM   656  C CB  . TYR A 1 88  ? 13.316  12.096  8.627   1.00 35.06 ? 88   TYR A CB  1 
ATOM   657  C CG  . TYR A 1 88  ? 12.796  13.448  9.054   1.00 37.70 ? 88   TYR A CG  1 
ATOM   658  C CD1 . TYR A 1 88  ? 12.521  14.439  8.110   1.00 37.99 ? 88   TYR A CD1 1 
ATOM   659  C CD2 . TYR A 1 88  ? 12.583  13.742  10.400  1.00 37.65 ? 88   TYR A CD2 1 
ATOM   660  C CE1 . TYR A 1 88  ? 12.047  15.688  8.496   1.00 38.90 ? 88   TYR A CE1 1 
ATOM   661  C CE2 . TYR A 1 88  ? 12.111  14.987  10.797  1.00 39.20 ? 88   TYR A CE2 1 
ATOM   662  C CZ  . TYR A 1 88  ? 11.843  15.955  9.841   1.00 39.52 ? 88   TYR A CZ  1 
ATOM   663  O OH  . TYR A 1 88  ? 11.368  17.190  10.233  1.00 41.13 ? 88   TYR A OH  1 
ATOM   664  N N   . GLN A 1 89  ? 16.157  13.867  8.935   1.00 32.12 ? 89   GLN A N   1 
ATOM   665  C CA  . GLN A 1 89  ? 17.117  14.456  9.866   1.00 31.21 ? 89   GLN A CA  1 
ATOM   666  C C   . GLN A 1 89  ? 18.297  13.536  10.146  1.00 28.15 ? 89   GLN A C   1 
ATOM   667  O O   . GLN A 1 89  ? 18.736  13.412  11.288  1.00 28.49 ? 89   GLN A O   1 
ATOM   668  C CB  . GLN A 1 89  ? 16.423  14.810  11.185  1.00 33.31 ? 89   GLN A CB  1 
ATOM   669  C CG  . GLN A 1 89  ? 15.279  15.797  11.045  1.00 34.27 ? 89   GLN A CG  1 
ATOM   670  C CD  . GLN A 1 89  ? 15.727  17.158  10.539  1.00 37.26 ? 89   GLN A CD  1 
ATOM   671  O OE1 . GLN A 1 89  ? 14.901  18.037  10.283  1.00 39.47 ? 89   GLN A OE1 1 
ATOM   672  N NE2 . GLN A 1 89  ? 17.036  17.342  10.397  1.00 37.61 ? 89   GLN A NE2 1 
ATOM   673  N N   . GLY A 1 90  ? 18.793  12.886  9.100   1.00 28.06 ? 90   GLY A N   1 
ATOM   674  C CA  . GLY A 1 90  ? 19.932  11.993  9.240   1.00 27.80 ? 90   GLY A CA  1 
ATOM   675  C C   . GLY A 1 90  ? 19.595  10.633  9.814   1.00 29.22 ? 90   GLY A C   1 
ATOM   676  O O   . GLY A 1 90  ? 20.488  9.829   10.092  1.00 30.37 ? 90   GLY A O   1 
ATOM   677  N N   . ARG A 1 91  ? 18.304  10.372  9.978   1.00 29.77 ? 91   ARG A N   1 
ATOM   678  C CA  . ARG A 1 91  ? 17.822  9.115   10.541  1.00 31.42 ? 91   ARG A CA  1 
ATOM   679  C C   . ARG A 1 91  ? 17.106  8.249   9.507   1.00 31.43 ? 91   ARG A C   1 
ATOM   680  O O   . ARG A 1 91  ? 16.169  8.703   8.856   1.00 31.33 ? 91   ARG A O   1 
ATOM   681  C CB  . ARG A 1 91  ? 16.868  9.428   11.680  1.00 32.00 ? 91   ARG A CB  1 
ATOM   682  C CG  . ARG A 1 91  ? 16.226  8.225   12.301  1.00 34.83 ? 91   ARG A CG  1 
ATOM   683  C CD  . ARG A 1 91  ? 15.136  8.685   13.221  1.00 33.27 ? 91   ARG A CD  1 
ATOM   684  N NE  . ARG A 1 91  ? 14.918  7.747   14.308  1.00 35.86 ? 91   ARG A NE  1 
ATOM   685  C CZ  . ARG A 1 91  ? 14.141  8.014   15.345  1.00 36.03 ? 91   ARG A CZ  1 
ATOM   686  N NH1 . ARG A 1 91  ? 13.524  9.187   15.409  1.00 35.85 ? 91   ARG A NH1 1 
ATOM   687  N NH2 . ARG A 1 91  ? 13.986  7.120   16.310  1.00 37.91 ? 91   ARG A NH2 1 
ATOM   688  N N   . LYS A 1 92  ? 17.546  7.005   9.366   1.00 32.76 ? 92   LYS A N   1 
ATOM   689  C CA  . LYS A 1 92  ? 16.939  6.084   8.406   1.00 34.79 ? 92   LYS A CA  1 
ATOM   690  C C   . LYS A 1 92  ? 15.928  5.172   9.081   1.00 34.77 ? 92   LYS A C   1 
ATOM   691  O O   . LYS A 1 92  ? 16.265  4.477   10.037  1.00 36.93 ? 92   LYS A O   1 
ATOM   692  C CB  . LYS A 1 92  ? 18.000  5.194   7.745   1.00 35.87 ? 92   LYS A CB  1 
ATOM   693  C CG  . LYS A 1 92  ? 18.930  5.866   6.741   1.00 39.76 ? 92   LYS A CG  1 
ATOM   694  C CD  . LYS A 1 92  ? 19.724  4.796   5.976   1.00 42.45 ? 92   LYS A CD  1 
ATOM   695  C CE  . LYS A 1 92  ? 20.664  5.387   4.931   1.00 43.09 ? 92   LYS A CE  1 
ATOM   696  N NZ  . LYS A 1 92  ? 21.813  6.102   5.551   1.00 46.04 ? 92   LYS A NZ  1 
ATOM   697  N N   . THR A 1 93  ? 14.695  5.161   8.582   1.00 33.16 ? 93   THR A N   1 
ATOM   698  C CA  . THR A 1 93  ? 13.673  4.290   9.148   1.00 31.86 ? 93   THR A CA  1 
ATOM   699  C C   . THR A 1 93  ? 13.173  3.296   8.111   1.00 31.75 ? 93   THR A C   1 
ATOM   700  O O   . THR A 1 93  ? 13.068  3.612   6.922   1.00 32.06 ? 93   THR A O   1 
ATOM   701  C CB  . THR A 1 93  ? 12.457  5.076   9.669   1.00 32.59 ? 93   THR A CB  1 
ATOM   702  O OG1 . THR A 1 93  ? 12.871  5.965   10.712  1.00 34.51 ? 93   THR A OG1 1 
ATOM   703  C CG2 . THR A 1 93  ? 11.401  4.120   10.225  1.00 31.84 ? 93   THR A CG2 1 
ATOM   704  N N   . VAL A 1 94  ? 12.869  2.089   8.579   1.00 30.43 ? 94   VAL A N   1 
ATOM   705  C CA  . VAL A 1 94  ? 12.356  1.023   7.729   1.00 27.58 ? 94   VAL A CA  1 
ATOM   706  C C   . VAL A 1 94  ? 11.131  0.407   8.390   1.00 26.86 ? 94   VAL A C   1 
ATOM   707  O O   . VAL A 1 94  ? 11.253  -0.256  9.422   1.00 28.35 ? 94   VAL A O   1 
ATOM   708  C CB  . VAL A 1 94  ? 13.385  -0.103  7.529   1.00 24.89 ? 94   VAL A CB  1 
ATOM   709  C CG1 . VAL A 1 94  ? 12.790  -1.186  6.640   1.00 19.78 ? 94   VAL A CG1 1 
ATOM   710  C CG2 . VAL A 1 94  ? 14.656  0.451   6.930   1.00 24.26 ? 94   VAL A CG2 1 
ATOM   711  N N   . VAL A 1 95  ? 9.962   0.635   7.798   1.00 24.69 ? 95   VAL A N   1 
ATOM   712  C CA  . VAL A 1 95  ? 8.711   0.085   8.310   1.00 23.33 ? 95   VAL A CA  1 
ATOM   713  C C   . VAL A 1 95  ? 8.403   -1.199  7.532   1.00 23.33 ? 95   VAL A C   1 
ATOM   714  O O   . VAL A 1 95  ? 8.332   -1.186  6.302   1.00 24.02 ? 95   VAL A O   1 
ATOM   715  C CB  . VAL A 1 95  ? 7.545   1.086   8.129   1.00 23.38 ? 95   VAL A CB  1 
ATOM   716  C CG1 . VAL A 1 95  ? 6.306   0.572   8.817   1.00 22.34 ? 95   VAL A CG1 1 
ATOM   717  C CG2 . VAL A 1 95  ? 7.932   2.447   8.697   1.00 24.69 ? 95   VAL A CG2 1 
ATOM   718  N N   . ALA A 1 96  ? 8.230   -2.304  8.255   1.00 22.68 ? 96   ALA A N   1 
ATOM   719  C CA  . ALA A 1 96  ? 7.949   -3.603  7.646   1.00 20.67 ? 96   ALA A CA  1 
ATOM   720  C C   . ALA A 1 96  ? 6.524   -4.083  7.929   1.00 20.72 ? 96   ALA A C   1 
ATOM   721  O O   . ALA A 1 96  ? 6.266   -4.776  8.919   1.00 19.54 ? 96   ALA A O   1 
ATOM   722  C CB  . ALA A 1 96  ? 8.942   -4.631  8.149   1.00 21.14 ? 96   ALA A CB  1 
ATOM   723  N N   . PRO A 1 97  ? 5.576   -3.711  7.067   1.00 18.45 ? 97   PRO A N   1 
ATOM   724  C CA  . PRO A 1 97  ? 4.217   -4.168  7.331   1.00 17.31 ? 97   PRO A CA  1 
ATOM   725  C C   . PRO A 1 97  ? 3.749   -5.295  6.410   1.00 15.98 ? 97   PRO A C   1 
ATOM   726  O O   . PRO A 1 97  ? 4.514   -5.875  5.642   1.00 13.83 ? 97   PRO A O   1 
ATOM   727  C CB  . PRO A 1 97  ? 3.400   -2.899  7.135   1.00 18.54 ? 97   PRO A CB  1 
ATOM   728  C CG  . PRO A 1 97  ? 4.082   -2.265  5.971   1.00 19.77 ? 97   PRO A CG  1 
ATOM   729  C CD  . PRO A 1 97  ? 5.573   -2.517  6.198   1.00 18.89 ? 97   PRO A CD  1 
ATOM   730  N N   . ILE A 1 98  ? 2.475   -5.615  6.534   1.00 14.43 ? 98   ILE A N   1 
ATOM   731  C CA  . ILE A 1 98  ? 1.861   -6.613  5.701   1.00 14.31 ? 98   ILE A CA  1 
ATOM   732  C C   . ILE A 1 98  ? 0.566   -5.929  5.320   1.00 14.88 ? 98   ILE A C   1 
ATOM   733  O O   . ILE A 1 98  ? -0.176  -5.452  6.181   1.00 13.00 ? 98   ILE A O   1 
ATOM   734  C CB  . ILE A 1 98  ? 1.585   -7.934  6.460   1.00 14.52 ? 98   ILE A CB  1 
ATOM   735  C CG1 . ILE A 1 98  ? 2.912   -8.641  6.780   1.00 13.20 ? 98   ILE A CG1 1 
ATOM   736  C CG2 . ILE A 1 98  ? 0.712   -8.835  5.612   1.00 12.22 ? 98   ILE A CG2 1 
ATOM   737  C CD1 . ILE A 1 98  ? 2.778   -9.936  7.572   1.00 11.67 ? 98   ILE A CD1 1 
ATOM   738  N N   . ASP A 1 99  ? 0.324   -5.848  4.020   1.00 15.29 ? 99   ASP A N   1 
ATOM   739  C CA  . ASP A 1 99  ? -0.870  -5.211  3.492   1.00 18.13 ? 99   ASP A CA  1 
ATOM   740  C C   . ASP A 1 99  ? -1.854  -6.248  3.006   1.00 18.92 ? 99   ASP A C   1 
ATOM   741  O O   . ASP A 1 99  ? -1.490  -7.385  2.726   1.00 20.71 ? 99   ASP A O   1 
ATOM   742  C CB  . ASP A 1 99  ? -0.503  -4.303  2.312   1.00 20.63 ? 99   ASP A CB  1 
ATOM   743  C CG  . ASP A 1 99  ? -0.245  -2.862  2.727   1.00 23.58 ? 99   ASP A CG  1 
ATOM   744  O OD1 . ASP A 1 99  ? 0.181   -2.607  3.878   1.00 23.07 ? 99   ASP A OD1 1 
ATOM   745  O OD2 . ASP A 1 99  ? -0.461  -1.982  1.873   1.00 23.78 ? 99   ASP A OD2 1 
ATOM   746  N N   . HIS A 1 100 ? -3.110  -5.842  2.889   1.00 19.20 ? 100  HIS A N   1 
ATOM   747  C CA  . HIS A 1 100 ? -4.147  -6.725  2.405   1.00 18.95 ? 100  HIS A CA  1 
ATOM   748  C C   . HIS A 1 100 ? -5.026  -5.937  1.436   1.00 18.23 ? 100  HIS A C   1 
ATOM   749  O O   . HIS A 1 100 ? -5.513  -4.862  1.774   1.00 18.67 ? 100  HIS A O   1 
ATOM   750  C CB  . HIS A 1 100 ? -4.974  -7.252  3.584   1.00 19.13 ? 100  HIS A CB  1 
ATOM   751  C CG  . HIS A 1 100 ? -6.171  -8.049  3.174   1.00 19.81 ? 100  HIS A CG  1 
ATOM   752  N ND1 . HIS A 1 100 ? -7.378  -7.466  2.852   1.00 22.27 ? 100  HIS A ND1 1 
ATOM   753  C CD2 . HIS A 1 100 ? -6.338  -9.381  3.000   1.00 19.47 ? 100  HIS A CD2 1 
ATOM   754  C CE1 . HIS A 1 100 ? -8.238  -8.405  2.499   1.00 21.72 ? 100  HIS A CE1 1 
ATOM   755  N NE2 . HIS A 1 100 ? -7.632  -9.576  2.580   1.00 21.44 ? 100  HIS A NE2 1 
ATOM   756  N N   . PHE A 1 101 ? -5.199  -6.468  0.230   1.00 17.63 ? 101  PHE A N   1 
ATOM   757  C CA  . PHE A 1 101 ? -6.027  -5.833  -0.788  1.00 19.10 ? 101  PHE A CA  1 
ATOM   758  C C   . PHE A 1 101 ? -7.253  -6.683  -1.064  1.00 20.85 ? 101  PHE A C   1 
ATOM   759  O O   . PHE A 1 101 ? -7.154  -7.899  -1.174  1.00 20.87 ? 101  PHE A O   1 
ATOM   760  C CB  . PHE A 1 101 ? -5.285  -5.699  -2.132  1.00 16.89 ? 101  PHE A CB  1 
ATOM   761  C CG  . PHE A 1 101 ? -4.269  -4.594  -2.190  1.00 16.13 ? 101  PHE A CG  1 
ATOM   762  C CD1 . PHE A 1 101 ? -4.004  -3.791  -1.089  1.00 17.06 ? 101  PHE A CD1 1 
ATOM   763  C CD2 . PHE A 1 101 ? -3.566  -4.368  -3.372  1.00 16.51 ? 101  PHE A CD2 1 
ATOM   764  C CE1 . PHE A 1 101 ? -3.055  -2.777  -1.166  1.00 17.65 ? 101  PHE A CE1 1 
ATOM   765  C CE2 . PHE A 1 101 ? -2.620  -3.363  -3.463  1.00 13.25 ? 101  PHE A CE2 1 
ATOM   766  C CZ  . PHE A 1 101 ? -2.360  -2.561  -2.357  1.00 17.57 ? 101  PHE A CZ  1 
ATOM   767  N N   . ARG A 1 102 ? -8.407  -6.043  -1.186  1.00 24.03 ? 102  ARG A N   1 
ATOM   768  C CA  . ARG A 1 102 ? -9.617  -6.765  -1.535  1.00 27.80 ? 102  ARG A CA  1 
ATOM   769  C C   . ARG A 1 102 ? -10.022 -6.168  -2.874  1.00 28.02 ? 102  ARG A C   1 
ATOM   770  O O   . ARG A 1 102 ? -10.134 -4.948  -3.006  1.00 28.00 ? 102  ARG A O   1 
ATOM   771  C CB  . ARG A 1 102 ? -10.726 -6.560  -0.506  1.00 29.93 ? 102  ARG A CB  1 
ATOM   772  C CG  . ARG A 1 102 ? -11.909 -7.512  -0.720  1.00 34.71 ? 102  ARG A CG  1 
ATOM   773  C CD  . ARG A 1 102 ? -12.822 -7.555  0.500   1.00 40.05 ? 102  ARG A CD  1 
ATOM   774  N NE  . ARG A 1 102 ? -13.675 -6.373  0.612   1.00 44.39 ? 102  ARG A NE  1 
ATOM   775  C CZ  . ARG A 1 102 ? -14.735 -6.140  -0.159  1.00 46.18 ? 102  ARG A CZ  1 
ATOM   776  N NH1 . ARG A 1 102 ? -15.079 -7.011  -1.103  1.00 46.65 ? 102  ARG A NH1 1 
ATOM   777  N NH2 . ARG A 1 102 ? -15.456 -5.037  0.014   1.00 47.18 ? 102  ARG A NH2 1 
ATOM   778  N N   . PHE A 1 103 ? -10.203 -7.032  -3.867  1.00 28.99 ? 103  PHE A N   1 
ATOM   779  C CA  . PHE A 1 103 ? -10.566 -6.612  -5.212  1.00 29.51 ? 103  PHE A CA  1 
ATOM   780  C C   . PHE A 1 103 ? -12.028 -6.888  -5.514  1.00 31.58 ? 103  PHE A C   1 
ATOM   781  O O   . PHE A 1 103 ? -12.692 -7.646  -4.805  1.00 31.19 ? 103  PHE A O   1 
ATOM   782  C CB  . PHE A 1 103 ? -9.733  -7.365  -6.254  1.00 29.75 ? 103  PHE A CB  1 
ATOM   783  C CG  . PHE A 1 103 ? -8.285  -6.967  -6.301  1.00 30.46 ? 103  PHE A CG  1 
ATOM   784  C CD1 . PHE A 1 103 ? -7.445  -7.189  -5.214  1.00 32.23 ? 103  PHE A CD1 1 
ATOM   785  C CD2 . PHE A 1 103 ? -7.746  -6.415  -7.457  1.00 30.39 ? 103  PHE A CD2 1 
ATOM   786  C CE1 . PHE A 1 103 ? -6.085  -6.874  -5.281  1.00 33.00 ? 103  PHE A CE1 1 
ATOM   787  C CE2 . PHE A 1 103 ? -6.393  -6.093  -7.535  1.00 31.27 ? 103  PHE A CE2 1 
ATOM   788  C CZ  . PHE A 1 103 ? -5.561  -6.325  -6.443  1.00 32.03 ? 103  PHE A CZ  1 
ATOM   789  N N   . ASN A 1 104 ? -12.523 -6.263  -6.577  1.00 33.06 ? 104  ASN A N   1 
ATOM   790  C CA  . ASN A 1 104 ? -13.888 -6.487  -7.024  1.00 33.98 ? 104  ASN A CA  1 
ATOM   791  C C   . ASN A 1 104 ? -13.737 -7.292  -8.304  1.00 35.15 ? 104  ASN A C   1 
ATOM   792  O O   . ASN A 1 104 ? -12.623 -7.709  -8.638  1.00 34.81 ? 104  ASN A O   1 
ATOM   793  C CB  . ASN A 1 104 ? -14.624 -5.161  -7.276  1.00 33.36 ? 104  ASN A CB  1 
ATOM   794  C CG  . ASN A 1 104 ? -13.899 -4.247  -8.248  1.00 31.86 ? 104  ASN A CG  1 
ATOM   795  O OD1 . ASN A 1 104 ? -14.140 -3.041  -8.258  1.00 30.95 ? 104  ASN A OD1 1 
ATOM   796  N ND2 . ASN A 1 104 ? -13.022 -4.812  -9.074  1.00 30.87 ? 104  ASN A ND2 1 
ATOM   797  N N   . GLY A 1 105 ? -14.838 -7.521  -9.017  1.00 36.49 ? 105  GLY A N   1 
ATOM   798  C CA  . GLY A 1 105 ? -14.762 -8.298  -10.245 1.00 35.60 ? 105  GLY A CA  1 
ATOM   799  C C   . GLY A 1 105 ? -14.047 -7.583  -11.377 1.00 35.32 ? 105  GLY A C   1 
ATOM   800  O O   . GLY A 1 105 ? -13.551 -8.214  -12.311 1.00 34.38 ? 105  GLY A O   1 
ATOM   801  N N   . ALA A 1 106 ? -13.988 -6.260  -11.285 1.00 35.45 ? 106  ALA A N   1 
ATOM   802  C CA  . ALA A 1 106 ? -13.339 -5.447  -12.301 1.00 35.89 ? 106  ALA A CA  1 
ATOM   803  C C   . ALA A 1 106 ? -11.819 -5.475  -12.172 1.00 35.99 ? 106  ALA A C   1 
ATOM   804  O O   . ALA A 1 106 ? -11.107 -5.021  -13.071 1.00 37.07 ? 106  ALA A O   1 
ATOM   805  C CB  . ALA A 1 106 ? -13.843 -4.013  -12.214 1.00 36.11 ? 106  ALA A CB  1 
ATOM   806  N N   . GLY A 1 107 ? -11.324 -6.012  -11.060 1.00 33.72 ? 107  GLY A N   1 
ATOM   807  C CA  . GLY A 1 107 ? -9.887  -6.072  -10.848 1.00 31.05 ? 107  GLY A CA  1 
ATOM   808  C C   . GLY A 1 107 ? -9.367  -4.831  -10.143 1.00 29.77 ? 107  GLY A C   1 
ATOM   809  O O   . GLY A 1 107 ? -8.156  -4.593  -10.079 1.00 28.71 ? 107  GLY A O   1 
ATOM   810  N N   . LYS A 1 108 ? -10.290 -4.031  -9.622  1.00 26.76 ? 108  LYS A N   1 
ATOM   811  C CA  . LYS A 1 108 ? -9.933  -2.809  -8.914  1.00 27.52 ? 108  LYS A CA  1 
ATOM   812  C C   . LYS A 1 108 ? -9.888  -3.089  -7.419  1.00 25.75 ? 108  LYS A C   1 
ATOM   813  O O   . LYS A 1 108 ? -10.574 -3.984  -6.925  1.00 25.65 ? 108  LYS A O   1 
ATOM   814  C CB  . LYS A 1 108 ? -10.965 -1.709  -9.194  1.00 27.96 ? 108  LYS A CB  1 
ATOM   815  C CG  . LYS A 1 108 ? -11.013 -1.238  -10.638 1.00 30.07 ? 108  LYS A CG  1 
ATOM   816  C CD  . LYS A 1 108 ? -9.723  -0.538  -11.029 1.00 32.77 ? 108  LYS A CD  1 
ATOM   817  C CE  . LYS A 1 108 ? -9.834  0.113   -12.404 1.00 34.30 ? 108  LYS A CE  1 
ATOM   818  N NZ  . LYS A 1 108 ? -8.572  0.817   -12.772 1.00 35.33 ? 108  LYS A NZ  1 
ATOM   819  N N   . VAL A 1 109 ? -9.085  -2.321  -6.698  1.00 23.43 ? 109  VAL A N   1 
ATOM   820  C CA  . VAL A 1 109 ? -8.977  -2.509  -5.263  1.00 22.70 ? 109  VAL A CA  1 
ATOM   821  C C   . VAL A 1 109 ? -10.095 -1.745  -4.559  1.00 22.95 ? 109  VAL A C   1 
ATOM   822  O O   . VAL A 1 109 ? -10.186 -0.531  -4.676  1.00 23.87 ? 109  VAL A O   1 
ATOM   823  C CB  . VAL A 1 109 ? -7.601  -2.024  -4.743  1.00 23.12 ? 109  VAL A CB  1 
ATOM   824  C CG1 . VAL A 1 109 ? -7.479  -2.269  -3.232  1.00 20.74 ? 109  VAL A CG1 1 
ATOM   825  C CG2 . VAL A 1 109 ? -6.495  -2.748  -5.489  1.00 20.61 ? 109  VAL A CG2 1 
ATOM   826  N N   . VAL A 1 110 ? -10.958 -2.464  -3.845  1.00 23.91 ? 110  VAL A N   1 
ATOM   827  C CA  . VAL A 1 110 ? -12.050 -1.818  -3.124  1.00 24.02 ? 110  VAL A CA  1 
ATOM   828  C C   . VAL A 1 110 ? -11.661 -1.603  -1.665  1.00 24.73 ? 110  VAL A C   1 
ATOM   829  O O   . VAL A 1 110 ? -12.219 -0.738  -0.980  1.00 23.21 ? 110  VAL A O   1 
ATOM   830  C CB  . VAL A 1 110 ? -13.353 -2.657  -3.173  1.00 24.89 ? 110  VAL A CB  1 
ATOM   831  C CG1 . VAL A 1 110 ? -13.801 -2.824  -4.614  1.00 28.20 ? 110  VAL A CG1 1 
ATOM   832  C CG2 . VAL A 1 110 ? -13.141 -4.020  -2.519  1.00 24.87 ? 110  VAL A CG2 1 
ATOM   833  N N   . SER A 1 111 ? -10.687 -2.377  -1.194  1.00 24.32 ? 111  SER A N   1 
ATOM   834  C CA  . SER A 1 111 ? -10.260 -2.251  0.194   1.00 26.36 ? 111  SER A CA  1 
ATOM   835  C C   . SER A 1 111 ? -8.796  -2.564  0.439   1.00 24.63 ? 111  SER A C   1 
ATOM   836  O O   . SER A 1 111 ? -8.309  -3.629  0.068   1.00 24.48 ? 111  SER A O   1 
ATOM   837  C CB  . SER A 1 111 ? -11.112 -3.162  1.088   1.00 27.69 ? 111  SER A CB  1 
ATOM   838  O OG  . SER A 1 111 ? -10.771 -3.003  2.455   1.00 31.44 ? 111  SER A OG  1 
ATOM   839  N N   . MET A 1 112 ? -8.100  -1.632  1.077   1.00 25.44 ? 112  MET A N   1 
ATOM   840  C CA  . MET A 1 112 ? -6.699  -1.834  1.410   1.00 26.27 ? 112  MET A CA  1 
ATOM   841  C C   . MET A 1 112 ? -6.521  -1.578  2.904   1.00 25.42 ? 112  MET A C   1 
ATOM   842  O O   . MET A 1 112 ? -7.060  -0.618  3.451   1.00 25.39 ? 112  MET A O   1 
ATOM   843  C CB  . MET A 1 112 ? -5.804  -0.906  0.570   1.00 26.96 ? 112  MET A CB  1 
ATOM   844  C CG  . MET A 1 112 ? -5.124  0.241   1.303   1.00 29.81 ? 112  MET A CG  1 
ATOM   845  S SD  . MET A 1 112 ? -3.793  -0.230  2.431   1.00 33.16 ? 112  MET A SD  1 
ATOM   846  C CE  . MET A 1 112 ? -4.012  0.955   3.687   1.00 28.65 ? 112  MET A CE  1 
ATOM   847  N N   . ARG A 1 113 ? -5.794  -2.468  3.566   1.00 25.12 ? 113  ARG A N   1 
ATOM   848  C CA  . ARG A 1 113 ? -5.539  -2.334  4.993   1.00 25.08 ? 113  ARG A CA  1 
ATOM   849  C C   . ARG A 1 113 ? -4.057  -2.602  5.232   1.00 23.80 ? 113  ARG A C   1 
ATOM   850  O O   . ARG A 1 113 ? -3.519  -3.597  4.755   1.00 22.07 ? 113  ARG A O   1 
ATOM   851  C CB  . ARG A 1 113 ? -6.368  -3.346  5.779   1.00 28.02 ? 113  ARG A CB  1 
ATOM   852  C CG  . ARG A 1 113 ? -7.852  -3.364  5.451   1.00 32.48 ? 113  ARG A CG  1 
ATOM   853  C CD  . ARG A 1 113 ? -8.566  -4.291  6.419   1.00 35.16 ? 113  ARG A CD  1 
ATOM   854  N NE  . ARG A 1 113 ? -8.445  -3.787  7.783   1.00 38.29 ? 113  ARG A NE  1 
ATOM   855  C CZ  . ARG A 1 113 ? -8.402  -4.553  8.869   1.00 40.11 ? 113  ARG A CZ  1 
ATOM   856  N NH1 . ARG A 1 113 ? -8.470  -5.874  8.755   1.00 41.15 ? 113  ARG A NH1 1 
ATOM   857  N NH2 . ARG A 1 113 ? -8.284  -3.997  10.069  1.00 39.30 ? 113  ARG A NH2 1 
ATOM   858  N N   . ALA A 1 114 ? -3.392  -1.705  5.944   1.00 23.45 ? 114  ALA A N   1 
ATOM   859  C CA  . ALA A 1 114 ? -1.972  -1.890  6.218   1.00 24.96 ? 114  ALA A CA  1 
ATOM   860  C C   . ALA A 1 114 ? -1.837  -2.316  7.664   1.00 24.02 ? 114  ALA A C   1 
ATOM   861  O O   . ALA A 1 114 ? -2.343  -1.648  8.560   1.00 23.74 ? 114  ALA A O   1 
ATOM   862  C CB  . ALA A 1 114 ? -1.202  -0.593  5.970   1.00 23.83 ? 114  ALA A CB  1 
ATOM   863  N N   . LEU A 1 115 ? -1.163  -3.435  7.891   1.00 23.63 ? 115  LEU A N   1 
ATOM   864  C CA  . LEU A 1 115 ? -0.996  -3.924  9.244   1.00 22.81 ? 115  LEU A CA  1 
ATOM   865  C C   . LEU A 1 115 ? 0.462   -3.870  9.689   1.00 22.22 ? 115  LEU A C   1 
ATOM   866  O O   . LEU A 1 115 ? 1.343   -4.455  9.057   1.00 21.07 ? 115  LEU A O   1 
ATOM   867  C CB  . LEU A 1 115 ? -1.547  -5.352  9.346   1.00 23.21 ? 115  LEU A CB  1 
ATOM   868  C CG  . LEU A 1 115 ? -2.020  -5.847  10.722  1.00 26.43 ? 115  LEU A CG  1 
ATOM   869  C CD1 . LEU A 1 115 ? -2.914  -7.065  10.560  1.00 23.19 ? 115  LEU A CD1 1 
ATOM   870  C CD2 . LEU A 1 115 ? -0.816  -6.170  11.600  1.00 25.41 ? 115  LEU A CD2 1 
ATOM   871  N N   . PHE A 1 116 ? 0.706   -3.125  10.763  1.00 21.88 ? 116  PHE A N   1 
ATOM   872  C CA  . PHE A 1 116 ? 2.031   -3.006  11.359  1.00 23.85 ? 116  PHE A CA  1 
ATOM   873  C C   . PHE A 1 116 ? 1.935   -2.324  12.729  1.00 24.59 ? 116  PHE A C   1 
ATOM   874  O O   . PHE A 1 116 ? 0.961   -1.618  13.018  1.00 24.94 ? 116  PHE A O   1 
ATOM   875  C CB  . PHE A 1 116 ? 3.006   -2.246  10.438  1.00 26.19 ? 116  PHE A CB  1 
ATOM   876  C CG  . PHE A 1 116 ? 2.655   -0.792  10.217  1.00 27.57 ? 116  PHE A CG  1 
ATOM   877  C CD1 . PHE A 1 116 ? 1.559   -0.434  9.448   1.00 27.73 ? 116  PHE A CD1 1 
ATOM   878  C CD2 . PHE A 1 116 ? 3.448   0.216   10.762  1.00 27.96 ? 116  PHE A CD2 1 
ATOM   879  C CE1 . PHE A 1 116 ? 1.253   0.915   9.218   1.00 31.56 ? 116  PHE A CE1 1 
ATOM   880  C CE2 . PHE A 1 116 ? 3.155   1.562   10.542  1.00 28.91 ? 116  PHE A CE2 1 
ATOM   881  C CZ  . PHE A 1 116 ? 2.054   1.914   9.766   1.00 30.36 ? 116  PHE A CZ  1 
ATOM   882  N N   . GLY A 1 117 ? 2.927   -2.575  13.580  1.00 24.75 ? 117  GLY A N   1 
ATOM   883  C CA  . GLY A 1 117 ? 2.950   -1.989  14.910  1.00 27.30 ? 117  GLY A CA  1 
ATOM   884  C C   . GLY A 1 117 ? 4.334   -1.461  15.248  1.00 28.81 ? 117  GLY A C   1 
ATOM   885  O O   . GLY A 1 117 ? 5.265   -1.598  14.446  1.00 30.62 ? 117  GLY A O   1 
ATOM   886  N N   . GLU A 1 118 ? 4.488   -0.862  16.425  1.00 29.53 ? 118  GLU A N   1 
ATOM   887  C CA  . GLU A 1 118 ? 5.783   -0.319  16.822  1.00 30.87 ? 118  GLU A CA  1 
ATOM   888  C C   . GLU A 1 118 ? 6.950   -1.281  16.617  1.00 29.47 ? 118  GLU A C   1 
ATOM   889  O O   . GLU A 1 118 ? 8.022   -0.859  16.204  1.00 28.18 ? 118  GLU A O   1 
ATOM   890  C CB  . GLU A 1 118 ? 5.746   0.154   18.283  1.00 35.24 ? 118  GLU A CB  1 
ATOM   891  C CG  . GLU A 1 118 ? 5.500   1.652   18.431  1.00 41.10 ? 118  GLU A CG  1 
ATOM   892  C CD  . GLU A 1 118 ? 5.378   2.106   19.883  1.00 45.17 ? 118  GLU A CD  1 
ATOM   893  O OE1 . GLU A 1 118 ? 6.337   1.911   20.667  1.00 48.00 ? 118  GLU A OE1 1 
ATOM   894  O OE2 . GLU A 1 118 ? 4.318   2.669   20.237  1.00 45.99 ? 118  GLU A OE2 1 
ATOM   895  N N   . LYS A 1 119 ? 6.744   -2.567  16.894  1.00 30.26 ? 119  LYS A N   1 
ATOM   896  C CA  . LYS A 1 119 ? 7.808   -3.562  16.724  1.00 30.99 ? 119  LYS A CA  1 
ATOM   897  C C   . LYS A 1 119 ? 8.211   -3.727  15.250  1.00 30.02 ? 119  LYS A C   1 
ATOM   898  O O   . LYS A 1 119 ? 9.277   -4.272  14.947  1.00 30.44 ? 119  LYS A O   1 
ATOM   899  C CB  . LYS A 1 119 ? 7.360   -4.918  17.271  1.00 35.38 ? 119  LYS A CB  1 
ATOM   900  C CG  . LYS A 1 119 ? 6.784   -4.889  18.683  1.00 38.87 ? 119  LYS A CG  1 
ATOM   901  C CD  . LYS A 1 119 ? 7.861   -4.754  19.757  1.00 41.87 ? 119  LYS A CD  1 
ATOM   902  C CE  . LYS A 1 119 ? 7.247   -4.862  21.160  1.00 44.43 ? 119  LYS A CE  1 
ATOM   903  N NZ  . LYS A 1 119 ? 8.271   -4.953  22.245  1.00 44.46 ? 119  LYS A NZ  1 
ATOM   904  N N   . ASN A 1 120 ? 7.358   -3.259  14.340  1.00 27.64 ? 120  ASN A N   1 
ATOM   905  C CA  . ASN A 1 120 ? 7.630   -3.355  12.906  1.00 27.23 ? 120  ASN A CA  1 
ATOM   906  C C   . ASN A 1 120 ? 8.258   -2.078  12.356  1.00 27.84 ? 120  ASN A C   1 
ATOM   907  O O   . ASN A 1 120 ? 8.385   -1.912  11.147  1.00 27.69 ? 120  ASN A O   1 
ATOM   908  C CB  . ASN A 1 120 ? 6.338   -3.652  12.146  1.00 24.14 ? 120  ASN A CB  1 
ATOM   909  C CG  . ASN A 1 120 ? 5.667   -4.922  12.623  1.00 19.90 ? 120  ASN A CG  1 
ATOM   910  O OD1 . ASN A 1 120 ? 4.493   -4.913  13.000  1.00 15.76 ? 120  ASN A OD1 1 
ATOM   911  N ND2 . ASN A 1 120 ? 6.412   -6.023  12.617  1.00 13.94 ? 120  ASN A ND2 1 
ATOM   912  N N   . ILE A 1 121 ? 8.633   -1.172  13.250  1.00 28.98 ? 121  ILE A N   1 
ATOM   913  C CA  . ILE A 1 121 ? 9.261   0.084   12.854  1.00 31.90 ? 121  ILE A CA  1 
ATOM   914  C C   . ILE A 1 121 ? 10.712  0.039   13.302  1.00 32.70 ? 121  ILE A C   1 
ATOM   915  O O   . ILE A 1 121 ? 11.013  0.210   14.480  1.00 35.25 ? 121  ILE A O   1 
ATOM   916  C CB  . ILE A 1 121 ? 8.552   1.294   13.500  1.00 31.13 ? 121  ILE A CB  1 
ATOM   917  C CG1 . ILE A 1 121 ? 7.116   1.376   12.992  1.00 29.28 ? 121  ILE A CG1 1 
ATOM   918  C CG2 . ILE A 1 121 ? 9.291   2.589   13.157  1.00 31.96 ? 121  ILE A CG2 1 
ATOM   919  C CD1 . ILE A 1 121 ? 6.314   2.484   13.630  1.00 29.99 ? 121  ILE A CD1 1 
ATOM   920  N N   . HIS A 1 122 ? 11.604  -0.204  12.353  1.00 34.04 ? 122  HIS A N   1 
ATOM   921  C CA  . HIS A 1 122 ? 13.028  -0.310  12.634  1.00 36.03 ? 122  HIS A CA  1 
ATOM   922  C C   . HIS A 1 122 ? 13.780  0.966   12.293  1.00 38.33 ? 122  HIS A C   1 
ATOM   923  O O   . HIS A 1 122 ? 13.990  1.289   11.124  1.00 36.49 ? 122  HIS A O   1 
ATOM   924  C CB  . HIS A 1 122 ? 13.591  -1.489  11.852  1.00 34.79 ? 122  HIS A CB  1 
ATOM   925  C CG  . HIS A 1 122 ? 12.787  -2.739  12.022  1.00 35.99 ? 122  HIS A CG  1 
ATOM   926  N ND1 . HIS A 1 122 ? 12.906  -3.556  13.125  1.00 36.15 ? 122  HIS A ND1 1 
ATOM   927  C CD2 . HIS A 1 122 ? 11.782  -3.258  11.277  1.00 35.80 ? 122  HIS A CD2 1 
ATOM   928  C CE1 . HIS A 1 122 ? 12.007  -4.523  13.055  1.00 36.45 ? 122  HIS A CE1 1 
ATOM   929  N NE2 . HIS A 1 122 ? 11.311  -4.363  11.943  1.00 36.81 ? 122  HIS A NE2 1 
ATOM   930  N N   . ALA A 1 123 ? 14.181  1.688   13.335  1.00 41.69 ? 123  ALA A N   1 
ATOM   931  C CA  . ALA A 1 123 ? 14.910  2.941   13.176  1.00 44.47 ? 123  ALA A CA  1 
ATOM   932  C C   . ALA A 1 123 ? 16.030  3.041   14.200  1.00 45.58 ? 123  ALA A C   1 
ATOM   933  O O   . ALA A 1 123 ? 15.933  2.488   15.299  1.00 45.97 ? 123  ALA A O   1 
ATOM   934  C CB  . ALA A 1 123 ? 13.956  4.126   13.329  1.00 43.77 ? 123  ALA A CB  1 
ATOM   935  N N   . GLY A 1 124 ? 17.096  3.743   13.830  1.00 47.01 ? 124  GLY A N   1 
ATOM   936  C CA  . GLY A 1 124 ? 18.213  3.916   14.735  1.00 48.42 ? 124  GLY A CA  1 
ATOM   937  C C   . GLY A 1 124 ? 17.869  5.005   15.725  1.00 49.68 ? 124  GLY A C   1 
ATOM   938  O O   . GLY A 1 124 ? 16.698  5.368   15.864  1.00 50.45 ? 124  GLY A O   1 
ATOM   939  N N   . ALA A 1 125 ? 18.882  5.531   16.407  1.00 50.24 ? 125  ALA A N   1 
ATOM   940  C CA  . ALA A 1 125 ? 18.686  6.592   17.391  1.00 51.06 ? 125  ALA A CA  1 
ATOM   941  C C   . ALA A 1 125 ? 17.742  7.683   16.880  1.00 51.22 ? 125  ALA A C   1 
ATOM   942  O O   . ALA A 1 125 ? 16.803  8.045   17.627  1.00 51.85 ? 125  ALA A O   1 
ATOM   943  C CB  . ALA A 1 125 ? 20.034  7.198   17.774  1.00 50.62 ? 125  ALA A CB  1 
ATOM   944  O OXT . ALA A 1 125 ? 17.952  8.169   15.746  1.00 51.38 ? 125  ALA A OXT 1 
HETATM 945  C C1  . EQU B 2 .   ? 1.164   1.119   2.333   1.00 47.47 ? 1126 EQU A C1  1 
HETATM 946  C C2  . EQU B 2 .   ? 1.576   0.860   3.684   1.00 49.51 ? 1126 EQU A C2  1 
HETATM 947  C C3  . EQU B 2 .   ? 2.384   1.802   4.358   1.00 51.86 ? 1126 EQU A C3  1 
HETATM 948  C C4  . EQU B 2 .   ? 2.793   3.076   3.614   1.00 52.45 ? 1126 EQU A C4  1 
HETATM 949  C C5  . EQU B 2 .   ? 2.333   3.268   2.246   1.00 50.06 ? 1126 EQU A C5  1 
HETATM 950  C C6  . EQU B 2 .   ? 1.528   2.288   1.631   1.00 49.14 ? 1126 EQU A C6  1 
HETATM 951  C C10 . EQU B 2 .   ? 2.823   1.575   5.723   1.00 54.12 ? 1126 EQU A C10 1 
HETATM 952  C C11 . EQU B 2 .   ? 3.651   2.540   6.390   1.00 54.99 ? 1126 EQU A C11 1 
HETATM 953  C C12 . EQU B 2 .   ? 4.056   3.748   5.720   1.00 55.58 ? 1126 EQU A C12 1 
HETATM 954  C C13 . EQU B 2 .   ? 3.611   4.018   4.300   1.00 54.78 ? 1126 EQU A C13 1 
HETATM 955  C C16 . EQU B 2 .   ? 4.990   4.835   6.409   1.00 57.42 ? 1126 EQU A C16 1 
HETATM 956  C C17 . EQU B 2 .   ? 4.837   6.382   5.921   1.00 58.18 ? 1126 EQU A C17 1 
HETATM 957  C C18 . EQU B 2 .   ? 4.945   6.395   4.341   1.00 58.04 ? 1126 EQU A C18 1 
HETATM 958  C C19 . EQU B 2 .   ? 4.085   5.360   3.637   1.00 56.60 ? 1126 EQU A C19 1 
HETATM 959  C C24 . EQU B 2 .   ? 4.923   5.076   7.942   1.00 57.18 ? 1126 EQU A C24 1 
HETATM 960  C C25 . EQU B 2 .   ? 6.014   6.196   8.087   1.00 58.49 ? 1126 EQU A C25 1 
HETATM 961  C C26 . EQU B 2 .   ? 5.908   7.004   6.777   1.00 59.18 ? 1126 EQU A C26 1 
HETATM 962  C C27 . EQU B 2 .   ? 3.452   7.120   6.272   1.00 58.80 ? 1126 EQU A C27 1 
HETATM 963  O O1  . EQU B 2 .   ? 0.414   0.236   1.710   1.00 45.27 ? 1126 EQU A O1  1 
HETATM 964  O O26 . EQU B 2 .   ? 6.593   8.000   6.461   1.00 59.90 ? 1126 EQU A O26 1 
HETATM 965  O O   . HOH C 3 .   ? -9.703  -9.937  -18.147 1.00 38.91 ? 2001 HOH A O   1 
HETATM 966  O O   . HOH C 3 .   ? 13.815  14.075  -3.495  1.00 49.52 ? 2002 HOH A O   1 
HETATM 967  O O   . HOH C 3 .   ? 3.585   -14.873 -6.843  1.00 30.73 ? 2003 HOH A O   1 
HETATM 968  O O   . HOH C 3 .   ? 1.461   -11.525 -11.838 1.00 53.56 ? 2004 HOH A O   1 
HETATM 969  O O   . HOH C 3 .   ? -2.973  -16.302 -12.229 1.00 42.43 ? 2005 HOH A O   1 
HETATM 970  O O   . HOH C 3 .   ? -2.180  -16.891 -15.086 1.00 62.25 ? 2006 HOH A O   1 
HETATM 971  O O   . HOH C 3 .   ? 7.673   -5.444  -6.729  1.00 16.88 ? 2007 HOH A O   1 
HETATM 972  O O   . HOH C 3 .   ? 0.935   1.553   -12.619 1.00 27.61 ? 2008 HOH A O   1 
HETATM 973  O O   . HOH C 3 .   ? -22.609 8.106   -13.410 1.00 68.13 ? 2009 HOH A O   1 
HETATM 974  O O   . HOH C 3 .   ? 10.486  -1.981  -10.436 1.00 31.29 ? 2010 HOH A O   1 
HETATM 975  O O   . HOH C 3 .   ? -17.466 7.751   -2.737  1.00 50.42 ? 2011 HOH A O   1 
HETATM 976  O O   . HOH C 3 .   ? 13.073  11.771  -4.664  1.00 46.40 ? 2012 HOH A O   1 
HETATM 977  O O   . HOH C 3 .   ? 16.793  3.667   -2.512  1.00 44.45 ? 2013 HOH A O   1 
HETATM 978  O O   . HOH C 3 .   ? 0.995   -14.529 -6.690  1.00 34.37 ? 2014 HOH A O   1 
HETATM 979  O O   . HOH C 3 .   ? 11.144  -19.781 3.669   1.00 35.06 ? 2015 HOH A O   1 
HETATM 980  O O   . HOH C 3 .   ? 3.489   -9.283  -13.121 1.00 32.92 ? 2016 HOH A O   1 
HETATM 981  O O   . HOH C 3 .   ? 7.206   -3.477  -8.282  1.00 15.34 ? 2017 HOH A O   1 
HETATM 982  O O   . HOH C 3 .   ? 7.980   -7.596  -7.918  1.00 21.72 ? 2018 HOH A O   1 
HETATM 983  O O   . HOH C 3 .   ? -17.566 7.431   -13.834 1.00 55.37 ? 2019 HOH A O   1 
HETATM 984  O O   . HOH C 3 .   ? -18.816 5.149   -14.400 1.00 71.23 ? 2020 HOH A O   1 
HETATM 985  O O   . HOH C 3 .   ? -15.755 4.027   -15.904 1.00 53.93 ? 2021 HOH A O   1 
HETATM 986  O O   . HOH C 3 .   ? -4.786  -4.912  -15.776 1.00 24.26 ? 2022 HOH A O   1 
HETATM 987  O O   . HOH C 3 .   ? -2.495  -0.525  -16.051 1.00 25.02 ? 2023 HOH A O   1 
HETATM 988  O O   . HOH C 3 .   ? -3.258  -0.086  -13.545 1.00 22.05 ? 2024 HOH A O   1 
HETATM 989  O O   . HOH C 3 .   ? 3.802   1.283   -11.538 1.00 13.94 ? 2025 HOH A O   1 
HETATM 990  O O   . HOH C 3 .   ? 9.077   3.038   -9.722  1.00 21.19 ? 2026 HOH A O   1 
HETATM 991  O O   . HOH C 3 .   ? 5.867   3.021   -11.377 1.00 21.22 ? 2027 HOH A O   1 
HETATM 992  O O   . HOH C 3 .   ? 8.664   7.832   -3.180  1.00 23.38 ? 2028 HOH A O   1 
HETATM 993  O O   . HOH C 3 .   ? -16.499 10.223  -4.492  1.00 54.89 ? 2029 HOH A O   1 
HETATM 994  O O   . HOH C 3 .   ? 9.136   -1.457  -7.574  1.00 20.56 ? 2030 HOH A O   1 
HETATM 995  O O   . HOH C 3 .   ? 12.048  7.276   -4.391  1.00 36.22 ? 2031 HOH A O   1 
HETATM 996  O O   . HOH C 3 .   ? 12.982  4.256   -4.786  1.00 32.91 ? 2032 HOH A O   1 
HETATM 997  O O   . HOH C 3 .   ? 13.148  6.495   -7.171  1.00 53.24 ? 2033 HOH A O   1 
HETATM 998  O O   . HOH C 3 .   ? 11.217  4.690   -8.975  1.00 20.49 ? 2034 HOH A O   1 
HETATM 999  O O   . HOH C 3 .   ? 5.051   5.507   -11.911 1.00 31.99 ? 2035 HOH A O   1 
HETATM 1000 O O   . HOH C 3 .   ? 4.351   20.252  7.405   1.00 36.82 ? 2036 HOH A O   1 
HETATM 1001 O O   . HOH C 3 .   ? -3.463  6.048   -14.015 1.00 31.82 ? 2037 HOH A O   1 
HETATM 1002 O O   . HOH C 3 .   ? 0.521   11.607  -10.227 1.00 34.10 ? 2038 HOH A O   1 
HETATM 1003 O O   . HOH C 3 .   ? -4.707  13.515  -11.400 1.00 34.21 ? 2039 HOH A O   1 
HETATM 1004 O O   . HOH C 3 .   ? -1.736  2.448   -12.073 1.00 18.51 ? 2040 HOH A O   1 
HETATM 1005 O O   . HOH C 3 .   ? 10.194  -16.513 1.170   1.00 33.30 ? 2041 HOH A O   1 
HETATM 1006 O O   . HOH C 3 .   ? 7.642   -12.508 -6.266  1.00 36.50 ? 2042 HOH A O   1 
HETATM 1007 O O   . HOH C 3 .   ? -9.430  5.534   -8.621  1.00 34.54 ? 2043 HOH A O   1 
HETATM 1008 O O   . HOH C 3 .   ? -17.465 7.701   -9.430  1.00 44.08 ? 2044 HOH A O   1 
HETATM 1009 O O   . HOH C 3 .   ? -15.626 3.555   -11.483 1.00 70.87 ? 2045 HOH A O   1 
HETATM 1010 O O   . HOH C 3 .   ? -18.526 -1.088  -3.497  1.00 38.05 ? 2046 HOH A O   1 
HETATM 1011 O O   . HOH C 3 .   ? -18.131 0.309   -0.546  1.00 62.00 ? 2047 HOH A O   1 
HETATM 1012 O O   . HOH C 3 .   ? 19.591  3.508   1.559   1.00 75.81 ? 2048 HOH A O   1 
HETATM 1013 O O   . HOH C 3 .   ? -9.898  -0.532  3.831   1.00 38.08 ? 2049 HOH A O   1 
HETATM 1014 O O   . HOH C 3 .   ? -1.151  5.420   13.555  1.00 47.63 ? 2050 HOH A O   1 
HETATM 1015 O O   . HOH C 3 .   ? -11.879 7.023   16.266  1.00 43.92 ? 2051 HOH A O   1 
HETATM 1016 O O   . HOH C 3 .   ? -6.821  5.494   8.590   1.00 41.94 ? 2052 HOH A O   1 
HETATM 1017 O O   . HOH C 3 .   ? -13.964 11.034  -3.993  1.00 40.41 ? 2053 HOH A O   1 
HETATM 1018 O O   . HOH C 3 .   ? -12.954 11.009  -1.085  1.00 45.28 ? 2054 HOH A O   1 
HETATM 1019 O O   . HOH C 3 .   ? -10.008 14.496  1.122   1.00 50.79 ? 2055 HOH A O   1 
HETATM 1020 O O   . HOH C 3 .   ? -3.361  16.403  -0.017  1.00 57.02 ? 2056 HOH A O   1 
HETATM 1021 O O   . HOH C 3 .   ? 2.521   13.629  -3.889  1.00 60.12 ? 2057 HOH A O   1 
HETATM 1022 O O   . HOH C 3 .   ? 3.255   20.195  4.579   1.00 39.51 ? 2058 HOH A O   1 
HETATM 1023 O O   . HOH C 3 .   ? 13.203  9.718   2.539   1.00 26.11 ? 2059 HOH A O   1 
HETATM 1024 O O   . HOH C 3 .   ? 12.328  -0.424  1.491   1.00 22.56 ? 2060 HOH A O   1 
HETATM 1025 O O   . HOH C 3 .   ? 10.879  -2.945  -5.704  1.00 23.16 ? 2061 HOH A O   1 
HETATM 1026 O O   . HOH C 3 .   ? 13.387  0.151   -3.499  1.00 34.77 ? 2062 HOH A O   1 
HETATM 1027 O O   . HOH C 3 .   ? 16.878  -7.511  0.721   1.00 52.19 ? 2063 HOH A O   1 
HETATM 1028 O O   . HOH C 3 .   ? 17.351  -3.030  -3.152  1.00 46.10 ? 2064 HOH A O   1 
HETATM 1029 O O   . HOH C 3 .   ? 9.639   -5.057  -5.032  1.00 10.03 ? 2065 HOH A O   1 
HETATM 1030 O O   . HOH C 3 .   ? 11.414  -7.026  -4.532  1.00 35.63 ? 2066 HOH A O   1 
HETATM 1031 O O   . HOH C 3 .   ? 8.927   -6.996  5.072   1.00 16.16 ? 2067 HOH A O   1 
HETATM 1032 O O   . HOH C 3 .   ? 10.608  -11.087 -3.171  1.00 37.19 ? 2068 HOH A O   1 
HETATM 1033 O O   . HOH C 3 .   ? 4.609   -10.639 -0.072  1.00 20.05 ? 2069 HOH A O   1 
HETATM 1034 O O   . HOH C 3 .   ? 8.769   -15.590 -1.146  1.00 29.00 ? 2070 HOH A O   1 
HETATM 1035 O O   . HOH C 3 .   ? 7.790   -20.088 0.023   1.00 29.73 ? 2071 HOH A O   1 
HETATM 1036 O O   . HOH C 3 .   ? 4.792   -12.559 -6.008  1.00 30.44 ? 2072 HOH A O   1 
HETATM 1037 O O   . HOH C 3 .   ? 15.723  -0.335  3.580   1.00 36.33 ? 2073 HOH A O   1 
HETATM 1038 O O   . HOH C 3 .   ? 18.120  8.354   1.793   1.00 57.21 ? 2074 HOH A O   1 
HETATM 1039 O O   . HOH C 3 .   ? 21.295  5.465   10.435  1.00 40.93 ? 2075 HOH A O   1 
HETATM 1040 O O   . HOH C 3 .   ? 20.275  1.782   3.765   1.00 52.26 ? 2076 HOH A O   1 
HETATM 1041 O O   . HOH C 3 .   ? 13.462  8.516   9.824   1.00 41.82 ? 2077 HOH A O   1 
HETATM 1042 O O   . HOH C 3 .   ? 11.032  6.612   12.584  1.00 49.80 ? 2078 HOH A O   1 
HETATM 1043 O O   . HOH C 3 .   ? -8.414  -5.208  2.623   1.00 22.28 ? 2079 HOH A O   1 
HETATM 1044 O O   . HOH C 3 .   ? -14.002 -4.491  2.713   1.00 44.01 ? 2080 HOH A O   1 
HETATM 1045 O O   . HOH C 3 .   ? -12.150 -6.138  3.709   1.00 35.64 ? 2081 HOH A O   1 
HETATM 1046 O O   . HOH C 3 .   ? -17.462 -3.152  -0.621  1.00 41.62 ? 2082 HOH A O   1 
HETATM 1047 O O   . HOH C 3 .   ? -14.282 0.393   -9.982  1.00 42.71 ? 2083 HOH A O   1 
HETATM 1048 O O   . HOH C 3 .   ? -16.610 -5.481  -10.028 1.00 50.20 ? 2084 HOH A O   1 
HETATM 1049 O O   . HOH C 3 .   ? -8.393  -3.801  -13.619 1.00 40.65 ? 2085 HOH A O   1 
HETATM 1050 O O   . HOH C 3 .   ? -6.141  -2.660  -9.800  1.00 24.49 ? 2086 HOH A O   1 
HETATM 1051 O O   . HOH C 3 .   ? -9.611  -0.391  -15.545 1.00 80.81 ? 2087 HOH A O   1 
HETATM 1052 O O   . HOH C 3 .   ? -12.045 2.628   -14.392 1.00 39.45 ? 2088 HOH A O   1 
HETATM 1053 O O   . HOH C 3 .   ? -15.267 -0.263  0.576   1.00 64.34 ? 2089 HOH A O   1 
HETATM 1054 O O   . HOH C 3 .   ? -0.925  -0.265  11.270  1.00 43.87 ? 2090 HOH A O   1 
HETATM 1055 O O   . HOH C 3 .   ? 5.279   4.420   21.991  1.00 59.50 ? 2091 HOH A O   1 
HETATM 1056 O O   . HOH C 3 .   ? 4.571   -5.967  15.872  1.00 42.43 ? 2092 HOH A O   1 
HETATM 1057 O O   . HOH C 3 .   ? 14.991  -1.452  15.692  1.00 34.23 ? 2093 HOH A O   1 
# 
